data_6LJQ
# 
_entry.id   6LJQ 
# 
_audit_conform.dict_name       mmcif_pdbx.dic 
_audit_conform.dict_version    5.380 
_audit_conform.dict_location   http://mmcif.pdb.org/dictionaries/ascii/mmcif_pdbx.dic 
# 
loop_
_database_2.database_id 
_database_2.database_code 
_database_2.pdbx_database_accession 
_database_2.pdbx_DOI 
PDB   6LJQ         pdb_00006ljq 10.2210/pdb6ljq/pdb 
WWPDB D_1300014918 ?            ?                   
# 
_pdbx_database_status.status_code                     REL 
_pdbx_database_status.status_code_sf                  REL 
_pdbx_database_status.status_code_mr                  ? 
_pdbx_database_status.entry_id                        6LJQ 
_pdbx_database_status.recvd_initial_deposition_date   2019-12-17 
_pdbx_database_status.SG_entry                        N 
_pdbx_database_status.deposit_site                    PDBJ 
_pdbx_database_status.process_site                    PDBJ 
_pdbx_database_status.status_code_cs                  ? 
_pdbx_database_status.status_code_nmr_data            ? 
_pdbx_database_status.methods_development_category    ? 
_pdbx_database_status.pdb_format_compatible           Y 
# 
_audit_author.name               'Su, J.' 
_audit_author.pdbx_ordinal       1 
_audit_author.identifier_ORCID   ? 
# 
_citation.abstract                  ? 
_citation.abstract_id_CAS           ? 
_citation.book_id_ISBN              ? 
_citation.book_publisher            ? 
_citation.book_publisher_city       ? 
_citation.book_title                ? 
_citation.coordinate_linkage        ? 
_citation.country                   ? 
_citation.database_id_Medline       ? 
_citation.details                   ? 
_citation.id                        primary 
_citation.journal_abbrev            'Biochim Biophys Acta Gen Subj' 
_citation.journal_id_ASTM           ? 
_citation.journal_id_CSD            ? 
_citation.journal_id_ISSN           1872-8006 
_citation.journal_full              ? 
_citation.journal_issue             ? 
_citation.journal_volume            1865 
_citation.language                  ? 
_citation.page_first                129755 
_citation.page_last                 129755 
_citation.title                     
'Human galectin-16 has a pseudo ligand binding site and plays a role in regulating c-Rel-mediated lymphocyte activity.' 
_citation.year                      2020 
_citation.database_id_CSD           ? 
_citation.pdbx_database_id_DOI      10.1016/j.bbagen.2020.129755 
_citation.pdbx_database_id_PubMed   33011338 
_citation.unpublished_flag          ? 
# 
loop_
_citation_author.citation_id 
_citation_author.name 
_citation_author.ordinal 
_citation_author.identifier_ORCID 
primary 'Si, Y.'              1  ? 
primary 'Yao, Y.'             2  ? 
primary 'Jaramillo Ayala, G.' 3  ? 
primary 'Li, X.'              4  ? 
primary 'Han, Q.'             5  ? 
primary 'Zhang, W.'           6  ? 
primary 'Xu, X.'              7  ? 
primary 'Tai, G.'             8  ? 
primary 'Mayo, K.H.'          9  ? 
primary 'Zhou, Y.'            10 ? 
primary 'Su, J.'              11 ? 
# 
_cell.angle_alpha                  90.000 
_cell.angle_alpha_esd              ? 
_cell.angle_beta                   102.060 
_cell.angle_beta_esd               ? 
_cell.angle_gamma                  90.000 
_cell.angle_gamma_esd              ? 
_cell.entry_id                     6LJQ 
_cell.details                      ? 
_cell.formula_units_Z              ? 
_cell.length_a                     55.817 
_cell.length_a_esd                 ? 
_cell.length_b                     34.333 
_cell.length_b_esd                 ? 
_cell.length_c                     67.892 
_cell.length_c_esd                 ? 
_cell.volume                       ? 
_cell.volume_esd                   ? 
_cell.Z_PDB                        4 
_cell.reciprocal_angle_alpha       ? 
_cell.reciprocal_angle_beta        ? 
_cell.reciprocal_angle_gamma       ? 
_cell.reciprocal_angle_alpha_esd   ? 
_cell.reciprocal_angle_beta_esd    ? 
_cell.reciprocal_angle_gamma_esd   ? 
_cell.reciprocal_length_a          ? 
_cell.reciprocal_length_b          ? 
_cell.reciprocal_length_c          ? 
_cell.reciprocal_length_a_esd      ? 
_cell.reciprocal_length_b_esd      ? 
_cell.reciprocal_length_c_esd      ? 
_cell.pdbx_unique_axis             ? 
# 
_symmetry.entry_id                         6LJQ 
_symmetry.cell_setting                     ? 
_symmetry.Int_Tables_number                5 
_symmetry.space_group_name_Hall            ? 
_symmetry.space_group_name_H-M             'C 1 2 1' 
_symmetry.pdbx_full_space_group_name_H-M   ? 
# 
loop_
_entity.id 
_entity.type 
_entity.src_method 
_entity.pdbx_description 
_entity.formula_weight 
_entity.pdbx_number_of_molecules 
_entity.pdbx_ec 
_entity.pdbx_mutation 
_entity.pdbx_fragment 
_entity.details 
1 polymer  man Galectin-16                                         16833.281 1   ? ? ? ? 
2 branched man 'beta-D-galactopyranose-(1-4)-beta-D-glucopyranose' 342.297   1   ? ? ? ? 
3 water    nat water                                               18.015    133 ? ? ? ? 
# 
_entity_name_com.entity_id   2 
_entity_name_com.name        beta-lactose 
# 
_entity_poly.entity_id                      1 
_entity_poly.type                           'polypeptide(L)' 
_entity_poly.nstd_linkage                   no 
_entity_poly.nstd_monomer                   no 
_entity_poly.pdbx_seq_one_letter_code       
;GSHMSFLTVPYKLPVSLSVGSCVIIKGTLIDSSINEPQLQVDFYTEMNEDSEIAFHLNVHLGRRVVMNSREFGIWMLEEN
LHYVPFEDGKPFDLRIYVCLNEYEVKVNGEYIYAFVHRIPPSYVKMIQVWRDVSLDSVLVNNGRR
;
_entity_poly.pdbx_seq_one_letter_code_can   
;GSHMSFLTVPYKLPVSLSVGSCVIIKGTLIDSSINEPQLQVDFYTEMNEDSEIAFHLNVHLGRRVVMNSREFGIWMLEEN
LHYVPFEDGKPFDLRIYVCLNEYEVKVNGEYIYAFVHRIPPSYVKMIQVWRDVSLDSVLVNNGRR
;
_entity_poly.pdbx_strand_id                 A 
_entity_poly.pdbx_target_identifier         ? 
# 
loop_
_entity_poly_seq.entity_id 
_entity_poly_seq.num 
_entity_poly_seq.mon_id 
_entity_poly_seq.hetero 
1 1   GLY n 
1 2   SER n 
1 3   HIS n 
1 4   MET n 
1 5   SER n 
1 6   PHE n 
1 7   LEU n 
1 8   THR n 
1 9   VAL n 
1 10  PRO n 
1 11  TYR n 
1 12  LYS n 
1 13  LEU n 
1 14  PRO n 
1 15  VAL n 
1 16  SER n 
1 17  LEU n 
1 18  SER n 
1 19  VAL n 
1 20  GLY n 
1 21  SER n 
1 22  CYS n 
1 23  VAL n 
1 24  ILE n 
1 25  ILE n 
1 26  LYS n 
1 27  GLY n 
1 28  THR n 
1 29  LEU n 
1 30  ILE n 
1 31  ASP n 
1 32  SER n 
1 33  SER n 
1 34  ILE n 
1 35  ASN n 
1 36  GLU n 
1 37  PRO n 
1 38  GLN n 
1 39  LEU n 
1 40  GLN n 
1 41  VAL n 
1 42  ASP n 
1 43  PHE n 
1 44  TYR n 
1 45  THR n 
1 46  GLU n 
1 47  MET n 
1 48  ASN n 
1 49  GLU n 
1 50  ASP n 
1 51  SER n 
1 52  GLU n 
1 53  ILE n 
1 54  ALA n 
1 55  PHE n 
1 56  HIS n 
1 57  LEU n 
1 58  ASN n 
1 59  VAL n 
1 60  HIS n 
1 61  LEU n 
1 62  GLY n 
1 63  ARG n 
1 64  ARG n 
1 65  VAL n 
1 66  VAL n 
1 67  MET n 
1 68  ASN n 
1 69  SER n 
1 70  ARG n 
1 71  GLU n 
1 72  PHE n 
1 73  GLY n 
1 74  ILE n 
1 75  TRP n 
1 76  MET n 
1 77  LEU n 
1 78  GLU n 
1 79  GLU n 
1 80  ASN n 
1 81  LEU n 
1 82  HIS n 
1 83  TYR n 
1 84  VAL n 
1 85  PRO n 
1 86  PHE n 
1 87  GLU n 
1 88  ASP n 
1 89  GLY n 
1 90  LYS n 
1 91  PRO n 
1 92  PHE n 
1 93  ASP n 
1 94  LEU n 
1 95  ARG n 
1 96  ILE n 
1 97  TYR n 
1 98  VAL n 
1 99  CYS n 
1 100 LEU n 
1 101 ASN n 
1 102 GLU n 
1 103 TYR n 
1 104 GLU n 
1 105 VAL n 
1 106 LYS n 
1 107 VAL n 
1 108 ASN n 
1 109 GLY n 
1 110 GLU n 
1 111 TYR n 
1 112 ILE n 
1 113 TYR n 
1 114 ALA n 
1 115 PHE n 
1 116 VAL n 
1 117 HIS n 
1 118 ARG n 
1 119 ILE n 
1 120 PRO n 
1 121 PRO n 
1 122 SER n 
1 123 TYR n 
1 124 VAL n 
1 125 LYS n 
1 126 MET n 
1 127 ILE n 
1 128 GLN n 
1 129 VAL n 
1 130 TRP n 
1 131 ARG n 
1 132 ASP n 
1 133 VAL n 
1 134 SER n 
1 135 LEU n 
1 136 ASP n 
1 137 SER n 
1 138 VAL n 
1 139 LEU n 
1 140 VAL n 
1 141 ASN n 
1 142 ASN n 
1 143 GLY n 
1 144 ARG n 
1 145 ARG n 
# 
_entity_src_gen.entity_id                          1 
_entity_src_gen.pdbx_src_id                        1 
_entity_src_gen.pdbx_alt_source_flag               sample 
_entity_src_gen.pdbx_seq_type                      'Biological sequence' 
_entity_src_gen.pdbx_beg_seq_num                   1 
_entity_src_gen.pdbx_end_seq_num                   145 
_entity_src_gen.gene_src_common_name               Human 
_entity_src_gen.gene_src_genus                     ? 
_entity_src_gen.pdbx_gene_src_gene                 LGALS16 
_entity_src_gen.gene_src_species                   ? 
_entity_src_gen.gene_src_strain                    ? 
_entity_src_gen.gene_src_tissue                    ? 
_entity_src_gen.gene_src_tissue_fraction           ? 
_entity_src_gen.gene_src_details                   ? 
_entity_src_gen.pdbx_gene_src_fragment             ? 
_entity_src_gen.pdbx_gene_src_scientific_name      'Homo sapiens' 
_entity_src_gen.pdbx_gene_src_ncbi_taxonomy_id     9606 
_entity_src_gen.pdbx_gene_src_variant              ? 
_entity_src_gen.pdbx_gene_src_cell_line            ? 
_entity_src_gen.pdbx_gene_src_atcc                 ? 
_entity_src_gen.pdbx_gene_src_organ                ? 
_entity_src_gen.pdbx_gene_src_organelle            ? 
_entity_src_gen.pdbx_gene_src_cell                 ? 
_entity_src_gen.pdbx_gene_src_cellular_location    ? 
_entity_src_gen.host_org_common_name               ? 
_entity_src_gen.pdbx_host_org_scientific_name      'Escherichia coli' 
_entity_src_gen.pdbx_host_org_ncbi_taxonomy_id     562 
_entity_src_gen.host_org_genus                     ? 
_entity_src_gen.pdbx_host_org_gene                 ? 
_entity_src_gen.pdbx_host_org_organ                ? 
_entity_src_gen.host_org_species                   ? 
_entity_src_gen.pdbx_host_org_tissue               ? 
_entity_src_gen.pdbx_host_org_tissue_fraction      ? 
_entity_src_gen.pdbx_host_org_strain               ? 
_entity_src_gen.pdbx_host_org_variant              ? 
_entity_src_gen.pdbx_host_org_cell_line            ? 
_entity_src_gen.pdbx_host_org_atcc                 ? 
_entity_src_gen.pdbx_host_org_culture_collection   ? 
_entity_src_gen.pdbx_host_org_cell                 ? 
_entity_src_gen.pdbx_host_org_organelle            ? 
_entity_src_gen.pdbx_host_org_cellular_location    ? 
_entity_src_gen.pdbx_host_org_vector_type          ? 
_entity_src_gen.pdbx_host_org_vector               ? 
_entity_src_gen.host_org_details                   ? 
_entity_src_gen.expression_system_id               ? 
_entity_src_gen.plasmid_name                       ? 
_entity_src_gen.plasmid_details                    ? 
_entity_src_gen.pdbx_description                   ? 
# 
_struct_ref.id                         1 
_struct_ref.db_name                    UNP 
_struct_ref.db_code                    LEG16_HUMAN 
_struct_ref.pdbx_db_accession          A8MUM7 
_struct_ref.pdbx_db_isoform            ? 
_struct_ref.entity_id                  1 
_struct_ref.pdbx_seq_one_letter_code   
;MSFLTVPYKLPVSLSVGSCVIIKGTLIDSSINEPQLQVDFYTEMNEDSEIAFHLRVHLGRRVVMNSREFGIWMLEENLHY
VPFEDGKPFDLRIYVCLNEYEVKVNGEYIYAFVHRIPPSYVKMIQVWRDVSLDSVLVNNGRR
;
_struct_ref.pdbx_align_begin           1 
# 
_struct_ref_seq.align_id                      1 
_struct_ref_seq.ref_id                        1 
_struct_ref_seq.pdbx_PDB_id_code              6LJQ 
_struct_ref_seq.pdbx_strand_id                A 
_struct_ref_seq.seq_align_beg                 4 
_struct_ref_seq.pdbx_seq_align_beg_ins_code   ? 
_struct_ref_seq.seq_align_end                 145 
_struct_ref_seq.pdbx_seq_align_end_ins_code   ? 
_struct_ref_seq.pdbx_db_accession             A8MUM7 
_struct_ref_seq.db_align_beg                  1 
_struct_ref_seq.pdbx_db_align_beg_ins_code    ? 
_struct_ref_seq.db_align_end                  142 
_struct_ref_seq.pdbx_db_align_end_ins_code    ? 
_struct_ref_seq.pdbx_auth_seq_align_beg       4 
_struct_ref_seq.pdbx_auth_seq_align_end       145 
# 
loop_
_struct_ref_seq_dif.align_id 
_struct_ref_seq_dif.pdbx_pdb_id_code 
_struct_ref_seq_dif.mon_id 
_struct_ref_seq_dif.pdbx_pdb_strand_id 
_struct_ref_seq_dif.seq_num 
_struct_ref_seq_dif.pdbx_pdb_ins_code 
_struct_ref_seq_dif.pdbx_seq_db_name 
_struct_ref_seq_dif.pdbx_seq_db_accession_code 
_struct_ref_seq_dif.db_mon_id 
_struct_ref_seq_dif.pdbx_seq_db_seq_num 
_struct_ref_seq_dif.details 
_struct_ref_seq_dif.pdbx_auth_seq_num 
_struct_ref_seq_dif.pdbx_ordinal 
1 6LJQ GLY A 1  ? UNP A8MUM7 ?   ?  'expression tag'      1  1 
1 6LJQ SER A 2  ? UNP A8MUM7 ?   ?  'expression tag'      2  2 
1 6LJQ HIS A 3  ? UNP A8MUM7 ?   ?  'expression tag'      3  3 
1 6LJQ ASN A 58 ? UNP A8MUM7 ARG 55 'engineered mutation' 58 4 
# 
loop_
_chem_comp.id 
_chem_comp.type 
_chem_comp.mon_nstd_flag 
_chem_comp.name 
_chem_comp.pdbx_synonyms 
_chem_comp.formula 
_chem_comp.formula_weight 
ALA 'L-peptide linking'          y ALANINE                ?                                          'C3 H7 N O2'     89.093  
ARG 'L-peptide linking'          y ARGININE               ?                                          'C6 H15 N4 O2 1' 175.209 
ASN 'L-peptide linking'          y ASPARAGINE             ?                                          'C4 H8 N2 O3'    132.118 
ASP 'L-peptide linking'          y 'ASPARTIC ACID'        ?                                          'C4 H7 N O4'     133.103 
BGC 'D-saccharide, beta linking' . beta-D-glucopyranose   'beta-D-glucose; D-glucose; glucose'       'C6 H12 O6'      180.156 
CYS 'L-peptide linking'          y CYSTEINE               ?                                          'C3 H7 N O2 S'   121.158 
GAL 'D-saccharide, beta linking' . beta-D-galactopyranose 'beta-D-galactose; D-galactose; galactose' 'C6 H12 O6'      180.156 
GLN 'L-peptide linking'          y GLUTAMINE              ?                                          'C5 H10 N2 O3'   146.144 
GLU 'L-peptide linking'          y 'GLUTAMIC ACID'        ?                                          'C5 H9 N O4'     147.129 
GLY 'peptide linking'            y GLYCINE                ?                                          'C2 H5 N O2'     75.067  
HIS 'L-peptide linking'          y HISTIDINE              ?                                          'C6 H10 N3 O2 1' 156.162 
HOH non-polymer                  . WATER                  ?                                          'H2 O'           18.015  
ILE 'L-peptide linking'          y ISOLEUCINE             ?                                          'C6 H13 N O2'    131.173 
LEU 'L-peptide linking'          y LEUCINE                ?                                          'C6 H13 N O2'    131.173 
LYS 'L-peptide linking'          y LYSINE                 ?                                          'C6 H15 N2 O2 1' 147.195 
MET 'L-peptide linking'          y METHIONINE             ?                                          'C5 H11 N O2 S'  149.211 
PHE 'L-peptide linking'          y PHENYLALANINE          ?                                          'C9 H11 N O2'    165.189 
PRO 'L-peptide linking'          y PROLINE                ?                                          'C5 H9 N O2'     115.130 
SER 'L-peptide linking'          y SERINE                 ?                                          'C3 H7 N O3'     105.093 
THR 'L-peptide linking'          y THREONINE              ?                                          'C4 H9 N O3'     119.119 
TRP 'L-peptide linking'          y TRYPTOPHAN             ?                                          'C11 H12 N2 O2'  204.225 
TYR 'L-peptide linking'          y TYROSINE               ?                                          'C9 H11 N O3'    181.189 
VAL 'L-peptide linking'          y VALINE                 ?                                          'C5 H11 N O2'    117.146 
# 
_exptl.absorpt_coefficient_mu     ? 
_exptl.absorpt_correction_T_max   ? 
_exptl.absorpt_correction_T_min   ? 
_exptl.absorpt_correction_type    ? 
_exptl.absorpt_process_details    ? 
_exptl.entry_id                   6LJQ 
_exptl.crystals_number            1 
_exptl.details                    ? 
_exptl.method                     'X-RAY DIFFRACTION' 
_exptl.method_details             ? 
# 
_exptl_crystal.colour                      ? 
_exptl_crystal.density_diffrn              ? 
_exptl_crystal.density_Matthews            1.89 
_exptl_crystal.density_method              ? 
_exptl_crystal.density_percent_sol         34.91 
_exptl_crystal.description                 ? 
_exptl_crystal.F_000                       ? 
_exptl_crystal.id                          1 
_exptl_crystal.preparation                 ? 
_exptl_crystal.size_max                    ? 
_exptl_crystal.size_mid                    ? 
_exptl_crystal.size_min                    ? 
_exptl_crystal.size_rad                    ? 
_exptl_crystal.colour_lustre               ? 
_exptl_crystal.colour_modifier             ? 
_exptl_crystal.colour_primary              ? 
_exptl_crystal.density_meas                ? 
_exptl_crystal.density_meas_esd            ? 
_exptl_crystal.density_meas_gt             ? 
_exptl_crystal.density_meas_lt             ? 
_exptl_crystal.density_meas_temp           ? 
_exptl_crystal.density_meas_temp_esd       ? 
_exptl_crystal.density_meas_temp_gt        ? 
_exptl_crystal.density_meas_temp_lt        ? 
_exptl_crystal.pdbx_crystal_image_url      ? 
_exptl_crystal.pdbx_crystal_image_format   ? 
_exptl_crystal.pdbx_mosaicity              ? 
_exptl_crystal.pdbx_mosaicity_esd          ? 
# 
_exptl_crystal_grow.apparatus       ? 
_exptl_crystal_grow.atmosphere      ? 
_exptl_crystal_grow.crystal_id      1 
_exptl_crystal_grow.details         ? 
_exptl_crystal_grow.method          'VAPOR DIFFUSION, HANGING DROP' 
_exptl_crystal_grow.method_ref      ? 
_exptl_crystal_grow.pH              ? 
_exptl_crystal_grow.pressure        ? 
_exptl_crystal_grow.pressure_esd    ? 
_exptl_crystal_grow.seeding         ? 
_exptl_crystal_grow.seeding_ref     ? 
_exptl_crystal_grow.temp            298 
_exptl_crystal_grow.temp_details    ? 
_exptl_crystal_grow.temp_esd        ? 
_exptl_crystal_grow.time            ? 
_exptl_crystal_grow.pdbx_details    PEG 
_exptl_crystal_grow.pdbx_pH_range   ? 
# 
_diffrn.ambient_environment              ? 
_diffrn.ambient_temp                     100 
_diffrn.ambient_temp_details             ? 
_diffrn.ambient_temp_esd                 ? 
_diffrn.crystal_id                       1 
_diffrn.crystal_support                  ? 
_diffrn.crystal_treatment                ? 
_diffrn.details                          ? 
_diffrn.id                               1 
_diffrn.ambient_pressure                 ? 
_diffrn.ambient_pressure_esd             ? 
_diffrn.ambient_pressure_gt              ? 
_diffrn.ambient_pressure_lt              ? 
_diffrn.ambient_temp_gt                  ? 
_diffrn.ambient_temp_lt                  ? 
_diffrn.pdbx_serial_crystal_experiment   N 
# 
_diffrn_detector.details                      ? 
_diffrn_detector.detector                     PIXEL 
_diffrn_detector.diffrn_id                    1 
_diffrn_detector.type                         'DECTRIS PILATUS3 6M' 
_diffrn_detector.area_resol_mean              ? 
_diffrn_detector.dtime                        ? 
_diffrn_detector.pdbx_frames_total            ? 
_diffrn_detector.pdbx_collection_time_total   ? 
_diffrn_detector.pdbx_collection_date         2019-10-31 
_diffrn_detector.pdbx_frequency               ? 
# 
_diffrn_radiation.collimation                      ? 
_diffrn_radiation.diffrn_id                        1 
_diffrn_radiation.filter_edge                      ? 
_diffrn_radiation.inhomogeneity                    ? 
_diffrn_radiation.monochromator                    ? 
_diffrn_radiation.polarisn_norm                    ? 
_diffrn_radiation.polarisn_ratio                   ? 
_diffrn_radiation.probe                            ? 
_diffrn_radiation.type                             ? 
_diffrn_radiation.xray_symbol                      ? 
_diffrn_radiation.wavelength_id                    1 
_diffrn_radiation.pdbx_monochromatic_or_laue_m_l   M 
_diffrn_radiation.pdbx_wavelength_list             ? 
_diffrn_radiation.pdbx_wavelength                  ? 
_diffrn_radiation.pdbx_diffrn_protocol             'SINGLE WAVELENGTH' 
_diffrn_radiation.pdbx_analyzer                    ? 
_diffrn_radiation.pdbx_scattering_type             x-ray 
# 
_diffrn_radiation_wavelength.id           1 
_diffrn_radiation_wavelength.wavelength   0.98 
_diffrn_radiation_wavelength.wt           1.0 
# 
_diffrn_source.current                     ? 
_diffrn_source.details                     ? 
_diffrn_source.diffrn_id                   1 
_diffrn_source.power                       ? 
_diffrn_source.size                        ? 
_diffrn_source.source                      SYNCHROTRON 
_diffrn_source.target                      ? 
_diffrn_source.type                        'SSRF BEAMLINE BL18U1' 
_diffrn_source.voltage                     ? 
_diffrn_source.take-off_angle              ? 
_diffrn_source.pdbx_wavelength_list        0.98 
_diffrn_source.pdbx_wavelength             ? 
_diffrn_source.pdbx_synchrotron_beamline   BL18U1 
_diffrn_source.pdbx_synchrotron_site       SSRF 
# 
_reflns.B_iso_Wilson_estimate            ? 
_reflns.entry_id                         6LJQ 
_reflns.data_reduction_details           ? 
_reflns.data_reduction_method            ? 
_reflns.d_resolution_high                1.49 
_reflns.d_resolution_low                 19.27 
_reflns.details                          ? 
_reflns.limit_h_max                      ? 
_reflns.limit_h_min                      ? 
_reflns.limit_k_max                      ? 
_reflns.limit_k_min                      ? 
_reflns.limit_l_max                      ? 
_reflns.limit_l_min                      ? 
_reflns.number_all                       ? 
_reflns.number_obs                       20576 
_reflns.observed_criterion               ? 
_reflns.observed_criterion_F_max         ? 
_reflns.observed_criterion_F_min         ? 
_reflns.observed_criterion_I_max         ? 
_reflns.observed_criterion_I_min         ? 
_reflns.observed_criterion_sigma_F       ? 
_reflns.observed_criterion_sigma_I       ? 
_reflns.percent_possible_obs             99.3 
_reflns.R_free_details                   ? 
_reflns.Rmerge_F_all                     ? 
_reflns.Rmerge_F_obs                     ? 
_reflns.Friedel_coverage                 ? 
_reflns.number_gt                        ? 
_reflns.threshold_expression             ? 
_reflns.pdbx_redundancy                  3.2 
_reflns.pdbx_Rmerge_I_obs                0.076 
_reflns.pdbx_Rmerge_I_all                ? 
_reflns.pdbx_Rsym_value                  ? 
_reflns.pdbx_netI_over_av_sigmaI         ? 
_reflns.pdbx_netI_over_sigmaI            8.4 
_reflns.pdbx_res_netI_over_av_sigmaI_2   ? 
_reflns.pdbx_res_netI_over_sigmaI_2      ? 
_reflns.pdbx_chi_squared                 ? 
_reflns.pdbx_scaling_rejects             ? 
_reflns.pdbx_d_res_high_opt              ? 
_reflns.pdbx_d_res_low_opt               ? 
_reflns.pdbx_d_res_opt_method            ? 
_reflns.phase_calculation_details        ? 
_reflns.pdbx_Rrim_I_all                  ? 
_reflns.pdbx_Rpim_I_all                  ? 
_reflns.pdbx_d_opt                       ? 
_reflns.pdbx_number_measured_all         ? 
_reflns.pdbx_diffrn_id                   1 
_reflns.pdbx_ordinal                     1 
_reflns.pdbx_CC_half                     ? 
_reflns.pdbx_CC_star                     ? 
_reflns.pdbx_R_split                     ? 
# 
_reflns_shell.d_res_high                  1.49 
_reflns_shell.d_res_low                   1.52 
_reflns_shell.meanI_over_sigI_all         ? 
_reflns_shell.meanI_over_sigI_obs         ? 
_reflns_shell.number_measured_all         ? 
_reflns_shell.number_measured_obs         ? 
_reflns_shell.number_possible             ? 
_reflns_shell.number_unique_all           ? 
_reflns_shell.number_unique_obs           978 
_reflns_shell.percent_possible_all        ? 
_reflns_shell.percent_possible_obs        ? 
_reflns_shell.Rmerge_F_all                ? 
_reflns_shell.Rmerge_F_obs                ? 
_reflns_shell.Rmerge_I_all                ? 
_reflns_shell.Rmerge_I_obs                0.461 
_reflns_shell.meanI_over_sigI_gt          ? 
_reflns_shell.meanI_over_uI_all           ? 
_reflns_shell.meanI_over_uI_gt            ? 
_reflns_shell.number_measured_gt          ? 
_reflns_shell.number_unique_gt            ? 
_reflns_shell.percent_possible_gt         ? 
_reflns_shell.Rmerge_F_gt                 ? 
_reflns_shell.Rmerge_I_gt                 ? 
_reflns_shell.pdbx_redundancy             ? 
_reflns_shell.pdbx_Rsym_value             ? 
_reflns_shell.pdbx_chi_squared            ? 
_reflns_shell.pdbx_netI_over_sigmaI_all   ? 
_reflns_shell.pdbx_netI_over_sigmaI_obs   ? 
_reflns_shell.pdbx_Rrim_I_all             ? 
_reflns_shell.pdbx_Rpim_I_all             ? 
_reflns_shell.pdbx_rejects                ? 
_reflns_shell.pdbx_ordinal                1 
_reflns_shell.pdbx_diffrn_id              1 
_reflns_shell.pdbx_CC_half                ? 
_reflns_shell.pdbx_CC_star                ? 
_reflns_shell.pdbx_R_split                ? 
# 
_refine.aniso_B[1][1]                            ? 
_refine.aniso_B[1][2]                            ? 
_refine.aniso_B[1][3]                            ? 
_refine.aniso_B[2][2]                            ? 
_refine.aniso_B[2][3]                            ? 
_refine.aniso_B[3][3]                            ? 
_refine.B_iso_max                                63.150 
_refine.B_iso_mean                               23.5566 
_refine.B_iso_min                                12.810 
_refine.correlation_coeff_Fo_to_Fc               ? 
_refine.correlation_coeff_Fo_to_Fc_free          ? 
_refine.details                                  ? 
_refine.diff_density_max                         ? 
_refine.diff_density_max_esd                     ? 
_refine.diff_density_min                         ? 
_refine.diff_density_min_esd                     ? 
_refine.diff_density_rms                         ? 
_refine.diff_density_rms_esd                     ? 
_refine.entry_id                                 6LJQ 
_refine.pdbx_refine_id                           'X-RAY DIFFRACTION' 
_refine.ls_abs_structure_details                 ? 
_refine.ls_abs_structure_Flack                   ? 
_refine.ls_abs_structure_Flack_esd               ? 
_refine.ls_abs_structure_Rogers                  ? 
_refine.ls_abs_structure_Rogers_esd              ? 
_refine.ls_d_res_high                            1.4900 
_refine.ls_d_res_low                             19.2700 
_refine.ls_extinction_coef                       ? 
_refine.ls_extinction_coef_esd                   ? 
_refine.ls_extinction_expression                 ? 
_refine.ls_extinction_method                     ? 
_refine.ls_goodness_of_fit_all                   ? 
_refine.ls_goodness_of_fit_all_esd               ? 
_refine.ls_goodness_of_fit_obs                   ? 
_refine.ls_goodness_of_fit_obs_esd               ? 
_refine.ls_hydrogen_treatment                    ? 
_refine.ls_matrix_type                           ? 
_refine.ls_number_constraints                    ? 
_refine.ls_number_parameters                     ? 
_refine.ls_number_reflns_all                     ? 
_refine.ls_number_reflns_obs                     20568 
_refine.ls_number_reflns_R_free                  1991 
_refine.ls_number_reflns_R_work                  ? 
_refine.ls_number_restraints                     ? 
_refine.ls_percent_reflns_obs                    99.0100 
_refine.ls_percent_reflns_R_free                 9.6800 
_refine.ls_R_factor_all                          ? 
_refine.ls_R_factor_obs                          0.1787 
_refine.ls_R_factor_R_free                       0.2083 
_refine.ls_R_factor_R_free_error                 ? 
_refine.ls_R_factor_R_free_error_details         ? 
_refine.ls_R_factor_R_work                       0.1756 
_refine.ls_R_Fsqd_factor_obs                     ? 
_refine.ls_R_I_factor_obs                        ? 
_refine.ls_redundancy_reflns_all                 ? 
_refine.ls_redundancy_reflns_obs                 ? 
_refine.ls_restrained_S_all                      ? 
_refine.ls_restrained_S_obs                      ? 
_refine.ls_shift_over_esd_max                    ? 
_refine.ls_shift_over_esd_mean                   ? 
_refine.ls_structure_factor_coef                 ? 
_refine.ls_weighting_details                     ? 
_refine.ls_weighting_scheme                      ? 
_refine.ls_wR_factor_all                         ? 
_refine.ls_wR_factor_obs                         ? 
_refine.ls_wR_factor_R_free                      ? 
_refine.ls_wR_factor_R_work                      ? 
_refine.occupancy_max                            ? 
_refine.occupancy_min                            ? 
_refine.solvent_model_details                    ? 
_refine.solvent_model_param_bsol                 ? 
_refine.solvent_model_param_ksol                 ? 
_refine.pdbx_R_complete                          ? 
_refine.ls_R_factor_gt                           ? 
_refine.ls_goodness_of_fit_gt                    ? 
_refine.ls_goodness_of_fit_ref                   ? 
_refine.ls_shift_over_su_max                     ? 
_refine.ls_shift_over_su_max_lt                  ? 
_refine.ls_shift_over_su_mean                    ? 
_refine.ls_shift_over_su_mean_lt                 ? 
_refine.pdbx_ls_sigma_I                          ? 
_refine.pdbx_ls_sigma_F                          1.400 
_refine.pdbx_ls_sigma_Fsqd                       ? 
_refine.pdbx_data_cutoff_high_absF               ? 
_refine.pdbx_data_cutoff_high_rms_absF           ? 
_refine.pdbx_data_cutoff_low_absF                ? 
_refine.pdbx_isotropic_thermal_model             ? 
_refine.pdbx_ls_cross_valid_method               THROUGHOUT 
_refine.pdbx_method_to_determine_struct          'MOLECULAR REPLACEMENT' 
_refine.pdbx_starting_model                      6LJP 
_refine.pdbx_stereochemistry_target_values       ? 
_refine.pdbx_R_Free_selection_details            ? 
_refine.pdbx_stereochem_target_val_spec_case     ? 
_refine.pdbx_overall_ESU_R                       ? 
_refine.pdbx_overall_ESU_R_Free                  ? 
_refine.pdbx_solvent_vdw_probe_radii             1.1100 
_refine.pdbx_solvent_ion_probe_radii             ? 
_refine.pdbx_solvent_shrinkage_radii             0.9000 
_refine.pdbx_real_space_R                        ? 
_refine.pdbx_density_correlation                 ? 
_refine.pdbx_pd_number_of_powder_patterns        ? 
_refine.pdbx_pd_number_of_points                 ? 
_refine.pdbx_pd_meas_number_of_points            ? 
_refine.pdbx_pd_proc_ls_prof_R_factor            ? 
_refine.pdbx_pd_proc_ls_prof_wR_factor           ? 
_refine.pdbx_pd_Marquardt_correlation_coeff      ? 
_refine.pdbx_pd_Fsqrd_R_factor                   ? 
_refine.pdbx_pd_ls_matrix_band_width             ? 
_refine.pdbx_overall_phase_error                 22.2100 
_refine.pdbx_overall_SU_R_free_Cruickshank_DPI   ? 
_refine.pdbx_overall_SU_R_free_Blow_DPI          ? 
_refine.pdbx_overall_SU_R_Blow_DPI               ? 
_refine.pdbx_TLS_residual_ADP_flag               ? 
_refine.pdbx_diffrn_id                           1 
_refine.overall_SU_B                             ? 
_refine.overall_SU_ML                            0.1700 
_refine.overall_SU_R_Cruickshank_DPI             ? 
_refine.overall_SU_R_free                        ? 
_refine.overall_FOM_free_R_set                   ? 
_refine.overall_FOM_work_R_set                   ? 
_refine.pdbx_average_fsc_overall                 ? 
_refine.pdbx_average_fsc_work                    ? 
_refine.pdbx_average_fsc_free                    ? 
# 
_refine_hist.pdbx_refine_id                   'X-RAY DIFFRACTION' 
_refine_hist.cycle_id                         final 
_refine_hist.details                          ? 
_refine_hist.d_res_high                       1.4900 
_refine_hist.d_res_low                        19.2700 
_refine_hist.number_atoms_solvent             133 
_refine_hist.number_atoms_total               1298 
_refine_hist.number_reflns_all                ? 
_refine_hist.number_reflns_obs                ? 
_refine_hist.number_reflns_R_free             ? 
_refine_hist.number_reflns_R_work             ? 
_refine_hist.R_factor_all                     ? 
_refine_hist.R_factor_obs                     ? 
_refine_hist.R_factor_R_free                  ? 
_refine_hist.R_factor_R_work                  ? 
_refine_hist.pdbx_number_residues_total       140 
_refine_hist.pdbx_B_iso_mean_ligand           31.56 
_refine_hist.pdbx_B_iso_mean_solvent          32.94 
_refine_hist.pdbx_number_atoms_protein        1142 
_refine_hist.pdbx_number_atoms_nucleic_acid   0 
_refine_hist.pdbx_number_atoms_ligand         23 
_refine_hist.pdbx_number_atoms_lipid          ? 
_refine_hist.pdbx_number_atoms_carb           ? 
_refine_hist.pdbx_pseudo_atom_details         ? 
# 
loop_
_refine_ls_shell.pdbx_refine_id 
_refine_ls_shell.d_res_high 
_refine_ls_shell.d_res_low 
_refine_ls_shell.number_reflns_all 
_refine_ls_shell.number_reflns_obs 
_refine_ls_shell.number_reflns_R_free 
_refine_ls_shell.number_reflns_R_work 
_refine_ls_shell.percent_reflns_obs 
_refine_ls_shell.percent_reflns_R_free 
_refine_ls_shell.R_factor_all 
_refine_ls_shell.R_factor_obs 
_refine_ls_shell.R_factor_R_free 
_refine_ls_shell.R_factor_R_free_error 
_refine_ls_shell.R_factor_R_work 
_refine_ls_shell.redundancy_reflns_all 
_refine_ls_shell.redundancy_reflns_obs 
_refine_ls_shell.wR_factor_all 
_refine_ls_shell.wR_factor_obs 
_refine_ls_shell.wR_factor_R_free 
_refine_ls_shell.wR_factor_R_work 
_refine_ls_shell.pdbx_R_complete 
_refine_ls_shell.pdbx_total_number_of_bins_used 
_refine_ls_shell.pdbx_phase_error 
_refine_ls_shell.pdbx_fsc_work 
_refine_ls_shell.pdbx_fsc_free 
'X-RAY DIFFRACTION' 1.4900 1.5300  1410 . 134 1276 99.0000  . . . 0.3284 0.0000 0.3122 . . . . . . . 14 . . . 
'X-RAY DIFFRACTION' 1.5300 1.5700  1459 . 133 1326 98.0000  . . . 0.3405 0.0000 0.2717 . . . . . . . 14 . . . 
'X-RAY DIFFRACTION' 1.5700 1.6100  1473 . 148 1325 99.0000  . . . 0.2766 0.0000 0.2318 . . . . . . . 14 . . . 
'X-RAY DIFFRACTION' 1.6100 1.6700  1448 . 141 1307 99.0000  . . . 0.2777 0.0000 0.2185 . . . . . . . 14 . . . 
'X-RAY DIFFRACTION' 1.6700 1.7300  1471 . 131 1340 99.0000  . . . 0.2458 0.0000 0.1967 . . . . . . . 14 . . . 
'X-RAY DIFFRACTION' 1.7300 1.8000  1461 . 154 1307 100.0000 . . . 0.2326 0.0000 0.1923 . . . . . . . 14 . . . 
'X-RAY DIFFRACTION' 1.8000 1.8800  1457 . 142 1315 99.0000  . . . 0.2238 0.0000 0.1866 . . . . . . . 14 . . . 
'X-RAY DIFFRACTION' 1.8800 1.9800  1462 . 141 1321 100.0000 . . . 0.2156 0.0000 0.1808 . . . . . . . 14 . . . 
'X-RAY DIFFRACTION' 1.9800 2.1000  1472 . 148 1324 99.0000  . . . 0.2368 0.0000 0.1691 . . . . . . . 14 . . . 
'X-RAY DIFFRACTION' 2.1000 2.2600  1485 . 140 1345 99.0000  . . . 0.1937 0.0000 0.1675 . . . . . . . 14 . . . 
'X-RAY DIFFRACTION' 2.2600 2.4900  1469 . 147 1322 99.0000  . . . 0.2565 0.0000 0.1786 . . . . . . . 14 . . . 
'X-RAY DIFFRACTION' 2.4900 2.8500  1490 . 141 1349 99.0000  . . . 0.2022 0.0000 0.1869 . . . . . . . 14 . . . 
'X-RAY DIFFRACTION' 2.8500 3.5800  1476 . 141 1335 98.0000  . . . 0.1824 0.0000 0.1684 . . . . . . . 14 . . . 
'X-RAY DIFFRACTION' 3.5800 19.2700 1535 . 150 1385 99.0000  . . . 0.1694 0.0000 0.1476 . . . . . . . 14 . . . 
# 
_struct.entry_id                     6LJQ 
_struct.title                        'human galectin-16 R55N' 
_struct.pdbx_model_details           ? 
_struct.pdbx_formula_weight          ? 
_struct.pdbx_formula_weight_method   ? 
_struct.pdbx_model_type_details      ? 
_struct.pdbx_CASP_flag               N 
# 
_struct_keywords.entry_id        6LJQ 
_struct_keywords.text            'human galectin-16 R55N, SUGAR BINDING PROTEIN' 
_struct_keywords.pdbx_keywords   'SUGAR BINDING PROTEIN' 
# 
loop_
_struct_asym.id 
_struct_asym.pdbx_blank_PDB_chainid_flag 
_struct_asym.pdbx_modified 
_struct_asym.entity_id 
_struct_asym.details 
A N N 1 ? 
B N N 2 ? 
C N N 3 ? 
# 
_struct_conf.conf_type_id            HELX_P 
_struct_conf.id                      HELX_P1 
_struct_conf.pdbx_PDB_helix_id       AA1 
_struct_conf.beg_label_comp_id       PRO 
_struct_conf.beg_label_asym_id       A 
_struct_conf.beg_label_seq_id        120 
_struct_conf.pdbx_beg_PDB_ins_code   ? 
_struct_conf.end_label_comp_id       VAL 
_struct_conf.end_label_asym_id       A 
_struct_conf.end_label_seq_id        124 
_struct_conf.pdbx_end_PDB_ins_code   ? 
_struct_conf.beg_auth_comp_id        PRO 
_struct_conf.beg_auth_asym_id        A 
_struct_conf.beg_auth_seq_id         120 
_struct_conf.end_auth_comp_id        VAL 
_struct_conf.end_auth_asym_id        A 
_struct_conf.end_auth_seq_id         124 
_struct_conf.pdbx_PDB_helix_class    5 
_struct_conf.details                 ? 
_struct_conf.pdbx_PDB_helix_length   5 
# 
_struct_conf_type.id          HELX_P 
_struct_conf_type.criteria    ? 
_struct_conf_type.reference   ? 
# 
_struct_conn.id                            covale1 
_struct_conn.conn_type_id                  covale 
_struct_conn.pdbx_leaving_atom_flag        both 
_struct_conn.pdbx_PDB_id                   ? 
_struct_conn.ptnr1_label_asym_id           B 
_struct_conn.ptnr1_label_comp_id           BGC 
_struct_conn.ptnr1_label_seq_id            . 
_struct_conn.ptnr1_label_atom_id           O4 
_struct_conn.pdbx_ptnr1_label_alt_id       ? 
_struct_conn.pdbx_ptnr1_PDB_ins_code       ? 
_struct_conn.pdbx_ptnr1_standard_comp_id   ? 
_struct_conn.ptnr1_symmetry                1_555 
_struct_conn.ptnr2_label_asym_id           B 
_struct_conn.ptnr2_label_comp_id           GAL 
_struct_conn.ptnr2_label_seq_id            . 
_struct_conn.ptnr2_label_atom_id           C1 
_struct_conn.pdbx_ptnr2_label_alt_id       ? 
_struct_conn.pdbx_ptnr2_PDB_ins_code       ? 
_struct_conn.ptnr1_auth_asym_id            B 
_struct_conn.ptnr1_auth_comp_id            BGC 
_struct_conn.ptnr1_auth_seq_id             1 
_struct_conn.ptnr2_auth_asym_id            B 
_struct_conn.ptnr2_auth_comp_id            GAL 
_struct_conn.ptnr2_auth_seq_id             2 
_struct_conn.ptnr2_symmetry                1_555 
_struct_conn.pdbx_ptnr3_label_atom_id      ? 
_struct_conn.pdbx_ptnr3_label_seq_id       ? 
_struct_conn.pdbx_ptnr3_label_comp_id      ? 
_struct_conn.pdbx_ptnr3_label_asym_id      ? 
_struct_conn.pdbx_ptnr3_label_alt_id       ? 
_struct_conn.pdbx_ptnr3_PDB_ins_code       ? 
_struct_conn.details                       ? 
_struct_conn.pdbx_dist_value               1.407 
_struct_conn.pdbx_value_order              ? 
_struct_conn.pdbx_role                     ? 
# 
_struct_conn_type.id          covale 
_struct_conn_type.criteria    ? 
_struct_conn_type.reference   ? 
# 
_struct_mon_prot_cis.pdbx_id                1 
_struct_mon_prot_cis.label_comp_id          VAL 
_struct_mon_prot_cis.label_seq_id           9 
_struct_mon_prot_cis.label_asym_id          A 
_struct_mon_prot_cis.label_alt_id           . 
_struct_mon_prot_cis.pdbx_PDB_ins_code      ? 
_struct_mon_prot_cis.auth_comp_id           VAL 
_struct_mon_prot_cis.auth_seq_id            9 
_struct_mon_prot_cis.auth_asym_id           A 
_struct_mon_prot_cis.pdbx_label_comp_id_2   PRO 
_struct_mon_prot_cis.pdbx_label_seq_id_2    10 
_struct_mon_prot_cis.pdbx_label_asym_id_2   A 
_struct_mon_prot_cis.pdbx_PDB_ins_code_2    ? 
_struct_mon_prot_cis.pdbx_auth_comp_id_2    PRO 
_struct_mon_prot_cis.pdbx_auth_seq_id_2     10 
_struct_mon_prot_cis.pdbx_auth_asym_id_2    A 
_struct_mon_prot_cis.pdbx_PDB_model_num     1 
_struct_mon_prot_cis.pdbx_omega_angle       -0.93 
# 
loop_
_struct_sheet.id 
_struct_sheet.type 
_struct_sheet.number_strands 
_struct_sheet.details 
AA1 ? 6 ? 
AA2 ? 6 ? 
AA3 ? 5 ? 
# 
loop_
_struct_sheet_order.sheet_id 
_struct_sheet_order.range_id_1 
_struct_sheet_order.range_id_2 
_struct_sheet_order.offset 
_struct_sheet_order.sense 
AA1 1 2 ? anti-parallel 
AA1 2 3 ? anti-parallel 
AA1 3 4 ? anti-parallel 
AA1 4 5 ? anti-parallel 
AA1 5 6 ? anti-parallel 
AA2 1 2 ? anti-parallel 
AA2 2 3 ? anti-parallel 
AA2 3 4 ? anti-parallel 
AA2 4 5 ? anti-parallel 
AA2 5 6 ? anti-parallel 
AA3 1 2 ? anti-parallel 
AA3 2 3 ? anti-parallel 
AA3 3 4 ? anti-parallel 
AA3 4 5 ? anti-parallel 
# 
loop_
_struct_sheet_range.sheet_id 
_struct_sheet_range.id 
_struct_sheet_range.beg_label_comp_id 
_struct_sheet_range.beg_label_asym_id 
_struct_sheet_range.beg_label_seq_id 
_struct_sheet_range.pdbx_beg_PDB_ins_code 
_struct_sheet_range.end_label_comp_id 
_struct_sheet_range.end_label_asym_id 
_struct_sheet_range.end_label_seq_id 
_struct_sheet_range.pdbx_end_PDB_ins_code 
_struct_sheet_range.beg_auth_comp_id 
_struct_sheet_range.beg_auth_asym_id 
_struct_sheet_range.beg_auth_seq_id 
_struct_sheet_range.end_auth_comp_id 
_struct_sheet_range.end_auth_asym_id 
_struct_sheet_range.end_auth_seq_id 
AA1 1 TYR A 11  ? PRO A 14  ? TYR A 11  PRO A 14  
AA1 2 MET A 126 ? TRP A 130 ? MET A 126 TRP A 130 
AA1 3 LEU A 39  ? TYR A 44  ? LEU A 39  TYR A 44  
AA1 4 ILE A 53  ? HIS A 60  ? ILE A 53  HIS A 60  
AA1 5 ARG A 64  ? GLU A 71  ? ARG A 64  GLU A 71  
AA1 6 ILE A 74  ? TRP A 75  ? ILE A 74  TRP A 75  
AA2 1 TYR A 11  ? PRO A 14  ? TYR A 11  PRO A 14  
AA2 2 MET A 126 ? TRP A 130 ? MET A 126 TRP A 130 
AA2 3 LEU A 39  ? TYR A 44  ? LEU A 39  TYR A 44  
AA2 4 ILE A 53  ? HIS A 60  ? ILE A 53  HIS A 60  
AA2 5 ARG A 64  ? GLU A 71  ? ARG A 64  GLU A 71  
AA2 6 GLU A 79  ? LEU A 81  ? GLU A 79  LEU A 81  
AA3 1 GLU A 110 ? VAL A 116 ? GLU A 110 VAL A 116 
AA3 2 GLU A 102 ? VAL A 107 ? GLU A 102 VAL A 107 
AA3 3 PRO A 91  ? VAL A 98  ? PRO A 91  VAL A 98  
AA3 4 CYS A 22  ? THR A 28  ? CYS A 22  THR A 28  
AA3 5 SER A 134 ? ASN A 141 ? SER A 134 ASN A 141 
# 
loop_
_pdbx_struct_sheet_hbond.sheet_id 
_pdbx_struct_sheet_hbond.range_id_1 
_pdbx_struct_sheet_hbond.range_id_2 
_pdbx_struct_sheet_hbond.range_1_label_atom_id 
_pdbx_struct_sheet_hbond.range_1_label_comp_id 
_pdbx_struct_sheet_hbond.range_1_label_asym_id 
_pdbx_struct_sheet_hbond.range_1_label_seq_id 
_pdbx_struct_sheet_hbond.range_1_PDB_ins_code 
_pdbx_struct_sheet_hbond.range_1_auth_atom_id 
_pdbx_struct_sheet_hbond.range_1_auth_comp_id 
_pdbx_struct_sheet_hbond.range_1_auth_asym_id 
_pdbx_struct_sheet_hbond.range_1_auth_seq_id 
_pdbx_struct_sheet_hbond.range_2_label_atom_id 
_pdbx_struct_sheet_hbond.range_2_label_comp_id 
_pdbx_struct_sheet_hbond.range_2_label_asym_id 
_pdbx_struct_sheet_hbond.range_2_label_seq_id 
_pdbx_struct_sheet_hbond.range_2_PDB_ins_code 
_pdbx_struct_sheet_hbond.range_2_auth_atom_id 
_pdbx_struct_sheet_hbond.range_2_auth_comp_id 
_pdbx_struct_sheet_hbond.range_2_auth_asym_id 
_pdbx_struct_sheet_hbond.range_2_auth_seq_id 
AA1 1 2 N TYR A 11  ? N TYR A 11  O VAL A 129 ? O VAL A 129 
AA1 2 3 O MET A 126 ? O MET A 126 N TYR A 44  ? N TYR A 44  
AA1 3 4 N PHE A 43  ? N PHE A 43  O PHE A 55  ? O PHE A 55  
AA1 4 5 N HIS A 60  ? N HIS A 60  O ARG A 64  ? O ARG A 64  
AA1 5 6 N GLU A 71  ? N GLU A 71  O ILE A 74  ? O ILE A 74  
AA2 1 2 N TYR A 11  ? N TYR A 11  O VAL A 129 ? O VAL A 129 
AA2 2 3 O MET A 126 ? O MET A 126 N TYR A 44  ? N TYR A 44  
AA2 3 4 N PHE A 43  ? N PHE A 43  O PHE A 55  ? O PHE A 55  
AA2 4 5 N HIS A 60  ? N HIS A 60  O ARG A 64  ? O ARG A 64  
AA2 5 6 N MET A 67  ? N MET A 67  O GLU A 79  ? O GLU A 79  
AA3 1 2 O TYR A 113 ? O TYR A 113 N VAL A 105 ? N VAL A 105 
AA3 2 3 O LYS A 106 ? O LYS A 106 N ARG A 95  ? N ARG A 95  
AA3 3 4 O LEU A 94  ? O LEU A 94  N ILE A 25  ? N ILE A 25  
AA3 4 5 N ILE A 24  ? N ILE A 24  O LEU A 139 ? O LEU A 139 
# 
_atom_sites.entry_id                    6LJQ 
_atom_sites.Cartn_transf_matrix[1][1]   ? 
_atom_sites.Cartn_transf_matrix[1][2]   ? 
_atom_sites.Cartn_transf_matrix[1][3]   ? 
_atom_sites.Cartn_transf_matrix[2][1]   ? 
_atom_sites.Cartn_transf_matrix[2][2]   ? 
_atom_sites.Cartn_transf_matrix[2][3]   ? 
_atom_sites.Cartn_transf_matrix[3][1]   ? 
_atom_sites.Cartn_transf_matrix[3][2]   ? 
_atom_sites.Cartn_transf_matrix[3][3]   ? 
_atom_sites.Cartn_transf_vector[1]      ? 
_atom_sites.Cartn_transf_vector[2]      ? 
_atom_sites.Cartn_transf_vector[3]      ? 
_atom_sites.fract_transf_matrix[1][1]   -0.00693804 
_atom_sites.fract_transf_matrix[1][2]   0.00854997 
_atom_sites.fract_transf_matrix[1][3]   0.01464260 
_atom_sites.fract_transf_matrix[2][1]   0.02576082 
_atom_sites.fract_transf_matrix[2][2]   0.01272347 
_atom_sites.fract_transf_matrix[2][3]   0.00477677 
_atom_sites.fract_transf_matrix[3][1]   -0.00520743 
_atom_sites.fract_transf_matrix[3][2]   0.01279610 
_atom_sites.fract_transf_matrix[3][3]   -0.00600053 
_atom_sites.fract_transf_vector[1]      0.221595 
_atom_sites.fract_transf_vector[2]      0.304556 
_atom_sites.fract_transf_vector[3]      0.228442 
_atom_sites.solution_primary            ? 
_atom_sites.solution_secondary          ? 
_atom_sites.solution_hydrogens          ? 
_atom_sites.special_details             ? 
# 
loop_
_atom_type.symbol 
C 
N 
O 
S 
# 
loop_
_atom_site.group_PDB 
_atom_site.id 
_atom_site.type_symbol 
_atom_site.label_atom_id 
_atom_site.label_alt_id 
_atom_site.label_comp_id 
_atom_site.label_asym_id 
_atom_site.label_entity_id 
_atom_site.label_seq_id 
_atom_site.pdbx_PDB_ins_code 
_atom_site.Cartn_x 
_atom_site.Cartn_y 
_atom_site.Cartn_z 
_atom_site.occupancy 
_atom_site.B_iso_or_equiv 
_atom_site.pdbx_formal_charge 
_atom_site.auth_seq_id 
_atom_site.auth_comp_id 
_atom_site.auth_asym_id 
_atom_site.auth_atom_id 
_atom_site.pdbx_PDB_model_num 
ATOM   1    N N   . MET A 1 4   ? -19.928 3.718   -11.478 1.00 40.71 ? 4   MET A N   1 
ATOM   2    C CA  . MET A 1 4   ? -19.725 3.673   -10.034 1.00 37.20 ? 4   MET A CA  1 
ATOM   3    C C   . MET A 1 4   ? -18.785 4.784   -9.550  1.00 30.26 ? 4   MET A C   1 
ATOM   4    O O   . MET A 1 4   ? -17.733 5.033   -10.139 1.00 29.73 ? 4   MET A O   1 
ATOM   5    C CB  . MET A 1 4   ? -19.195 2.301   -9.607  1.00 37.80 ? 4   MET A CB  1 
ATOM   6    C CG  . MET A 1 4   ? -19.197 2.082   -8.102  1.00 44.28 ? 4   MET A CG  1 
ATOM   7    S SD  . MET A 1 4   ? -19.803 0.455   -7.605  1.00 63.15 ? 4   MET A SD  1 
ATOM   8    C CE  . MET A 1 4   ? -21.583 0.717   -7.626  1.00 46.98 ? 4   MET A CE  1 
ATOM   9    N N   . SER A 1 5   ? -19.180 5.448   -8.468  1.00 27.57 ? 5   SER A N   1 
ATOM   10   C CA  . SER A 1 5   ? -18.375 6.527   -7.912  1.00 25.13 ? 5   SER A CA  1 
ATOM   11   C C   . SER A 1 5   ? -17.063 5.982   -7.357  1.00 21.54 ? 5   SER A C   1 
ATOM   12   O O   . SER A 1 5   ? -16.991 4.851   -6.870  1.00 24.76 ? 5   SER A O   1 
ATOM   13   C CB  . SER A 1 5   ? -19.136 7.209   -6.771  1.00 26.43 ? 5   SER A CB  1 
ATOM   14   O OG  . SER A 1 5   ? -20.320 7.853   -7.225  1.00 30.92 ? 5   SER A OG  1 
ATOM   15   N N   . PHE A 1 6   ? -16.019 6.799   -7.443  1.00 19.84 ? 6   PHE A N   1 
ATOM   16   C CA  . PHE A 1 6   ? -14.762 6.449   -6.801  1.00 20.97 ? 6   PHE A CA  1 
ATOM   17   C C   . PHE A 1 6   ? -14.986 6.351   -5.301  1.00 21.83 ? 6   PHE A C   1 
ATOM   18   O O   . PHE A 1 6   ? -15.852 7.019   -4.737  1.00 23.02 ? 6   PHE A O   1 
ATOM   19   C CB  . PHE A 1 6   ? -13.721 7.533   -7.038  1.00 20.67 ? 6   PHE A CB  1 
ATOM   20   C CG  . PHE A 1 6   ? -13.284 7.662   -8.460  1.00 22.83 ? 6   PHE A CG  1 
ATOM   21   C CD1 . PHE A 1 6   ? -12.910 6.553   -9.194  1.00 23.25 ? 6   PHE A CD1 1 
ATOM   22   C CD2 . PHE A 1 6   ? -13.230 8.911   -9.055  1.00 24.56 ? 6   PHE A CD2 1 
ATOM   23   C CE1 . PHE A 1 6   ? -12.497 6.687   -10.512 1.00 25.61 ? 6   PHE A CE1 1 
ATOM   24   C CE2 . PHE A 1 6   ? -12.814 9.049   -10.367 1.00 24.61 ? 6   PHE A CE2 1 
ATOM   25   C CZ  . PHE A 1 6   ? -12.451 7.936   -11.095 1.00 26.52 ? 6   PHE A CZ  1 
ATOM   26   N N   . LEU A 1 7   ? -14.188 5.511   -4.653  1.00 19.43 ? 7   LEU A N   1 
ATOM   27   C CA  . LEU A 1 7   ? -14.289 5.371   -3.206  1.00 21.31 ? 7   LEU A CA  1 
ATOM   28   C C   . LEU A 1 7   ? -13.848 6.657   -2.523  1.00 21.95 ? 7   LEU A C   1 
ATOM   29   O O   . LEU A 1 7   ? -12.912 7.332   -2.962  1.00 23.28 ? 7   LEU A O   1 
ATOM   30   C CB  . LEU A 1 7   ? -13.414 4.213   -2.734  1.00 20.44 ? 7   LEU A CB  1 
ATOM   31   C CG  . LEU A 1 7   ? -13.711 2.822   -3.283  1.00 24.17 ? 7   LEU A CG  1 
ATOM   32   C CD1 . LEU A 1 7   ? -12.696 1.815   -2.741  1.00 23.02 ? 7   LEU A CD1 1 
ATOM   33   C CD2 . LEU A 1 7   ? -15.126 2.384   -2.940  1.00 28.27 ? 7   LEU A CD2 1 
ATOM   34   N N   . THR A 1 8   ? -14.520 6.998   -1.429  1.00 22.60 ? 8   THR A N   1 
ATOM   35   C CA  . THR A 1 8   ? -14.142 8.191   -0.692  1.00 21.93 ? 8   THR A CA  1 
ATOM   36   C C   . THR A 1 8   ? -12.825 7.947   0.034   1.00 22.83 ? 8   THR A C   1 
ATOM   37   O O   . THR A 1 8   ? -12.662 6.928   0.714   1.00 23.17 ? 8   THR A O   1 
ATOM   38   C CB  . THR A 1 8   ? -15.244 8.539   0.304   1.00 27.52 ? 8   THR A CB  1 
ATOM   39   O OG1 . THR A 1 8   ? -16.477 8.732   -0.406  1.00 27.02 ? 8   THR A OG1 1 
ATOM   40   C CG2 . THR A 1 8   ? -14.884 9.800   1.061   1.00 27.39 ? 8   THR A CG2 1 
ATOM   41   N N   . VAL A 1 9   ? -11.874 8.863   -0.139  1.00 21.20 ? 9   VAL A N   1 
ATOM   42   C CA  . VAL A 1 9   ? -10.586 8.785   0.554   1.00 21.04 ? 9   VAL A CA  1 
ATOM   43   C C   . VAL A 1 9   ? -10.514 9.856   1.637   1.00 22.57 ? 9   VAL A C   1 
ATOM   44   O O   . VAL A 1 9   ? -11.069 10.951  1.454   1.00 26.58 ? 9   VAL A O   1 
ATOM   45   C CB  . VAL A 1 9   ? -9.398  8.878   -0.420  1.00 23.63 ? 9   VAL A CB  1 
ATOM   46   C CG1 . VAL A 1 9   ? -9.341  7.643   -1.302  1.00 21.93 ? 9   VAL A CG1 1 
ATOM   47   C CG2 . VAL A 1 9   ? -9.491  10.135  -1.268  1.00 24.37 ? 9   VAL A CG2 1 
ATOM   48   N N   . PRO A 1 10  ? -9.835  9.606   2.769   1.00 23.68 ? 10  PRO A N   1 
ATOM   49   C CA  . PRO A 1 10  ? -9.135  8.364   3.119   1.00 21.75 ? 10  PRO A CA  1 
ATOM   50   C C   . PRO A 1 10  ? -10.073 7.174   3.236   1.00 22.38 ? 10  PRO A C   1 
ATOM   51   O O   . PRO A 1 10  ? -11.156 7.277   3.818   1.00 23.21 ? 10  PRO A O   1 
ATOM   52   C CB  . PRO A 1 10  ? -8.517  8.683   4.480   1.00 25.60 ? 10  PRO A CB  1 
ATOM   53   C CG  . PRO A 1 10  ? -8.391  10.176  4.491   1.00 30.56 ? 10  PRO A CG  1 
ATOM   54   C CD  . PRO A 1 10  ? -9.618  10.652  3.784   1.00 27.40 ? 10  PRO A CD  1 
ATOM   55   N N   . TYR A 1 11  ? -9.650  6.055   2.663   1.00 17.02 ? 11  TYR A N   1 
ATOM   56   C CA  . TYR A 1 11  ? -10.458 4.851   2.588   1.00 15.07 ? 11  TYR A CA  1 
ATOM   57   C C   . TYR A 1 11  ? -9.886  3.823   3.549   1.00 17.12 ? 11  TYR A C   1 
ATOM   58   O O   . TYR A 1 11  ? -8.703  3.480   3.467   1.00 17.62 ? 11  TYR A O   1 
ATOM   59   C CB  . TYR A 1 11  ? -10.475 4.290   1.162   1.00 16.04 ? 11  TYR A CB  1 
ATOM   60   C CG  . TYR A 1 11  ? -11.382 3.099   1.068   1.00 17.05 ? 11  TYR A CG  1 
ATOM   61   C CD1 . TYR A 1 11  ? -12.761 3.259   1.006   1.00 19.68 ? 11  TYR A CD1 1 
ATOM   62   C CD2 . TYR A 1 11  ? -10.871 1.809   1.104   1.00 18.86 ? 11  TYR A CD2 1 
ATOM   63   C CE1 . TYR A 1 11  ? -13.601 2.165   0.952   1.00 24.45 ? 11  TYR A CE1 1 
ATOM   64   C CE2 . TYR A 1 11  ? -11.708 0.706   1.042   1.00 20.97 ? 11  TYR A CE2 1 
ATOM   65   C CZ  . TYR A 1 11  ? -13.070 0.895   0.970   1.00 24.65 ? 11  TYR A CZ  1 
ATOM   66   O OH  . TYR A 1 11  ? -13.906 -0.197  0.912   1.00 29.74 ? 11  TYR A OH  1 
ATOM   67   N N   . LYS A 1 12  ? -10.716 3.338   4.465   1.00 16.63 ? 12  LYS A N   1 
ATOM   68   C CA  . LYS A 1 12  ? -10.279 2.338   5.423   1.00 14.39 ? 12  LYS A CA  1 
ATOM   69   C C   . LYS A 1 12  ? -11.060 1.052   5.224   1.00 17.11 ? 12  LYS A C   1 
ATOM   70   O O   . LYS A 1 12  ? -12.261 1.080   4.940   1.00 18.77 ? 12  LYS A O   1 
ATOM   71   C CB  . LYS A 1 12  ? -10.499 2.823   6.848   1.00 14.99 ? 12  LYS A CB  1 
ATOM   72   C CG  . LYS A 1 12  ? -9.659  4.017   7.241   1.00 17.91 ? 12  LYS A CG  1 
ATOM   73   C CD  . LYS A 1 12  ? -10.047 4.477   8.639   1.00 21.06 ? 12  LYS A CD  1 
ATOM   74   C CE  . LYS A 1 12  ? -9.117  5.547   9.176   1.00 29.67 ? 12  LYS A CE  1 
ATOM   75   N NZ  . LYS A 1 12  ? -9.203  6.791   8.369   1.00 33.13 ? 12  LYS A NZ  1 
ATOM   76   N N   . LEU A 1 13  ? -10.380 -0.069  5.427   1.00 19.71 ? 13  LEU A N   1 
ATOM   77   C CA  . LEU A 1 13  ? -10.984 -1.378  5.235   1.00 19.76 ? 13  LEU A CA  1 
ATOM   78   C C   . LEU A 1 13  ? -10.509 -2.330  6.327   1.00 22.31 ? 13  LEU A C   1 
ATOM   79   O O   . LEU A 1 13  ? -9.298  -2.545  6.470   1.00 20.70 ? 13  LEU A O   1 
ATOM   80   C CB  . LEU A 1 13  ? -10.594 -1.924  3.863   1.00 21.14 ? 13  LEU A CB  1 
ATOM   81   C CG  . LEU A 1 13  ? -11.114 -3.319  3.520   1.00 25.22 ? 13  LEU A CG  1 
ATOM   82   C CD1 . LEU A 1 13  ? -12.637 -3.293  3.364   1.00 27.41 ? 13  LEU A CD1 1 
ATOM   83   C CD2 . LEU A 1 13  ? -10.436 -3.863  2.269   1.00 25.24 ? 13  LEU A CD2 1 
ATOM   84   N N   . PRO A 1 14  ? -11.414 -2.903  7.126   1.00 19.90 ? 14  PRO A N   1 
ATOM   85   C CA  . PRO A 1 14  ? -11.005 -3.973  8.045   1.00 20.84 ? 14  PRO A CA  1 
ATOM   86   C C   . PRO A 1 14  ? -10.605 -5.201  7.251   1.00 21.41 ? 14  PRO A C   1 
ATOM   87   O O   . PRO A 1 14  ? -11.224 -5.532  6.237   1.00 23.51 ? 14  PRO A O   1 
ATOM   88   C CB  . PRO A 1 14  ? -12.264 -4.234  8.882   1.00 25.48 ? 14  PRO A CB  1 
ATOM   89   C CG  . PRO A 1 14  ? -13.167 -3.024  8.627   1.00 24.96 ? 14  PRO A CG  1 
ATOM   90   C CD  . PRO A 1 14  ? -12.848 -2.589  7.237   1.00 24.82 ? 14  PRO A CD  1 
ATOM   91   N N   . VAL A 1 15  ? -9.521  -5.849  7.681   1.00 20.73 ? 15  VAL A N   1 
ATOM   92   C CA  . VAL A 1 15  ? -8.966  -6.975  6.940   1.00 20.87 ? 15  VAL A CA  1 
ATOM   93   C C   . VAL A 1 15  ? -8.438  -8.034  7.896   1.00 22.36 ? 15  VAL A C   1 
ATOM   94   O O   . VAL A 1 15  ? -8.197  -7.784  9.077   1.00 19.01 ? 15  VAL A O   1 
ATOM   95   C CB  . VAL A 1 15  ? -7.841  -6.577  5.943   1.00 20.99 ? 15  VAL A CB  1 
ATOM   96   C CG1 . VAL A 1 15  ? -8.279  -5.460  5.011   1.00 22.11 ? 15  VAL A CG1 1 
ATOM   97   C CG2 . VAL A 1 15  ? -6.578  -6.194  6.692   1.00 19.32 ? 15  VAL A CG2 1 
ATOM   98   N N   . SER A 1 16  ? -8.273  -9.235  7.356   1.00 20.87 ? 16  SER A N   1 
ATOM   99   C CA  . SER A 1 16  ? -7.481  -10.279 7.984   1.00 19.37 ? 16  SER A CA  1 
ATOM   100  C C   . SER A 1 16  ? -6.636  -10.899 6.880   1.00 23.26 ? 16  SER A C   1 
ATOM   101  O O   . SER A 1 16  ? -7.175  -11.365 5.873   1.00 31.60 ? 16  SER A O   1 
ATOM   102  C CB  . SER A 1 16  ? -8.361  -11.329 8.667   1.00 28.69 ? 16  SER A CB  1 
ATOM   103  O OG  . SER A 1 16  ? -7.573  -12.431 9.101   1.00 33.06 ? 16  SER A OG  1 
ATOM   104  N N   . LEU A 1 17  ? -5.319  -10.847 7.051   1.00 21.57 ? 17  LEU A N   1 
ATOM   105  C CA  . LEU A 1 17  ? -4.369  -11.312 6.054   1.00 22.37 ? 17  LEU A CA  1 
ATOM   106  C C   . LEU A 1 17  ? -3.748  -12.621 6.512   1.00 24.82 ? 17  LEU A C   1 
ATOM   107  O O   . LEU A 1 17  ? -3.388  -12.774 7.683   1.00 25.50 ? 17  LEU A O   1 
ATOM   108  C CB  . LEU A 1 17  ? -3.248  -10.292 5.871   1.00 20.44 ? 17  LEU A CB  1 
ATOM   109  C CG  . LEU A 1 17  ? -3.648  -8.877  5.475   1.00 18.91 ? 17  LEU A CG  1 
ATOM   110  C CD1 . LEU A 1 17  ? -2.401  -8.030  5.280   1.00 19.44 ? 17  LEU A CD1 1 
ATOM   111  C CD2 . LEU A 1 17  ? -4.495  -8.898  4.210   1.00 23.99 ? 17  LEU A CD2 1 
ATOM   112  N N   . SER A 1 18  ? -3.623  -13.560 5.587   1.00 24.04 ? 18  SER A N   1 
ATOM   113  C CA  . SER A 1 18  ? -2.827  -14.753 5.815   1.00 26.33 ? 18  SER A CA  1 
ATOM   114  C C   . SER A 1 18  ? -1.847  -14.904 4.667   1.00 23.90 ? 18  SER A C   1 
ATOM   115  O O   . SER A 1 18  ? -1.939  -14.204 3.658   1.00 22.73 ? 18  SER A O   1 
ATOM   116  C CB  . SER A 1 18  ? -3.692  -16.011 5.921   1.00 29.91 ? 18  SER A CB  1 
ATOM   117  O OG  . SER A 1 18  ? -4.827  -15.976 5.074   1.00 33.88 ? 18  SER A OG  1 
ATOM   118  N N   . VAL A 1 19  ? -0.899  -15.829 4.834   1.00 25.53 ? 19  VAL A N   1 
ATOM   119  C CA  . VAL A 1 19  ? -0.047  -16.213 3.718   1.00 22.21 ? 19  VAL A CA  1 
ATOM   120  C C   . VAL A 1 19  ? -0.931  -16.653 2.565   1.00 21.29 ? 19  VAL A C   1 
ATOM   121  O O   . VAL A 1 19  ? -1.854  -17.461 2.737   1.00 22.32 ? 19  VAL A O   1 
ATOM   122  C CB  . VAL A 1 19  ? 0.926   -17.324 4.139   1.00 25.01 ? 19  VAL A CB  1 
ATOM   123  C CG1 . VAL A 1 19  ? 1.913   -17.619 3.014   1.00 24.45 ? 19  VAL A CG1 1 
ATOM   124  C CG2 . VAL A 1 19  ? 1.654   -16.924 5.416   1.00 31.35 ? 19  VAL A CG2 1 
ATOM   125  N N   . GLY A 1 20  ? -0.670  -16.101 1.382   1.00 19.80 ? 20  GLY A N   1 
ATOM   126  C CA  . GLY A 1 20  ? -1.480  -16.379 0.216   1.00 22.20 ? 20  GLY A CA  1 
ATOM   127  C C   . GLY A 1 20  ? -2.564  -15.357 -0.059  1.00 21.56 ? 20  GLY A C   1 
ATOM   128  O O   . GLY A 1 20  ? -3.166  -15.399 -1.141  1.00 25.98 ? 20  GLY A O   1 
ATOM   129  N N   . SER A 1 21  ? -2.831  -14.452 0.884   1.00 19.97 ? 21  SER A N   1 
ATOM   130  C CA  . SER A 1 21  ? -3.756  -13.352 0.652   1.00 18.50 ? 21  SER A CA  1 
ATOM   131  C C   . SER A 1 21  ? -3.145  -12.343 -0.306  1.00 19.37 ? 21  SER A C   1 
ATOM   132  O O   . SER A 1 21  ? -1.926  -12.167 -0.373  1.00 19.24 ? 21  SER A O   1 
ATOM   133  C CB  . SER A 1 21  ? -4.054  -12.601 1.951   1.00 24.02 ? 21  SER A CB  1 
ATOM   134  O OG  . SER A 1 21  ? -4.783  -13.395 2.873   1.00 26.20 ? 21  SER A OG  1 
ATOM   135  N N   . CYS A 1 22  ? -4.013  -11.646 -1.024  1.00 17.32 ? 22  CYS A N   1 
ATOM   136  C CA  . CYS A 1 22  ? -3.561  -10.604 -1.928  1.00 21.18 ? 22  CYS A CA  1 
ATOM   137  C C   . CYS A 1 22  ? -4.451  -9.389  -1.762  1.00 18.35 ? 22  CYS A C   1 
ATOM   138  O O   . CYS A 1 22  ? -5.678  -9.497  -1.858  1.00 20.52 ? 22  CYS A O   1 
ATOM   139  C CB  . CYS A 1 22  ? -3.626  -11.074 -3.375  1.00 23.99 ? 22  CYS A CB  1 
ATOM   140  S SG  . CYS A 1 22  ? -2.849  -9.898  -4.472  1.00 28.17 ? 22  CYS A SG  1 
ATOM   141  N N   . VAL A 1 23  ? -3.829  -8.239  -1.530  1.00 16.14 ? 23  VAL A N   1 
ATOM   142  C CA  . VAL A 1 23  ? -4.537  -6.964  -1.517  1.00 16.25 ? 23  VAL A CA  1 
ATOM   143  C C   . VAL A 1 23  ? -4.449  -6.368  -2.912  1.00 18.79 ? 23  VAL A C   1 
ATOM   144  O O   . VAL A 1 23  ? -3.353  -6.253  -3.476  1.00 18.04 ? 23  VAL A O   1 
ATOM   145  C CB  . VAL A 1 23  ? -3.920  -6.013  -0.481  1.00 17.67 ? 23  VAL A CB  1 
ATOM   146  C CG1 . VAL A 1 23  ? -4.624  -4.679  -0.522  1.00 19.44 ? 23  VAL A CG1 1 
ATOM   147  C CG2 . VAL A 1 23  ? -3.983  -6.635  0.926   1.00 20.40 ? 23  VAL A CG2 1 
ATOM   148  N N   . ILE A 1 24  ? -5.601  -6.046  -3.498  1.00 15.65 ? 24  ILE A N   1 
ATOM   149  C CA  . ILE A 1 24  ? -5.661  -5.534  -4.863  1.00 16.14 ? 24  ILE A CA  1 
ATOM   150  C C   . ILE A 1 24  ? -6.279  -4.150  -4.808  1.00 17.26 ? 24  ILE A C   1 
ATOM   151  O O   . ILE A 1 24  ? -7.417  -3.991  -4.356  1.00 19.21 ? 24  ILE A O   1 
ATOM   152  C CB  . ILE A 1 24  ? -6.464  -6.455  -5.789  1.00 18.54 ? 24  ILE A CB  1 
ATOM   153  C CG1 . ILE A 1 24  ? -5.890  -7.874  -5.741  1.00 23.21 ? 24  ILE A CG1 1 
ATOM   154  C CG2 . ILE A 1 24  ? -6.456  -5.895  -7.217  1.00 21.06 ? 24  ILE A CG2 1 
ATOM   155  C CD1 . ILE A 1 24  ? -6.405  -8.795  -6.838  1.00 24.82 ? 24  ILE A CD1 1 
ATOM   156  N N   . ILE A 1 25  ? -5.515  -3.153  -5.238  1.00 15.99 ? 25  ILE A N   1 
ATOM   157  C CA  . ILE A 1 25  ? -5.916  -1.753  -5.204  1.00 16.28 ? 25  ILE A CA  1 
ATOM   158  C C   . ILE A 1 25  ? -5.889  -1.234  -6.633  1.00 16.64 ? 25  ILE A C   1 
ATOM   159  O O   . ILE A 1 25  ? -4.850  -1.298  -7.304  1.00 17.27 ? 25  ILE A O   1 
ATOM   160  C CB  . ILE A 1 25  ? -4.979  -0.938  -4.302  1.00 16.25 ? 25  ILE A CB  1 
ATOM   161  C CG1 . ILE A 1 25  ? -5.106  -1.440  -2.859  1.00 16.53 ? 25  ILE A CG1 1 
ATOM   162  C CG2 . ILE A 1 25  ? -5.318  0.552   -4.374  1.00 17.30 ? 25  ILE A CG2 1 
ATOM   163  C CD1 . ILE A 1 25  ? -3.951  -1.020  -1.975  1.00 18.78 ? 25  ILE A CD1 1 
ATOM   164  N N   . LYS A 1 26  ? -7.033  -0.747  -7.113  1.00 18.29 ? 26  LYS A N   1 
ATOM   165  C CA  . LYS A 1 26  ? -7.144  -0.211  -8.463  1.00 17.90 ? 26  LYS A CA  1 
ATOM   166  C C   . LYS A 1 26  ? -7.564  1.247   -8.371  1.00 18.57 ? 26  LYS A C   1 
ATOM   167  O O   . LYS A 1 26  ? -8.466  1.593   -7.598  1.00 17.93 ? 26  LYS A O   1 
ATOM   168  C CB  . LYS A 1 26  ? -8.181  -0.978  -9.281  1.00 20.93 ? 26  LYS A CB  1 
ATOM   169  C CG  . LYS A 1 26  ? -7.731  -2.359  -9.748  1.00 24.30 ? 26  LYS A CG  1 
ATOM   170  C CD  . LYS A 1 26  ? -8.891  -3.077  -10.433 1.00 27.83 ? 26  LYS A CD  1 
ATOM   171  C CE  . LYS A 1 26  ? -8.425  -4.302  -11.190 1.00 36.47 ? 26  LYS A CE  1 
ATOM   172  N NZ  . LYS A 1 26  ? -7.456  -5.072  -10.383 1.00 34.98 ? 26  LYS A NZ  1 
ATOM   173  N N   . GLY A 1 27  ? -6.894  2.096   -9.132  1.00 17.43 ? 27  GLY A N   1 
ATOM   174  C CA  . GLY A 1 27  ? -7.242  3.503   -9.121  1.00 16.95 ? 27  GLY A CA  1 
ATOM   175  C C   . GLY A 1 27  ? -6.397  4.251   -10.120 1.00 17.65 ? 27  GLY A C   1 
ATOM   176  O O   . GLY A 1 27  ? -5.784  3.656   -11.009 1.00 17.48 ? 27  GLY A O   1 
ATOM   177  N N   . THR A 1 28  ? -6.396  5.574   -9.970  1.00 17.55 ? 28  THR A N   1 
ATOM   178  C CA  . THR A 1 28  ? -5.619  6.464   -10.820 1.00 19.02 ? 28  THR A CA  1 
ATOM   179  C C   . THR A 1 28  ? -5.013  7.542   -9.941  1.00 17.83 ? 28  THR A C   1 
ATOM   180  O O   . THR A 1 28  ? -5.703  8.108   -9.086  1.00 17.48 ? 28  THR A O   1 
ATOM   181  C CB  . THR A 1 28  ? -6.515  7.131   -11.872 1.00 19.43 ? 28  THR A CB  1 
ATOM   182  O OG1 . THR A 1 28  ? -7.109  6.131   -12.705 1.00 22.42 ? 28  THR A OG1 1 
ATOM   183  C CG2 . THR A 1 28  ? -5.697  8.077   -12.748 1.00 21.43 ? 28  THR A CG2 1 
ATOM   184  N N   . LEU A 1 29  ? -3.724  7.801   -10.132 1.00 18.33 ? 29  LEU A N   1 
ATOM   185  C CA  . LEU A 1 29  ? -3.016  8.870   -9.450  1.00 19.85 ? 29  LEU A CA  1 
ATOM   186  C C   . LEU A 1 29  ? -2.924  10.075  -10.368 1.00 21.97 ? 29  LEU A C   1 
ATOM   187  O O   . LEU A 1 29  ? -2.895  9.948   -11.597 1.00 21.82 ? 29  LEU A O   1 
ATOM   188  C CB  . LEU A 1 29  ? -1.596  8.437   -9.073  1.00 21.46 ? 29  LEU A CB  1 
ATOM   189  C CG  . LEU A 1 29  ? -1.443  7.155   -8.266  1.00 20.88 ? 29  LEU A CG  1 
ATOM   190  C CD1 . LEU A 1 29  ? -0.008  7.049   -7.753  1.00 22.40 ? 29  LEU A CD1 1 
ATOM   191  C CD2 . LEU A 1 29  ? -2.443  7.187   -7.121  1.00 19.24 ? 29  LEU A CD2 1 
ATOM   192  N N   . ILE A 1 30  ? -2.867  11.251  -9.766  1.00 21.80 ? 30  ILE A N   1 
ATOM   193  C CA  . ILE A 1 30  ? -2.682  12.476  -10.529 1.00 21.62 ? 30  ILE A CA  1 
ATOM   194  C C   . ILE A 1 30  ? -1.618  13.329  -9.858  1.00 24.11 ? 30  ILE A C   1 
ATOM   195  O O   . ILE A 1 30  ? -1.412  13.269  -8.642  1.00 23.76 ? 30  ILE A O   1 
ATOM   196  C CB  . ILE A 1 30  ? -3.987  13.281  -10.705 1.00 26.16 ? 30  ILE A CB  1 
ATOM   197  C CG1 . ILE A 1 30  ? -4.583  13.612  -9.338  1.00 25.92 ? 30  ILE A CG1 1 
ATOM   198  C CG2 . ILE A 1 30  ? -4.973  12.536  -11.623 1.00 25.86 ? 30  ILE A CG2 1 
ATOM   199  C CD1 . ILE A 1 30  ? -5.783  14.532  -9.406  1.00 29.68 ? 30  ILE A CD1 1 
ATOM   200  N N   . ASP A 1 31  ? -0.935  14.128  -10.674 1.00 24.23 ? 31  ASP A N   1 
ATOM   201  C CA  . ASP A 1 31  ? 0.077   15.061  -10.193 1.00 24.99 ? 31  ASP A CA  1 
ATOM   202  C C   . ASP A 1 31  ? -0.663  16.286  -9.662  1.00 24.05 ? 31  ASP A C   1 
ATOM   203  O O   . ASP A 1 31  ? -0.865  17.282  -10.358 1.00 23.74 ? 31  ASP A O   1 
ATOM   204  C CB  . ASP A 1 31  ? 1.004   15.422  -11.347 1.00 22.73 ? 31  ASP A CB  1 
ATOM   205  C CG  . ASP A 1 31  ? 2.073   16.414  -10.960 1.00 30.23 ? 31  ASP A CG  1 
ATOM   206  O OD1 . ASP A 1 31  ? 2.417   16.492  -9.761  1.00 33.57 ? 31  ASP A OD1 1 
ATOM   207  O OD2 . ASP A 1 31  ? 2.560   17.128  -11.868 1.00 35.71 ? 31  ASP A OD2 1 
ATOM   208  N N   . SER A 1 32  ? -1.099  16.198  -8.401  1.00 24.82 ? 32  SER A N   1 
ATOM   209  C CA  . SER A 1 32  ? -1.886  17.272  -7.804  1.00 22.44 ? 32  SER A CA  1 
ATOM   210  C C   . SER A 1 32  ? -1.396  17.697  -6.423  1.00 26.09 ? 32  SER A C   1 
ATOM   211  O O   . SER A 1 32  ? -2.093  18.466  -5.749  1.00 27.43 ? 32  SER A O   1 
ATOM   212  C CB  . SER A 1 32  ? -3.368  16.885  -7.729  1.00 26.27 ? 32  SER A CB  1 
ATOM   213  O OG  . SER A 1 32  ? -3.569  15.811  -6.820  1.00 28.53 ? 32  SER A OG  1 
ATOM   214  N N   . SER A 1 33  ? -0.236  17.221  -5.970  1.00 25.14 ? 33  SER A N   1 
ATOM   215  C CA  . SER A 1 33  ? 0.236   17.520  -4.625  1.00 28.44 ? 33  SER A CA  1 
ATOM   216  C C   . SER A 1 33  ? 1.608   18.181  -4.669  1.00 30.71 ? 33  SER A C   1 
ATOM   217  O O   . SER A 1 33  ? 2.347   18.064  -5.648  1.00 33.51 ? 33  SER A O   1 
ATOM   218  C CB  . SER A 1 33  ? 0.272   16.259  -3.751  1.00 29.87 ? 33  SER A CB  1 
ATOM   219  O OG  . SER A 1 33  ? 0.969   15.215  -4.404  1.00 35.51 ? 33  SER A OG  1 
ATOM   220  N N   . ILE A 1 34  ? 1.938   18.894  -3.596  1.00 34.99 ? 34  ILE A N   1 
ATOM   221  C CA  . ILE A 1 34  ? 3.161   19.691  -3.563  1.00 35.50 ? 34  ILE A CA  1 
ATOM   222  C C   . ILE A 1 34  ? 4.317   18.869  -3.004  1.00 40.02 ? 34  ILE A C   1 
ATOM   223  O O   . ILE A 1 34  ? 5.087   18.273  -3.765  1.00 43.12 ? 34  ILE A O   1 
ATOM   224  C CB  . ILE A 1 34  ? 2.942   21.027  -2.826  1.00 37.15 ? 34  ILE A CB  1 
ATOM   225  C CG1 . ILE A 1 34  ? 1.901   21.862  -3.573  1.00 32.56 ? 34  ILE A CG1 1 
ATOM   226  C CG2 . ILE A 1 34  ? 4.242   21.812  -2.718  1.00 36.35 ? 34  ILE A CG2 1 
ATOM   227  C CD1 . ILE A 1 34  ? 2.189   22.010  -5.046  1.00 32.18 ? 34  ILE A CD1 1 
ATOM   228  N N   . ASN A 1 35  ? 4.446   18.809  -1.683  1.00 39.29 ? 35  ASN A N   1 
ATOM   229  C CA  . ASN A 1 35  ? 5.525   18.064  -1.039  1.00 41.47 ? 35  ASN A CA  1 
ATOM   230  C C   . ASN A 1 35  ? 4.986   16.815  -0.344  1.00 41.50 ? 35  ASN A C   1 
ATOM   231  O O   . ASN A 1 35  ? 5.450   16.436  0.732   1.00 44.45 ? 35  ASN A O   1 
ATOM   232  C CB  . ASN A 1 35  ? 6.294   18.953  -0.061  1.00 42.89 ? 35  ASN A CB  1 
ATOM   233  C CG  . ASN A 1 35  ? 7.205   19.948  -0.764  1.00 41.83 ? 35  ASN A CG  1 
ATOM   234  O OD1 . ASN A 1 35  ? 7.045   21.163  -0.623  1.00 41.50 ? 35  ASN A OD1 1 
ATOM   235  N ND2 . ASN A 1 35  ? 8.165   19.438  -1.525  1.00 39.34 ? 35  ASN A ND2 1 
ATOM   236  N N   . GLU A 1 36  ? 3.993   16.169  -0.953  1.00 35.52 ? 36  GLU A N   1 
ATOM   237  C CA  . GLU A 1 36  ? 3.270   15.046  -0.381  1.00 33.73 ? 36  GLU A CA  1 
ATOM   238  C C   . GLU A 1 36  ? 3.113   13.953  -1.439  1.00 28.22 ? 36  GLU A C   1 
ATOM   239  O O   . GLU A 1 36  ? 3.034   14.255  -2.632  1.00 26.21 ? 36  GLU A O   1 
ATOM   240  C CB  . GLU A 1 36  ? 1.863   15.460  0.090   1.00 35.99 ? 36  GLU A CB  1 
ATOM   241  C CG  . GLU A 1 36  ? 1.754   16.729  0.967   1.00 41.40 ? 36  GLU A CG  1 
ATOM   242  C CD  . GLU A 1 36  ? 1.837   18.038  0.176   1.00 47.47 ? 36  GLU A CD  1 
ATOM   243  O OE1 . GLU A 1 36  ? 2.828   18.786  0.351   1.00 51.20 ? 36  GLU A OE1 1 
ATOM   244  O OE2 . GLU A 1 36  ? 0.915   18.322  -0.625  1.00 46.23 ? 36  GLU A OE2 1 
ATOM   245  N N   . PRO A 1 37  ? 3.057   12.690  -1.025  1.00 23.94 ? 37  PRO A N   1 
ATOM   246  C CA  . PRO A 1 37  ? 2.885   11.611  -2.015  1.00 20.09 ? 37  PRO A CA  1 
ATOM   247  C C   . PRO A 1 37  ? 1.512   11.662  -2.677  1.00 19.06 ? 37  PRO A C   1 
ATOM   248  O O   . PRO A 1 37  ? 0.546   12.204  -2.142  1.00 19.90 ? 37  PRO A O   1 
ATOM   249  C CB  . PRO A 1 37  ? 3.052   10.333  -1.182  1.00 20.70 ? 37  PRO A CB  1 
ATOM   250  C CG  . PRO A 1 37  ? 2.776   10.748  0.222   1.00 21.97 ? 37  PRO A CG  1 
ATOM   251  C CD  . PRO A 1 37  ? 3.193   12.178  0.347   1.00 24.52 ? 37  PRO A CD  1 
ATOM   252  N N   . GLN A 1 38  ? 1.436   11.081  -3.879  1.00 16.63 ? 38  GLN A N   1 
ATOM   253  C CA  . GLN A 1 38  ? 0.175   11.016  -4.613  1.00 17.10 ? 38  GLN A CA  1 
ATOM   254  C C   . GLN A 1 38  ? -0.639  9.774   -4.274  1.00 16.51 ? 38  GLN A C   1 
ATOM   255  O O   . GLN A 1 38  ? -1.804  9.673   -4.685  1.00 19.15 ? 38  GLN A O   1 
ATOM   256  C CB  . GLN A 1 38  ? 0.435   11.083  -6.129  1.00 20.10 ? 38  GLN A CB  1 
ATOM   257  C CG  . GLN A 1 38  ? 1.036   12.418  -6.598  1.00 19.32 ? 38  GLN A CG  1 
ATOM   258  C CD  . GLN A 1 38  ? 2.551   12.443  -6.513  1.00 19.09 ? 38  GLN A CD  1 
ATOM   259  O OE1 . GLN A 1 38  ? 3.189   11.403  -6.403  1.00 22.21 ? 38  GLN A OE1 1 
ATOM   260  N NE2 . GLN A 1 38  ? 3.133   13.630  -6.612  1.00 26.83 ? 38  GLN A NE2 1 
ATOM   261  N N   . LEU A 1 39  ? -0.048  8.827   -3.547  1.00 16.85 ? 39  LEU A N   1 
ATOM   262  C CA  . LEU A 1 39  ? -0.734  7.636   -3.071  1.00 16.70 ? 39  LEU A CA  1 
ATOM   263  C C   . LEU A 1 39  ? -0.064  7.219   -1.775  1.00 16.18 ? 39  LEU A C   1 
ATOM   264  O O   . LEU A 1 39  ? 1.162   7.270   -1.663  1.00 16.09 ? 39  LEU A O   1 
ATOM   265  C CB  . LEU A 1 39  ? -0.575  6.477   -4.057  1.00 16.70 ? 39  LEU A CB  1 
ATOM   266  C CG  . LEU A 1 39  ? -1.138  5.146   -3.556  1.00 16.13 ? 39  LEU A CG  1 
ATOM   267  C CD1 . LEU A 1 39  ? -2.636  5.276   -3.414  1.00 18.95 ? 39  LEU A CD1 1 
ATOM   268  C CD2 . LEU A 1 39  ? -0.795  4.047   -4.556  1.00 14.89 ? 39  LEU A CD2 1 
ATOM   269  N N   . GLN A 1 40  ? -0.863  6.815   -0.789  1.00 14.07 ? 40  GLN A N   1 
ATOM   270  C CA  . GLN A 1 40  ? -0.311  6.193   0.404   1.00 15.36 ? 40  GLN A CA  1 
ATOM   271  C C   . GLN A 1 40  ? -1.174  5.006   0.791   1.00 13.64 ? 40  GLN A C   1 
ATOM   272  O O   . GLN A 1 40  ? -2.400  5.083   0.749   1.00 15.43 ? 40  GLN A O   1 
ATOM   273  C CB  . GLN A 1 40  ? -0.234  7.185   1.563   1.00 14.07 ? 40  GLN A CB  1 
ATOM   274  C CG  . GLN A 1 40  ? 0.524   6.634   2.768   1.00 16.08 ? 40  GLN A CG  1 
ATOM   275  C CD  . GLN A 1 40  ? 0.944   7.723   3.726   1.00 18.45 ? 40  GLN A CD  1 
ATOM   276  O OE1 . GLN A 1 40  ? 1.267   8.841   3.305   1.00 21.55 ? 40  GLN A OE1 1 
ATOM   277  N NE2 . GLN A 1 40  ? 0.942   7.412   5.021   1.00 19.66 ? 40  GLN A NE2 1 
ATOM   278  N N   . VAL A 1 41  ? -0.516  3.909   1.147   1.00 13.02 ? 41  VAL A N   1 
ATOM   279  C CA  . VAL A 1 41  ? -1.165  2.690   1.621   1.00 16.20 ? 41  VAL A CA  1 
ATOM   280  C C   . VAL A 1 41  ? -0.507  2.301   2.943   1.00 14.66 ? 41  VAL A C   1 
ATOM   281  O O   . VAL A 1 41  ? 0.720   2.149   3.010   1.00 15.14 ? 41  VAL A O   1 
ATOM   282  C CB  . VAL A 1 41  ? -1.021  1.550   0.592   1.00 14.77 ? 41  VAL A CB  1 
ATOM   283  C CG1 . VAL A 1 41  ? -1.715  0.275   1.080   1.00 15.24 ? 41  VAL A CG1 1 
ATOM   284  C CG2 . VAL A 1 41  ? -1.554  1.966   -0.790  1.00 16.37 ? 41  VAL A CG2 1 
ATOM   285  N N   . ASP A 1 42  ? -1.313  2.133   3.991   1.00 14.18 ? 42  ASP A N   1 
ATOM   286  C CA  . ASP A 1 42  ? -0.796  1.716   5.291   1.00 15.97 ? 42  ASP A CA  1 
ATOM   287  C C   . ASP A 1 42  ? -1.560  0.498   5.790   1.00 15.54 ? 42  ASP A C   1 
ATOM   288  O O   . ASP A 1 42  ? -2.792  0.455   5.700   1.00 15.28 ? 42  ASP A O   1 
ATOM   289  C CB  . ASP A 1 42  ? -0.910  2.841   6.312   1.00 15.51 ? 42  ASP A CB  1 
ATOM   290  C CG  . ASP A 1 42  ? -0.038  4.027   5.971   1.00 20.12 ? 42  ASP A CG  1 
ATOM   291  O OD1 . ASP A 1 42  ? 1.202   3.899   6.013   1.00 23.55 ? 42  ASP A OD1 1 
ATOM   292  O OD2 . ASP A 1 42  ? -0.609  5.096   5.680   1.00 23.56 ? 42  ASP A OD2 1 
ATOM   293  N N   . PHE A 1 43  ? -0.829  -0.498  6.286   1.00 13.95 ? 43  PHE A N   1 
ATOM   294  C CA  . PHE A 1 43  ? -1.414  -1.691  6.891   1.00 13.73 ? 43  PHE A CA  1 
ATOM   295  C C   . PHE A 1 43  ? -1.210  -1.561  8.394   1.00 14.62 ? 43  PHE A C   1 
ATOM   296  O O   . PHE A 1 43  ? -0.068  -1.611  8.873   1.00 15.04 ? 43  PHE A O   1 
ATOM   297  C CB  . PHE A 1 43  ? -0.699  -2.961  6.436   1.00 14.96 ? 43  PHE A CB  1 
ATOM   298  C CG  . PHE A 1 43  ? -0.917  -3.359  4.995   1.00 15.43 ? 43  PHE A CG  1 
ATOM   299  C CD1 . PHE A 1 43  ? -1.537  -2.530  4.070   1.00 16.00 ? 43  PHE A CD1 1 
ATOM   300  C CD2 . PHE A 1 43  ? -0.465  -4.604  4.578   1.00 15.17 ? 43  PHE A CD2 1 
ATOM   301  C CE1 . PHE A 1 43  ? -1.688  -2.945  2.735   1.00 17.25 ? 43  PHE A CE1 1 
ATOM   302  C CE2 . PHE A 1 43  ? -0.612  -5.027  3.270   1.00 16.37 ? 43  PHE A CE2 1 
ATOM   303  C CZ  . PHE A 1 43  ? -1.235  -4.196  2.344   1.00 16.58 ? 43  PHE A CZ  1 
ATOM   304  N N   . TYR A 1 44  ? -2.305  -1.426  9.134   1.00 13.51 ? 44  TYR A N   1 
ATOM   305  C CA  . TYR A 1 44  ? -2.278  -1.192  10.573  1.00 13.95 ? 44  TYR A CA  1 
ATOM   306  C C   . TYR A 1 44  ? -2.617  -2.462  11.349  1.00 15.43 ? 44  TYR A C   1 
ATOM   307  O O   . TYR A 1 44  ? -3.415  -3.286  10.901  1.00 14.68 ? 44  TYR A O   1 
ATOM   308  C CB  . TYR A 1 44  ? -3.324  -0.141  10.927  1.00 15.71 ? 44  TYR A CB  1 
ATOM   309  C CG  . TYR A 1 44  ? -2.999  1.291   10.576  1.00 16.23 ? 44  TYR A CG  1 
ATOM   310  C CD1 . TYR A 1 44  ? -2.249  2.074   11.440  1.00 19.57 ? 44  TYR A CD1 1 
ATOM   311  C CD2 . TYR A 1 44  ? -3.483  1.872   9.411   1.00 21.01 ? 44  TYR A CD2 1 
ATOM   312  C CE1 . TYR A 1 44  ? -1.969  3.397   11.157  1.00 21.52 ? 44  TYR A CE1 1 
ATOM   313  C CE2 . TYR A 1 44  ? -3.205  3.213   9.111   1.00 20.95 ? 44  TYR A CE2 1 
ATOM   314  C CZ  . TYR A 1 44  ? -2.445  3.958   9.998   1.00 21.33 ? 44  TYR A CZ  1 
ATOM   315  O OH  . TYR A 1 44  ? -2.159  5.288   9.733   1.00 26.49 ? 44  TYR A OH  1 
ATOM   316  N N   . THR A 1 45  ? -2.032  -2.589  12.542  1.00 16.34 ? 45  THR A N   1 
ATOM   317  C CA  . THR A 1 45  ? -2.296  -3.737  13.406  1.00 15.75 ? 45  THR A CA  1 
ATOM   318  C C   . THR A 1 45  ? -3.543  -3.560  14.263  1.00 16.92 ? 45  THR A C   1 
ATOM   319  O O   . THR A 1 45  ? -4.003  -4.534  14.865  1.00 17.75 ? 45  THR A O   1 
ATOM   320  C CB  . THR A 1 45  ? -1.086  -4.057  14.300  1.00 16.79 ? 45  THR A CB  1 
ATOM   321  O OG1 . THR A 1 45  ? -0.792  -2.937  15.145  1.00 19.63 ? 45  THR A OG1 1 
ATOM   322  C CG2 . THR A 1 45  ? 0.146   -4.385  13.458  1.00 17.06 ? 45  THR A CG2 1 
ATOM   323  N N   . GLU A 1 46  ? -4.106  -2.361  14.314  1.00 16.55 ? 46  GLU A N   1 
ATOM   324  C CA  . GLU A 1 46  ? -5.364  -2.135  14.999  1.00 19.27 ? 46  GLU A CA  1 
ATOM   325  C C   . GLU A 1 46  ? -6.196  -1.190  14.161  1.00 19.16 ? 46  GLU A C   1 
ATOM   326  O O   . GLU A 1 46  ? -5.690  -0.519  13.261  1.00 17.81 ? 46  GLU A O   1 
ATOM   327  C CB  . GLU A 1 46  ? -5.164  -1.540  16.402  1.00 19.62 ? 46  GLU A CB  1 
ATOM   328  C CG  . GLU A 1 46  ? -4.331  -2.398  17.339  1.00 25.84 ? 46  GLU A CG  1 
ATOM   329  C CD  . GLU A 1 46  ? -5.033  -3.691  17.699  1.00 33.37 ? 46  GLU A CD  1 
ATOM   330  O OE1 . GLU A 1 46  ? -6.286  -3.713  17.690  1.00 31.63 ? 46  GLU A OE1 1 
ATOM   331  O OE2 . GLU A 1 46  ? -4.334  -4.689  17.986  1.00 40.99 ? 46  GLU A OE2 1 
ATOM   332  N N   . MET A 1 47  ? -7.484  -1.124  14.473  1.00 18.13 ? 47  MET A N   1 
ATOM   333  C CA  . MET A 1 47  ? -8.365  -0.197  13.780  1.00 21.32 ? 47  MET A CA  1 
ATOM   334  C C   . MET A 1 47  ? -8.177  1.200   14.350  1.00 20.69 ? 47  MET A C   1 
ATOM   335  O O   . MET A 1 47  ? -9.141  1.844   14.776  1.00 21.71 ? 47  MET A O   1 
ATOM   336  C CB  . MET A 1 47  ? -9.807  -0.670  13.924  1.00 23.77 ? 47  MET A CB  1 
ATOM   337  C CG  . MET A 1 47  ? -9.973  -2.109  13.497  1.00 27.29 ? 47  MET A CG  1 
ATOM   338  S SD  . MET A 1 47  ? -10.678 -2.207  11.852  1.00 39.85 ? 47  MET A SD  1 
ATOM   339  C CE  . MET A 1 47  ? -12.396 -2.133  12.298  1.00 27.37 ? 47  MET A CE  1 
ATOM   340  N N   . ASN A 1 48  ? -6.932  1.674   14.354  1.00 18.48 ? 48  ASN A N   1 
ATOM   341  C CA  . ASN A 1 48  ? -6.541  2.875   15.078  1.00 22.03 ? 48  ASN A CA  1 
ATOM   342  C C   . ASN A 1 48  ? -5.251  3.380   14.450  1.00 20.50 ? 48  ASN A C   1 
ATOM   343  O O   . ASN A 1 48  ? -4.306  2.605   14.279  1.00 22.01 ? 48  ASN A O   1 
ATOM   344  C CB  . ASN A 1 48  ? -6.331  2.533   16.558  1.00 20.84 ? 48  ASN A CB  1 
ATOM   345  C CG  . ASN A 1 48  ? -5.953  3.734   17.396  1.00 20.96 ? 48  ASN A CG  1 
ATOM   346  O OD1 . ASN A 1 48  ? -4.957  4.398   17.126  1.00 21.04 ? 48  ASN A OD1 1 
ATOM   347  N ND2 . ASN A 1 48  ? -6.750  4.021   18.426  1.00 23.88 ? 48  ASN A ND2 1 
ATOM   348  N N   . GLU A 1 49  ? -5.223  4.663   14.085  1.00 20.83 ? 49  GLU A N   1 
ATOM   349  C CA  . GLU A 1 49  ? -4.092  5.208   13.340  1.00 23.24 ? 49  GLU A CA  1 
ATOM   350  C C   . GLU A 1 49  ? -2.822  5.353   14.169  1.00 22.00 ? 49  GLU A C   1 
ATOM   351  O O   . GLU A 1 49  ? -1.761  5.608   13.591  1.00 22.54 ? 49  GLU A O   1 
ATOM   352  C CB  . GLU A 1 49  ? -4.480  6.536   12.691  1.00 24.07 ? 49  GLU A CB  1 
ATOM   353  C CG  . GLU A 1 49  ? -5.408  6.355   11.515  1.00 25.99 ? 49  GLU A CG  1 
ATOM   354  C CD  . GLU A 1 49  ? -5.973  7.660   11.013  1.00 33.52 ? 49  GLU A CD  1 
ATOM   355  O OE1 . GLU A 1 49  ? -5.564  8.729   11.522  1.00 35.47 ? 49  GLU A OE1 1 
ATOM   356  O OE2 . GLU A 1 49  ? -6.826  7.611   10.109  1.00 31.02 ? 49  GLU A OE2 1 
ATOM   357  N N   . ASP A 1 50  ? -2.892  5.183   15.487  1.00 19.73 ? 50  ASP A N   1 
ATOM   358  C CA  . ASP A 1 50  ? -1.707  5.191   16.335  1.00 19.80 ? 50  ASP A CA  1 
ATOM   359  C C   . ASP A 1 50  ? -1.072  3.818   16.487  1.00 20.77 ? 50  ASP A C   1 
ATOM   360  O O   . ASP A 1 50  ? -0.017  3.715   17.116  1.00 20.95 ? 50  ASP A O   1 
ATOM   361  C CB  . ASP A 1 50  ? -2.039  5.740   17.729  1.00 23.65 ? 50  ASP A CB  1 
ATOM   362  C CG  . ASP A 1 50  ? -2.465  7.195   17.699  1.00 30.35 ? 50  ASP A CG  1 
ATOM   363  O OD1 . ASP A 1 50  ? -2.003  7.932   16.807  1.00 32.74 ? 50  ASP A OD1 1 
ATOM   364  O OD2 . ASP A 1 50  ? -3.255  7.596   18.584  1.00 40.73 ? 50  ASP A OD2 1 
ATOM   365  N N   . SER A 1 51  ? -1.677  2.768   15.928  1.00 16.59 ? 51  SER A N   1 
ATOM   366  C CA  . SER A 1 51  ? -1.162  1.418   16.067  1.00 15.22 ? 51  SER A CA  1 
ATOM   367  C C   . SER A 1 51  ? 0.057   1.201   15.164  1.00 17.09 ? 51  SER A C   1 
ATOM   368  O O   . SER A 1 51  ? 0.499   2.105   14.453  1.00 19.74 ? 51  SER A O   1 
ATOM   369  C CB  . SER A 1 51  ? -2.275  0.397   15.812  1.00 16.73 ? 51  SER A CB  1 
ATOM   370  O OG  . SER A 1 51  ? -2.661  0.382   14.446  1.00 17.03 ? 51  SER A OG  1 
ATOM   371  N N   . GLU A 1 52  ? 0.608   -0.012  15.210  1.00 16.99 ? 52  GLU A N   1 
ATOM   372  C CA  . GLU A 1 52  ? 1.774   -0.353  14.400  1.00 16.23 ? 52  GLU A CA  1 
ATOM   373  C C   . GLU A 1 52  ? 1.392   -0.417  12.931  1.00 16.04 ? 52  GLU A C   1 
ATOM   374  O O   . GLU A 1 52  ? 0.317   -0.902  12.569  1.00 17.05 ? 52  GLU A O   1 
ATOM   375  C CB  . GLU A 1 52  ? 2.340   -1.713  14.808  1.00 19.11 ? 52  GLU A CB  1 
ATOM   376  C CG  . GLU A 1 52  ? 2.318   -1.972  16.290  1.00 24.77 ? 52  GLU A CG  1 
ATOM   377  C CD  . GLU A 1 52  ? 3.337   -1.139  17.009  1.00 26.89 ? 52  GLU A CD  1 
ATOM   378  O OE1 . GLU A 1 52  ? 4.545   -1.359  16.768  1.00 26.53 ? 52  GLU A OE1 1 
ATOM   379  O OE2 . GLU A 1 52  ? 2.927   -0.279  17.824  1.00 29.05 ? 52  GLU A OE2 1 
ATOM   380  N N   . ILE A 1 53  ? 2.275   0.083   12.083  1.00 15.05 ? 53  ILE A N   1 
ATOM   381  C CA  . ILE A 1 53  ? 2.111   -0.035  10.641  1.00 15.56 ? 53  ILE A CA  1 
ATOM   382  C C   . ILE A 1 53  ? 3.076   -1.104  10.152  1.00 14.90 ? 53  ILE A C   1 
ATOM   383  O O   . ILE A 1 53  ? 4.293   -0.900  10.131  1.00 15.02 ? 53  ILE A O   1 
ATOM   384  C CB  . ILE A 1 53  ? 2.318   1.307   9.936   1.00 14.75 ? 53  ILE A CB  1 
ATOM   385  C CG1 . ILE A 1 53  ? 1.334   2.334   10.516  1.00 16.78 ? 53  ILE A CG1 1 
ATOM   386  C CG2 . ILE A 1 53  ? 2.123   1.127   8.424   1.00 14.20 ? 53  ILE A CG2 1 
ATOM   387  C CD1 . ILE A 1 53  ? 1.483   3.730   9.943   1.00 16.36 ? 53  ILE A CD1 1 
ATOM   388  N N   . ALA A 1 54  ? 2.533   -2.277  9.825   1.00 14.54 ? 54  ALA A N   1 
ATOM   389  C CA  . ALA A 1 54  ? 3.357   -3.376  9.340   1.00 14.88 ? 54  ALA A CA  1 
ATOM   390  C C   . ALA A 1 54  ? 3.917   -3.088  7.959   1.00 16.05 ? 54  ALA A C   1 
ATOM   391  O O   . ALA A 1 54  ? 4.981   -3.598  7.607   1.00 16.07 ? 54  ALA A O   1 
ATOM   392  C CB  . ALA A 1 54  ? 2.530   -4.662  9.287   1.00 15.88 ? 54  ALA A CB  1 
ATOM   393  N N   . PHE A 1 55  ? 3.201   -2.305  7.158   1.00 15.00 ? 55  PHE A N   1 
ATOM   394  C CA  . PHE A 1 55  ? 3.597   -2.053  5.783   1.00 13.88 ? 55  PHE A CA  1 
ATOM   395  C C   . PHE A 1 55  ? 3.048   -0.702  5.374   1.00 14.35 ? 55  PHE A C   1 
ATOM   396  O O   . PHE A 1 55  ? 1.855   -0.431  5.541   1.00 16.30 ? 55  PHE A O   1 
ATOM   397  C CB  . PHE A 1 55  ? 3.044   -3.119  4.834   1.00 14.40 ? 55  PHE A CB  1 
ATOM   398  C CG  . PHE A 1 55  ? 3.439   -2.907  3.399   1.00 15.93 ? 55  PHE A CG  1 
ATOM   399  C CD1 . PHE A 1 55  ? 4.756   -3.102  3.002   1.00 18.23 ? 55  PHE A CD1 1 
ATOM   400  C CD2 . PHE A 1 55  ? 2.507   -2.499  2.453   1.00 17.69 ? 55  PHE A CD2 1 
ATOM   401  C CE1 . PHE A 1 55  ? 5.137   -2.903  1.676   1.00 16.37 ? 55  PHE A CE1 1 
ATOM   402  C CE2 . PHE A 1 55  ? 2.885   -2.299  1.120   1.00 19.29 ? 55  PHE A CE2 1 
ATOM   403  C CZ  . PHE A 1 55  ? 4.196   -2.502  0.739   1.00 16.92 ? 55  PHE A CZ  1 
ATOM   404  N N   . HIS A 1 56  ? 3.925   0.138   4.848   1.00 14.27 ? 56  HIS A N   1 
ATOM   405  C CA  . HIS A 1 56  ? 3.591   1.482   4.428   1.00 12.81 ? 56  HIS A CA  1 
ATOM   406  C C   . HIS A 1 56  ? 4.198   1.653   3.051   1.00 15.62 ? 56  HIS A C   1 
ATOM   407  O O   . HIS A 1 56  ? 5.360   1.302   2.843   1.00 15.09 ? 56  HIS A O   1 
ATOM   408  C CB  . HIS A 1 56  ? 4.205   2.482   5.408   1.00 16.31 ? 56  HIS A CB  1 
ATOM   409  C CG  . HIS A 1 56  ? 4.351   3.864   4.858   1.00 17.24 ? 56  HIS A CG  1 
ATOM   410  N ND1 . HIS A 1 56  ? 3.336   4.794   4.908   1.00 18.26 ? 56  HIS A ND1 1 
ATOM   411  C CD2 . HIS A 1 56  ? 5.406   4.479   4.277   1.00 20.34 ? 56  HIS A CD2 1 
ATOM   412  C CE1 . HIS A 1 56  ? 3.752   5.921   4.353   1.00 20.18 ? 56  HIS A CE1 1 
ATOM   413  N NE2 . HIS A 1 56  ? 5.004   5.756   3.965   1.00 20.36 ? 56  HIS A NE2 1 
ATOM   414  N N   . LEU A 1 57  ? 3.407   2.152   2.116   1.00 14.03 ? 57  LEU A N   1 
ATOM   415  C CA  . LEU A 1 57  ? 3.884   2.417   0.766   1.00 13.86 ? 57  LEU A CA  1 
ATOM   416  C C   . LEU A 1 57  ? 3.402   3.792   0.348   1.00 16.37 ? 57  LEU A C   1 
ATOM   417  O O   . LEU A 1 57  ? 2.222   4.116   0.515   1.00 16.73 ? 57  LEU A O   1 
ATOM   418  C CB  . LEU A 1 57  ? 3.364   1.365   -0.219  1.00 15.82 ? 57  LEU A CB  1 
ATOM   419  C CG  . LEU A 1 57  ? 3.742   1.511   -1.697  1.00 15.25 ? 57  LEU A CG  1 
ATOM   420  C CD1 . LEU A 1 57  ? 3.886   0.128   -2.284  1.00 19.74 ? 57  LEU A CD1 1 
ATOM   421  C CD2 . LEU A 1 57  ? 2.713   2.308   -2.478  1.00 17.93 ? 57  LEU A CD2 1 
ATOM   422  N N   . ASN A 1 58  ? 4.294   4.600   -0.208  1.00 16.01 ? 58  ASN A N   1 
ATOM   423  C CA  . ASN A 1 58  ? 3.824   5.842   -0.796  1.00 15.35 ? 58  ASN A CA  1 
ATOM   424  C C   . ASN A 1 58  ? 4.496   6.058   -2.139  1.00 16.72 ? 58  ASN A C   1 
ATOM   425  O O   . ASN A 1 58  ? 5.596   5.562   -2.389  1.00 17.87 ? 58  ASN A O   1 
ATOM   426  C CB  . ASN A 1 58  ? 3.949   7.050   0.135   1.00 20.63 ? 58  ASN A CB  1 
ATOM   427  C CG  . ASN A 1 58  ? 5.353   7.519   0.295   1.00 22.54 ? 58  ASN A CG  1 
ATOM   428  O OD1 . ASN A 1 58  ? 5.923   8.109   -0.620  1.00 25.00 ? 58  ASN A OD1 1 
ATOM   429  N ND2 . ASN A 1 58  ? 5.934   7.274   1.467   1.00 23.68 ? 58  ASN A ND2 1 
ATOM   430  N N   . VAL A 1 59  ? 3.801   6.781   -3.007  1.00 15.81 ? 59  VAL A N   1 
ATOM   431  C CA  . VAL A 1 59  ? 4.247   7.026   -4.372  1.00 15.53 ? 59  VAL A CA  1 
ATOM   432  C C   . VAL A 1 59  ? 4.531   8.508   -4.516  1.00 16.71 ? 59  VAL A C   1 
ATOM   433  O O   . VAL A 1 59  ? 3.689   9.341   -4.165  1.00 17.25 ? 59  VAL A O   1 
ATOM   434  C CB  . VAL A 1 59  ? 3.181   6.583   -5.382  1.00 15.44 ? 59  VAL A CB  1 
ATOM   435  C CG1 . VAL A 1 59  ? 3.618   6.936   -6.815  1.00 16.77 ? 59  VAL A CG1 1 
ATOM   436  C CG2 . VAL A 1 59  ? 2.919   5.082   -5.238  1.00 15.99 ? 59  VAL A CG2 1 
ATOM   437  N N   . HIS A 1 60  ? 5.716   8.830   -5.033  1.00 17.97 ? 60  HIS A N   1 
ATOM   438  C CA  . HIS A 1 60  ? 6.060   10.178  -5.484  1.00 18.84 ? 60  HIS A CA  1 
ATOM   439  C C   . HIS A 1 60  ? 6.294   10.061  -6.985  1.00 19.64 ? 60  HIS A C   1 
ATOM   440  O O   . HIS A 1 60  ? 7.356   9.597   -7.415  1.00 21.69 ? 60  HIS A O   1 
ATOM   441  C CB  . HIS A 1 60  ? 7.311   10.672  -4.783  1.00 19.85 ? 60  HIS A CB  1 
ATOM   442  C CG  . HIS A 1 60  ? 7.093   10.982  -3.340  1.00 22.59 ? 60  HIS A CG  1 
ATOM   443  N ND1 . HIS A 1 60  ? 6.607   12.195  -2.907  1.00 25.97 ? 60  HIS A ND1 1 
ATOM   444  C CD2 . HIS A 1 60  ? 7.265   10.224  -2.234  1.00 24.81 ? 60  HIS A CD2 1 
ATOM   445  C CE1 . HIS A 1 60  ? 6.503   12.176  -1.589  1.00 26.84 ? 60  HIS A CE1 1 
ATOM   446  N NE2 . HIS A 1 60  ? 6.897   10.991  -1.157  1.00 26.22 ? 60  HIS A NE2 1 
ATOM   447  N N   . LEU A 1 61  ? 5.288   10.462  -7.766  1.00 18.52 ? 61  LEU A N   1 
ATOM   448  C CA  . LEU A 1 61  ? 5.335   10.317  -9.216  1.00 21.10 ? 61  LEU A CA  1 
ATOM   449  C C   . LEU A 1 61  ? 6.633   10.886  -9.773  1.00 24.01 ? 61  LEU A C   1 
ATOM   450  O O   . LEU A 1 61  ? 7.103   11.944  -9.347  1.00 23.57 ? 61  LEU A O   1 
ATOM   451  C CB  . LEU A 1 61  ? 4.146   11.045  -9.839  1.00 21.06 ? 61  LEU A CB  1 
ATOM   452  C CG  . LEU A 1 61  ? 2.778   10.382  -9.685  1.00 21.81 ? 61  LEU A CG  1 
ATOM   453  C CD1 . LEU A 1 61  ? 1.690   11.303  -10.217 1.00 25.13 ? 61  LEU A CD1 1 
ATOM   454  C CD2 . LEU A 1 61  ? 2.741   9.025   -10.382 1.00 24.36 ? 61  LEU A CD2 1 
ATOM   455  N N   . GLY A 1 62  ? 7.219   10.156  -10.719 1.00 25.92 ? 62  GLY A N   1 
ATOM   456  C CA  . GLY A 1 62  ? 8.458   10.557  -11.353 1.00 23.94 ? 62  GLY A CA  1 
ATOM   457  C C   . GLY A 1 62  ? 9.681   10.553  -10.464 1.00 28.73 ? 62  GLY A C   1 
ATOM   458  O O   . GLY A 1 62  ? 10.749  10.983  -10.917 1.00 30.02 ? 62  GLY A O   1 
ATOM   459  N N   . ARG A 1 63  ? 9.574   10.088  -9.215  1.00 23.57 ? 63  ARG A N   1 
ATOM   460  C CA  . ARG A 1 63  ? 10.722  10.123  -8.316  1.00 21.62 ? 63  ARG A CA  1 
ATOM   461  C C   . ARG A 1 63  ? 10.964  8.784   -7.631  1.00 21.50 ? 63  ARG A C   1 
ATOM   462  O O   . ARG A 1 63  ? 11.993  8.142   -7.862  1.00 23.00 ? 63  ARG A O   1 
ATOM   463  C CB  . ARG A 1 63  ? 10.588  11.244  -7.281  1.00 25.67 ? 63  ARG A CB  1 
ATOM   464  C CG  . ARG A 1 63  ? 10.176  12.572  -7.871  1.00 33.62 ? 63  ARG A CG  1 
ATOM   465  C CD  . ARG A 1 63  ? 10.651  13.753  -7.022  1.00 38.29 ? 63  ARG A CD  1 
ATOM   466  N NE  . ARG A 1 63  ? 10.081  15.049  -7.417  1.00 43.85 ? 63  ARG A NE  1 
ATOM   467  C CZ  . ARG A 1 63  ? 9.992   15.528  -8.661  1.00 45.01 ? 63  ARG A CZ  1 
ATOM   468  N NH1 . ARG A 1 63  ? 10.453  14.848  -9.708  1.00 51.30 ? 63  ARG A NH1 1 
ATOM   469  N NH2 . ARG A 1 63  ? 9.448   16.720  -8.860  1.00 45.16 ? 63  ARG A NH2 1 
ATOM   470  N N   . ARG A 1 64  ? 10.042  8.342   -6.783  1.00 18.86 ? 64  ARG A N   1 
ATOM   471  C CA  . ARG A 1 64  ? 10.338  7.140   -6.016  1.00 20.48 ? 64  ARG A CA  1 
ATOM   472  C C   . ARG A 1 64  ? 9.058   6.518   -5.478  1.00 19.12 ? 64  ARG A C   1 
ATOM   473  O O   . ARG A 1 64  ? 8.019   7.173   -5.359  1.00 19.15 ? 64  ARG A O   1 
ATOM   474  C CB  . ARG A 1 64  ? 11.326  7.421   -4.878  1.00 22.53 ? 64  ARG A CB  1 
ATOM   475  C CG  . ARG A 1 64  ? 10.797  8.420   -3.854  1.00 19.60 ? 64  ARG A CG  1 
ATOM   476  C CD  . ARG A 1 64  ? 11.758  8.642   -2.695  1.00 24.08 ? 64  ARG A CD  1 
ATOM   477  N NE  . ARG A 1 64  ? 11.240  9.662   -1.780  1.00 27.48 ? 64  ARG A NE  1 
ATOM   478  C CZ  . ARG A 1 64  ? 11.468  9.689   -0.470  1.00 29.33 ? 64  ARG A CZ  1 
ATOM   479  N NH1 . ARG A 1 64  ? 12.191  8.739   0.117   1.00 25.74 ? 64  ARG A NH1 1 
ATOM   480  N NH2 . ARG A 1 64  ? 10.954  10.667  0.263   1.00 33.08 ? 64  ARG A NH2 1 
ATOM   481  N N   . VAL A 1 65  ? 9.152   5.222   -5.205  1.00 16.50 ? 65  VAL A N   1 
ATOM   482  C CA  . VAL A 1 65  ? 8.206   4.501   -4.366  1.00 18.36 ? 65  VAL A CA  1 
ATOM   483  C C   . VAL A 1 65  ? 8.918   4.215   -3.054  1.00 19.48 ? 65  VAL A C   1 
ATOM   484  O O   . VAL A 1 65  ? 10.029  3.668   -3.045  1.00 18.27 ? 65  VAL A O   1 
ATOM   485  C CB  . VAL A 1 65  ? 7.734   3.199   -5.033  1.00 17.04 ? 65  VAL A CB  1 
ATOM   486  C CG1 . VAL A 1 65  ? 6.771   2.463   -4.099  1.00 19.17 ? 65  VAL A CG1 1 
ATOM   487  C CG2 . VAL A 1 65  ? 7.063   3.491   -6.369  1.00 19.47 ? 65  VAL A CG2 1 
ATOM   488  N N   . VAL A 1 66  ? 8.283   4.590   -1.947  1.00 15.78 ? 66  VAL A N   1 
ATOM   489  C CA  . VAL A 1 66  ? 8.858   4.496   -0.608  1.00 17.41 ? 66  VAL A CA  1 
ATOM   490  C C   . VAL A 1 66  ? 8.092   3.434   0.164   1.00 15.82 ? 66  VAL A C   1 
ATOM   491  O O   . VAL A 1 66  ? 6.858   3.434   0.153   1.00 17.64 ? 66  VAL A O   1 
ATOM   492  C CB  . VAL A 1 66  ? 8.738   5.848   0.113   1.00 17.84 ? 66  VAL A CB  1 
ATOM   493  C CG1 . VAL A 1 66  ? 9.420   5.808   1.484   1.00 21.36 ? 66  VAL A CG1 1 
ATOM   494  C CG2 . VAL A 1 66  ? 9.294   6.966   -0.754  1.00 24.74 ? 66  VAL A CG2 1 
ATOM   495  N N   . MET A 1 67  ? 8.813   2.534   0.827   1.00 15.27 ? 67  MET A N   1 
ATOM   496  C CA  . MET A 1 67  ? 8.190   1.551   1.706   1.00 18.18 ? 67  MET A CA  1 
ATOM   497  C C   . MET A 1 67  ? 8.863   1.547   3.073   1.00 15.69 ? 67  MET A C   1 
ATOM   498  O O   . MET A 1 67  ? 10.066  1.786   3.200   1.00 17.41 ? 67  MET A O   1 
ATOM   499  C CB  . MET A 1 67  ? 8.200   0.152   1.091   1.00 17.04 ? 67  MET A CB  1 
ATOM   500  C CG  . MET A 1 67  ? 7.182   0.014   -0.051  1.00 17.09 ? 67  MET A CG  1 
ATOM   501  S SD  . MET A 1 67  ? 7.636   -1.333  -1.149  1.00 19.51 ? 67  MET A SD  1 
ATOM   502  C CE  . MET A 1 67  ? 9.065   -0.582  -1.913  1.00 22.85 ? 67  MET A CE  1 
ATOM   503  N N   . ASN A 1 68  ? 8.082   1.276   4.110   1.00 15.08 ? 68  ASN A N   1 
ATOM   504  C CA  . ASN A 1 68  ? 8.649   1.249   5.452   1.00 16.00 ? 68  ASN A CA  1 
ATOM   505  C C   . ASN A 1 68  ? 7.624   0.585   6.358   1.00 15.08 ? 68  ASN A C   1 
ATOM   506  O O   . ASN A 1 68  ? 6.543   0.178   5.910   1.00 15.26 ? 68  ASN A O   1 
ATOM   507  C CB  . ASN A 1 68  ? 8.977   2.667   5.942   1.00 16.28 ? 68  ASN A CB  1 
ATOM   508  C CG  . ASN A 1 68  ? 10.119  2.699   6.942   1.00 14.17 ? 68  ASN A CG  1 
ATOM   509  O OD1 . ASN A 1 68  ? 10.443  1.692   7.565   1.00 18.53 ? 68  ASN A OD1 1 
ATOM   510  N ND2 . ASN A 1 68  ? 10.724  3.871   7.108   1.00 17.34 ? 68  ASN A ND2 1 
ATOM   511  N N   . SER A 1 69  ? 7.964   0.494   7.640   1.00 15.77 ? 69  SER A N   1 
ATOM   512  C CA  . SER A 1 69  ? 7.029   0.125   8.687   1.00 12.84 ? 69  SER A CA  1 
ATOM   513  C C   . SER A 1 69  ? 7.126   1.186   9.771   1.00 14.72 ? 69  SER A C   1 
ATOM   514  O O   . SER A 1 69  ? 8.102   1.935   9.838   1.00 15.72 ? 69  SER A O   1 
ATOM   515  C CB  . SER A 1 69  ? 7.394   -1.223  9.318   1.00 15.60 ? 69  SER A CB  1 
ATOM   516  O OG  . SER A 1 69  ? 8.738   -1.177  9.796   1.00 17.04 ? 69  SER A OG  1 
ATOM   517  N N   . ARG A 1 70  ? 6.121   1.247   10.637  1.00 15.94 ? 70  ARG A N   1 
ATOM   518  C CA  . ARG A 1 70  ? 6.172   2.118   11.808  1.00 16.24 ? 70  ARG A CA  1 
ATOM   519  C C   . ARG A 1 70  ? 5.941   1.258   13.044  1.00 15.40 ? 70  ARG A C   1 
ATOM   520  O O   . ARG A 1 70  ? 4.834   0.760   13.269  1.00 16.51 ? 70  ARG A O   1 
ATOM   521  C CB  . ARG A 1 70  ? 5.176   3.274   11.722  1.00 17.23 ? 70  ARG A CB  1 
ATOM   522  C CG  . ARG A 1 70  ? 5.535   4.409   12.690  1.00 15.75 ? 70  ARG A CG  1 
ATOM   523  C CD  . ARG A 1 70  ? 4.428   5.432   12.757  1.00 17.61 ? 70  ARG A CD  1 
ATOM   524  N NE  . ARG A 1 70  ? 3.219   4.843   13.317  1.00 17.63 ? 70  ARG A NE  1 
ATOM   525  C CZ  . ARG A 1 70  ? 2.029   5.414   13.235  1.00 18.81 ? 70  ARG A CZ  1 
ATOM   526  N NH1 . ARG A 1 70  ? 1.911   6.588   12.623  1.00 18.96 ? 70  ARG A NH1 1 
ATOM   527  N NH2 . ARG A 1 70  ? 0.965   4.807   13.744  1.00 19.22 ? 70  ARG A NH2 1 
ATOM   528  N N   . GLU A 1 71  ? 6.998   1.028   13.808  1.00 16.47 ? 71  GLU A N   1 
ATOM   529  C CA  . GLU A 1 71  ? 6.966   0.068   14.896  1.00 17.50 ? 71  GLU A CA  1 
ATOM   530  C C   . GLU A 1 71  ? 7.274   0.814   16.176  1.00 18.74 ? 71  GLU A C   1 
ATOM   531  O O   . GLU A 1 71  ? 8.262   1.550   16.239  1.00 18.35 ? 71  GLU A O   1 
ATOM   532  C CB  . GLU A 1 71  ? 7.983   -1.042  14.670  1.00 18.06 ? 71  GLU A CB  1 
ATOM   533  C CG  . GLU A 1 71  ? 7.740   -1.778  13.360  1.00 19.69 ? 71  GLU A CG  1 
ATOM   534  C CD  . GLU A 1 71  ? 8.830   -2.756  13.037  1.00 23.58 ? 71  GLU A CD  1 
ATOM   535  O OE1 . GLU A 1 71  ? 9.175   -3.558  13.929  1.00 23.11 ? 71  GLU A OE1 1 
ATOM   536  O OE2 . GLU A 1 71  ? 9.337   -2.731  11.890  1.00 18.66 ? 71  GLU A OE2 1 
ATOM   537  N N   . PHE A 1 72  ? 6.423   0.634   17.179  1.00 18.29 ? 72  PHE A N   1 
ATOM   538  C CA  . PHE A 1 72  ? 6.569   1.368   18.436  1.00 20.28 ? 72  PHE A CA  1 
ATOM   539  C C   . PHE A 1 72  ? 6.724   2.865   18.179  1.00 19.42 ? 72  PHE A C   1 
ATOM   540  O O   . PHE A 1 72  ? 7.548   3.548   18.794  1.00 22.30 ? 72  PHE A O   1 
ATOM   541  C CB  . PHE A 1 72  ? 7.712   0.796   19.278  1.00 22.59 ? 72  PHE A CB  1 
ATOM   542  C CG  . PHE A 1 72  ? 7.409   -0.557  19.853  1.00 24.65 ? 72  PHE A CG  1 
ATOM   543  C CD1 . PHE A 1 72  ? 7.537   -1.698  19.088  1.00 25.71 ? 72  PHE A CD1 1 
ATOM   544  C CD2 . PHE A 1 72  ? 6.980   -0.685  21.162  1.00 29.13 ? 72  PHE A CD2 1 
ATOM   545  C CE1 . PHE A 1 72  ? 7.245   -2.942  19.615  1.00 24.91 ? 72  PHE A CE1 1 
ATOM   546  C CE2 . PHE A 1 72  ? 6.692   -1.935  21.693  1.00 31.71 ? 72  PHE A CE2 1 
ATOM   547  C CZ  . PHE A 1 72  ? 6.830   -3.063  20.918  1.00 29.46 ? 72  PHE A CZ  1 
ATOM   548  N N   . GLY A 1 73  ? 5.933   3.373   17.235  1.00 19.38 ? 73  GLY A N   1 
ATOM   549  C CA  . GLY A 1 73  ? 5.885   4.779   16.903  1.00 18.52 ? 73  GLY A CA  1 
ATOM   550  C C   . GLY A 1 73  ? 6.977   5.282   15.979  1.00 21.58 ? 73  GLY A C   1 
ATOM   551  O O   . GLY A 1 73  ? 6.941   6.461   15.603  1.00 21.86 ? 73  GLY A O   1 
ATOM   552  N N   . ILE A 1 74  ? 7.931   4.434   15.584  1.00 17.79 ? 74  ILE A N   1 
ATOM   553  C CA  . ILE A 1 74  ? 9.146   4.858   14.885  1.00 18.25 ? 74  ILE A CA  1 
ATOM   554  C C   . ILE A 1 74  ? 9.119   4.342   13.449  1.00 16.50 ? 74  ILE A C   1 
ATOM   555  O O   . ILE A 1 74  ? 8.887   3.148   13.219  1.00 17.38 ? 74  ILE A O   1 
ATOM   556  C CB  . ILE A 1 74  ? 10.394  4.334   15.622  1.00 16.42 ? 74  ILE A CB  1 
ATOM   557  C CG1 . ILE A 1 74  ? 10.470  4.948   17.020  1.00 21.38 ? 74  ILE A CG1 1 
ATOM   558  C CG2 . ILE A 1 74  ? 11.670  4.639   14.861  1.00 22.30 ? 74  ILE A CG2 1 
ATOM   559  C CD1 . ILE A 1 74  ? 10.253  6.451   17.005  1.00 18.30 ? 74  ILE A CD1 1 
ATOM   560  N N   . TRP A 1 75  ? 9.368   5.236   12.487  1.00 15.40 ? 75  TRP A N   1 
ATOM   561  C CA  . TRP A 1 75  ? 9.604   4.795   11.115  1.00 14.66 ? 75  TRP A CA  1 
ATOM   562  C C   . TRP A 1 75  ? 10.937  4.068   11.051  1.00 18.97 ? 75  TRP A C   1 
ATOM   563  O O   . TRP A 1 75  ? 11.963  4.581   11.510  1.00 19.27 ? 75  TRP A O   1 
ATOM   564  C CB  . TRP A 1 75  ? 9.596   5.985   10.160  1.00 19.29 ? 75  TRP A CB  1 
ATOM   565  C CG  . TRP A 1 75  ? 8.228   6.548   10.013  1.00 18.69 ? 75  TRP A CG  1 
ATOM   566  C CD1 . TRP A 1 75  ? 7.776   7.735   10.496  1.00 20.98 ? 75  TRP A CD1 1 
ATOM   567  C CD2 . TRP A 1 75  ? 7.118   5.922   9.365   1.00 17.67 ? 75  TRP A CD2 1 
ATOM   568  N NE1 . TRP A 1 75  ? 6.445   7.897   10.179  1.00 24.20 ? 75  TRP A NE1 1 
ATOM   569  C CE2 . TRP A 1 75  ? 6.021   6.796   9.479   1.00 21.34 ? 75  TRP A CE2 1 
ATOM   570  C CE3 . TRP A 1 75  ? 6.955   4.716   8.677   1.00 17.59 ? 75  TRP A CE3 1 
ATOM   571  C CZ2 . TRP A 1 75  ? 4.768   6.492   8.942   1.00 20.06 ? 75  TRP A CZ2 1 
ATOM   572  C CZ3 . TRP A 1 75  ? 5.715   4.416   8.146   1.00 20.27 ? 75  TRP A CZ3 1 
ATOM   573  C CH2 . TRP A 1 75  ? 4.641   5.295   8.284   1.00 18.91 ? 75  TRP A CH2 1 
ATOM   574  N N   . MET A 1 76  ? 10.916  2.861   10.490  1.00 16.98 ? 76  MET A N   1 
ATOM   575  C CA  . MET A 1 76  ? 12.081  1.987   10.531  1.00 16.25 ? 76  MET A CA  1 
ATOM   576  C C   . MET A 1 76  ? 12.926  2.163   9.272   1.00 18.40 ? 76  MET A C   1 
ATOM   577  O O   . MET A 1 76  ? 13.039  3.279   8.758   1.00 17.12 ? 76  MET A O   1 
ATOM   578  C CB  . MET A 1 76  ? 11.639  0.541   10.781  1.00 19.43 ? 76  MET A CB  1 
ATOM   579  C CG  . MET A 1 76  ? 10.831  0.388   12.076  1.00 20.57 ? 76  MET A CG  1 
ATOM   580  S SD  . MET A 1 76  ? 11.786  0.783   13.571  1.00 20.93 ? 76  MET A SD  1 
ATOM   581  C CE  . MET A 1 76  ? 12.780  -0.700  13.738  1.00 22.31 ? 76  MET A CE  1 
ATOM   582  N N   . LEU A 1 77  ? 13.536  1.096   8.768   1.00 20.66 ? 77  LEU A N   1 
ATOM   583  C CA  . LEU A 1 77  ? 14.445  1.239   7.634   1.00 20.42 ? 77  LEU A CA  1 
ATOM   584  C C   . LEU A 1 77  ? 13.658  1.502   6.356   1.00 17.39 ? 77  LEU A C   1 
ATOM   585  O O   . LEU A 1 77  ? 12.869  0.663   5.918   1.00 21.01 ? 77  LEU A O   1 
ATOM   586  C CB  . LEU A 1 77  ? 15.298  -0.018  7.494   1.00 21.83 ? 77  LEU A CB  1 
ATOM   587  C CG  . LEU A 1 77  ? 16.227  -0.249  8.693   1.00 27.02 ? 77  LEU A CG  1 
ATOM   588  C CD1 . LEU A 1 77  ? 16.901  -1.615  8.643   1.00 32.49 ? 77  LEU A CD1 1 
ATOM   589  C CD2 . LEU A 1 77  ? 17.269  0.869   8.768   1.00 29.59 ? 77  LEU A CD2 1 
ATOM   590  N N   . GLU A 1 78  ? 13.860  2.675   5.767   1.00 17.49 ? 78  GLU A N   1 
ATOM   591  C CA  . GLU A 1 78  ? 13.156  3.045   4.558   1.00 19.30 ? 78  GLU A CA  1 
ATOM   592  C C   . GLU A 1 78  ? 13.753  2.294   3.379   1.00 21.33 ? 78  GLU A C   1 
ATOM   593  O O   . GLU A 1 78  ? 14.976  2.184   3.241   1.00 24.09 ? 78  GLU A O   1 
ATOM   594  C CB  . GLU A 1 78  ? 13.289  4.547   4.324   1.00 22.73 ? 78  GLU A CB  1 
ATOM   595  C CG  . GLU A 1 78  ? 12.350  5.111   3.298   1.00 25.31 ? 78  GLU A CG  1 
ATOM   596  C CD  . GLU A 1 78  ? 12.417  6.624   3.256   1.00 26.59 ? 78  GLU A CD  1 
ATOM   597  O OE1 . GLU A 1 78  ? 13.251  7.160   2.494   1.00 28.00 ? 78  GLU A OE1 1 
ATOM   598  O OE2 . GLU A 1 78  ? 11.644  7.275   3.999   1.00 25.52 ? 78  GLU A OE2 1 
ATOM   599  N N   . GLU A 1 79  ? 12.863  1.765   2.543   1.00 17.53 ? 79  GLU A N   1 
ATOM   600  C CA  . GLU A 1 79  ? 13.232  1.038   1.305   1.00 18.38 ? 79  GLU A CA  1 
ATOM   601  C C   . GLU A 1 79  ? 12.757  1.907   0.138   1.00 21.58 ? 79  GLU A C   1 
ATOM   602  O O   . GLU A 1 79  ? 11.563  2.177   0.064   1.00 22.35 ? 79  GLU A O   1 
ATOM   603  C CB  . GLU A 1 79  ? 12.566  -0.335  1.320   1.00 21.30 ? 79  GLU A CB  1 
ATOM   604  C CG  . GLU A 1 79  ? 13.544  -1.481  1.447   1.00 27.60 ? 79  GLU A CG  1 
ATOM   605  C CD  . GLU A 1 79  ? 13.826  -2.018  2.838   1.00 31.71 ? 79  GLU A CD  1 
ATOM   606  O OE1 . GLU A 1 79  ? 13.114  -2.938  3.288   1.00 35.11 ? 79  GLU A OE1 1 
ATOM   607  O OE2 . GLU A 1 79  ? 14.800  -1.553  3.443   1.00 30.38 ? 79  GLU A OE2 1 
ATOM   608  N N   . ASN A 1 80  ? 13.665  2.324   -0.741  1.00 21.76 ? 80  ASN A N   1 
ATOM   609  C CA  . ASN A 1 80  ? 13.303  3.235   -1.816  1.00 20.13 ? 80  ASN A CA  1 
ATOM   610  C C   . ASN A 1 80  ? 13.498  2.565   -3.164  1.00 21.68 ? 80  ASN A C   1 
ATOM   611  O O   . ASN A 1 80  ? 14.530  1.929   -3.408  1.00 21.49 ? 80  ASN A O   1 
ATOM   612  C CB  . ASN A 1 80  ? 14.122  4.523   -1.775  1.00 22.52 ? 80  ASN A CB  1 
ATOM   613  C CG  . ASN A 1 80  ? 13.750  5.395   -0.606  1.00 24.42 ? 80  ASN A CG  1 
ATOM   614  O OD1 . ASN A 1 80  ? 12.694  6.031   -0.614  1.00 27.53 ? 80  ASN A OD1 1 
ATOM   615  N ND2 . ASN A 1 80  ? 14.607  5.434   0.402   1.00 27.43 ? 80  ASN A ND2 1 
ATOM   616  N N   . LEU A 1 81  ? 12.499  2.705   -4.023  1.00 17.49 ? 81  LEU A N   1 
ATOM   617  C CA  . LEU A 1 81  ? 12.582  2.281   -5.413  1.00 19.68 ? 81  LEU A CA  1 
ATOM   618  C C   . LEU A 1 81  ? 12.584  3.517   -6.293  1.00 20.31 ? 81  LEU A C   1 
ATOM   619  O O   . LEU A 1 81  ? 11.780  4.430   -6.094  1.00 19.63 ? 81  LEU A O   1 
ATOM   620  C CB  . LEU A 1 81  ? 11.359  1.453   -5.803  1.00 23.85 ? 81  LEU A CB  1 
ATOM   621  C CG  . LEU A 1 81  ? 11.059  0.157   -5.076  1.00 24.87 ? 81  LEU A CG  1 
ATOM   622  C CD1 . LEU A 1 81  ? 9.792   -0.432  -5.662  1.00 26.17 ? 81  LEU A CD1 1 
ATOM   623  C CD2 . LEU A 1 81  ? 12.225  -0.788  -5.247  1.00 28.70 ? 81  LEU A CD2 1 
ATOM   624  N N   . HIS A 1 82  ? 13.462  3.544   -7.294  1.00 20.63 ? 82  HIS A N   1 
ATOM   625  C CA  . HIS A 1 82  ? 13.404  4.609   -8.283  1.00 22.45 ? 82  HIS A CA  1 
ATOM   626  C C   . HIS A 1 82  ? 12.697  4.180   -9.556  1.00 22.08 ? 82  HIS A C   1 
ATOM   627  O O   . HIS A 1 82  ? 12.597  4.976   -10.494 1.00 24.75 ? 82  HIS A O   1 
ATOM   628  C CB  . HIS A 1 82  ? 14.800  5.162   -8.588  1.00 23.84 ? 82  HIS A CB  1 
ATOM   629  C CG  . HIS A 1 82  ? 15.466  5.758   -7.391  1.00 24.88 ? 82  HIS A CG  1 
ATOM   630  N ND1 . HIS A 1 82  ? 16.784  5.520   -7.073  1.00 23.14 ? 82  HIS A ND1 1 
ATOM   631  C CD2 . HIS A 1 82  ? 14.979  6.558   -6.410  1.00 23.90 ? 82  HIS A CD2 1 
ATOM   632  C CE1 . HIS A 1 82  ? 17.086  6.154   -5.952  1.00 25.78 ? 82  HIS A CE1 1 
ATOM   633  N NE2 . HIS A 1 82  ? 16.008  6.793   -5.533  1.00 26.14 ? 82  HIS A NE2 1 
ATOM   634  N N   . TYR A 1 83  ? 12.200  2.950   -9.596  1.00 19.43 ? 83  TYR A N   1 
ATOM   635  C CA  . TYR A 1 83  ? 11.280  2.503   -10.632 1.00 21.65 ? 83  TYR A CA  1 
ATOM   636  C C   . TYR A 1 83  ? 9.878   2.855   -10.153 1.00 22.88 ? 83  TYR A C   1 
ATOM   637  O O   . TYR A 1 83  ? 9.406   2.314   -9.147  1.00 21.19 ? 83  TYR A O   1 
ATOM   638  C CB  . TYR A 1 83  ? 11.414  0.996   -10.827 1.00 20.35 ? 83  TYR A CB  1 
ATOM   639  C CG  . TYR A 1 83  ? 10.618  0.478   -11.999 1.00 22.18 ? 83  TYR A CG  1 
ATOM   640  C CD1 . TYR A 1 83  ? 10.938  0.859   -13.292 1.00 25.33 ? 83  TYR A CD1 1 
ATOM   641  C CD2 . TYR A 1 83  ? 9.550   -0.385  -11.818 1.00 22.24 ? 83  TYR A CD2 1 
ATOM   642  C CE1 . TYR A 1 83  ? 10.215  0.402   -14.369 1.00 27.70 ? 83  TYR A CE1 1 
ATOM   643  C CE2 . TYR A 1 83  ? 8.819   -0.844  -12.891 1.00 22.22 ? 83  TYR A CE2 1 
ATOM   644  C CZ  . TYR A 1 83  ? 9.159   -0.450  -14.164 1.00 25.77 ? 83  TYR A CZ  1 
ATOM   645  O OH  . TYR A 1 83  ? 8.437   -0.906  -15.234 1.00 25.18 ? 83  TYR A OH  1 
ATOM   646  N N   . VAL A 1 84  ? 9.224   3.771   -10.858 1.00 19.78 ? 84  VAL A N   1 
ATOM   647  C CA  . VAL A 1 84  ? 7.894   4.243   -10.469 1.00 22.63 ? 84  VAL A CA  1 
ATOM   648  C C   . VAL A 1 84  ? 6.918   3.927   -11.597 1.00 21.40 ? 84  VAL A C   1 
ATOM   649  O O   . VAL A 1 84  ? 6.744   4.745   -12.510 1.00 22.61 ? 84  VAL A O   1 
ATOM   650  C CB  . VAL A 1 84  ? 7.910   5.742   -10.129 1.00 21.45 ? 84  VAL A CB  1 
ATOM   651  C CG1 . VAL A 1 84  ? 6.557   6.185   -9.559  1.00 22.35 ? 84  VAL A CG1 1 
ATOM   652  C CG2 . VAL A 1 84  ? 9.029   6.044   -9.162  1.00 21.25 ? 84  VAL A CG2 1 
ATOM   653  N N   . PRO A 1 85  ? 6.257   2.767   -11.568 1.00 19.71 ? 85  PRO A N   1 
ATOM   654  C CA  . PRO A 1 85  ? 5.367   2.388   -12.681 1.00 23.19 ? 85  PRO A CA  1 
ATOM   655  C C   . PRO A 1 85  ? 4.101   3.223   -12.782 1.00 25.68 ? 85  PRO A C   1 
ATOM   656  O O   . PRO A 1 85  ? 3.434   3.186   -13.825 1.00 31.30 ? 85  PRO A O   1 
ATOM   657  C CB  . PRO A 1 85  ? 5.028   0.919   -12.391 1.00 29.59 ? 85  PRO A CB  1 
ATOM   658  C CG  . PRO A 1 85  ? 5.926   0.491   -11.290 1.00 26.76 ? 85  PRO A CG  1 
ATOM   659  C CD  . PRO A 1 85  ? 6.423   1.692   -10.576 1.00 20.93 ? 85  PRO A CD  1 
ATOM   660  N N   . PHE A 1 86  ? 3.753   3.974   -11.748 1.00 21.74 ? 86  PHE A N   1 
ATOM   661  C CA  . PHE A 1 86  ? 2.549   4.788   -11.772 1.00 21.77 ? 86  PHE A CA  1 
ATOM   662  C C   . PHE A 1 86  ? 2.752   6.028   -12.632 1.00 23.18 ? 86  PHE A C   1 
ATOM   663  O O   . PHE A 1 86  ? 3.824   6.644   -12.625 1.00 28.18 ? 86  PHE A O   1 
ATOM   664  C CB  . PHE A 1 86  ? 2.226   5.237   -10.355 1.00 20.46 ? 86  PHE A CB  1 
ATOM   665  C CG  . PHE A 1 86  ? 2.142   4.117   -9.364  1.00 20.79 ? 86  PHE A CG  1 
ATOM   666  C CD1 . PHE A 1 86  ? 3.286   3.610   -8.756  1.00 22.18 ? 86  PHE A CD1 1 
ATOM   667  C CD2 . PHE A 1 86  ? 0.911   3.599   -9.000  1.00 21.28 ? 86  PHE A CD2 1 
ATOM   668  C CE1 . PHE A 1 86  ? 3.197   2.598   -7.824  1.00 21.17 ? 86  PHE A CE1 1 
ATOM   669  C CE2 . PHE A 1 86  ? 0.811   2.597   -8.064  1.00 21.20 ? 86  PHE A CE2 1 
ATOM   670  C CZ  . PHE A 1 86  ? 1.959   2.088   -7.476  1.00 22.03 ? 86  PHE A CZ  1 
ATOM   671  N N   . GLU A 1 87  ? 1.701   6.417   -13.349 1.00 23.02 ? 87  GLU A N   1 
ATOM   672  C CA  . GLU A 1 87  ? 1.746   7.554   -14.256 1.00 26.14 ? 87  GLU A CA  1 
ATOM   673  C C   . GLU A 1 87  ? 0.573   8.482   -13.986 1.00 24.31 ? 87  GLU A C   1 
ATOM   674  O O   . GLU A 1 87  ? -0.540  8.024   -13.712 1.00 24.27 ? 87  GLU A O   1 
ATOM   675  C CB  . GLU A 1 87  ? 1.665   7.094   -15.712 1.00 29.79 ? 87  GLU A CB  1 
ATOM   676  C CG  . GLU A 1 87  ? 2.968   6.597   -16.289 1.00 36.40 ? 87  GLU A CG  1 
ATOM   677  C CD  . GLU A 1 87  ? 2.958   6.625   -17.801 1.00 42.79 ? 87  GLU A CD  1 
ATOM   678  O OE1 . GLU A 1 87  ? 2.439   5.663   -18.408 1.00 45.12 ? 87  GLU A OE1 1 
ATOM   679  O OE2 . GLU A 1 87  ? 3.456   7.618   -18.379 1.00 47.33 ? 87  GLU A OE2 1 
ATOM   680  N N   . ASP A 1 88  ? 0.835   9.783   -14.085 1.00 23.90 ? 88  ASP A N   1 
ATOM   681  C CA  . ASP A 1 88  ? -0.183  10.815  -13.933 1.00 27.38 ? 88  ASP A CA  1 
ATOM   682  C C   . ASP A 1 88  ? -1.356  10.536  -14.862 1.00 24.73 ? 88  ASP A C   1 
ATOM   683  O O   . ASP A 1 88  ? -1.190  10.445  -16.085 1.00 24.15 ? 88  ASP A O   1 
ATOM   684  C CB  . ASP A 1 88  ? 0.472   12.157  -14.283 1.00 25.44 ? 88  ASP A CB  1 
ATOM   685  C CG  . ASP A 1 88  ? -0.445  13.353  -14.084 1.00 31.82 ? 88  ASP A CG  1 
ATOM   686  O OD1 . ASP A 1 88  ? -1.449  13.259  -13.351 1.00 27.23 ? 88  ASP A OD1 1 
ATOM   687  O OD2 . ASP A 1 88  ? -0.141  14.416  -14.672 1.00 35.54 ? 88  ASP A OD2 1 
ATOM   688  N N   . GLY A 1 89  ? -2.538  10.361  -14.272 1.00 22.20 ? 89  GLY A N   1 
ATOM   689  C CA  . GLY A 1 89  ? -3.768  10.190  -15.022 1.00 22.81 ? 89  GLY A CA  1 
ATOM   690  C C   . GLY A 1 89  ? -3.987  8.841   -15.675 1.00 25.22 ? 89  GLY A C   1 
ATOM   691  O O   . GLY A 1 89  ? -4.978  8.681   -16.394 1.00 26.34 ? 89  GLY A O   1 
ATOM   692  N N   . LYS A 1 90  ? -3.108  7.860   -15.451 1.00 22.02 ? 90  LYS A N   1 
ATOM   693  C CA  . LYS A 1 90  ? -3.327  6.544   -16.038 1.00 24.69 ? 90  LYS A CA  1 
ATOM   694  C C   . LYS A 1 90  ? -3.705  5.526   -14.966 1.00 22.74 ? 90  LYS A C   1 
ATOM   695  O O   . LYS A 1 90  ? -3.187  5.589   -13.849 1.00 24.09 ? 90  LYS A O   1 
ATOM   696  C CB  . LYS A 1 90  ? -2.069  6.055   -16.770 1.00 28.53 ? 90  LYS A CB  1 
ATOM   697  C CG  . LYS A 1 90  ? -1.637  6.984   -17.902 1.00 29.90 ? 90  LYS A CG  1 
ATOM   698  C CD  . LYS A 1 90  ? -0.675  6.311   -18.860 1.00 37.31 ? 90  LYS A CD  1 
ATOM   699  C CE  . LYS A 1 90  ? -0.208  7.288   -19.934 1.00 38.62 ? 90  LYS A CE  1 
ATOM   700  N NZ  . LYS A 1 90  ? -1.354  8.025   -20.546 1.00 43.57 ? 90  LYS A NZ  1 
ATOM   701  N N   . PRO A 1 91  ? -4.601  4.591   -15.262 1.00 23.13 ? 91  PRO A N   1 
ATOM   702  C CA  . PRO A 1 91  ? -5.025  3.638   -14.232 1.00 21.38 ? 91  PRO A CA  1 
ATOM   703  C C   . PRO A 1 91  ? -3.905  2.686   -13.851 1.00 21.42 ? 91  PRO A C   1 
ATOM   704  O O   . PRO A 1 91  ? -3.046  2.325   -14.664 1.00 22.29 ? 91  PRO A O   1 
ATOM   705  C CB  . PRO A 1 91  ? -6.187  2.890   -14.892 1.00 26.42 ? 91  PRO A CB  1 
ATOM   706  C CG  . PRO A 1 91  ? -5.930  3.010   -16.351 1.00 30.54 ? 91  PRO A CG  1 
ATOM   707  C CD  . PRO A 1 91  ? -5.265  4.346   -16.555 1.00 29.17 ? 91  PRO A CD  1 
ATOM   708  N N   . PHE A 1 92  ? -3.911  2.292   -12.586 1.00 16.95 ? 92  PHE A N   1 
ATOM   709  C CA  . PHE A 1 92  ? -2.928  1.353   -12.077 1.00 19.48 ? 92  PHE A CA  1 
ATOM   710  C C   . PHE A 1 92  ? -3.644  0.188   -11.415 1.00 18.77 ? 92  PHE A C   1 
ATOM   711  O O   . PHE A 1 92  ? -4.803  0.289   -10.997 1.00 19.26 ? 92  PHE A O   1 
ATOM   712  C CB  . PHE A 1 92  ? -1.927  1.998   -11.105 1.00 18.91 ? 92  PHE A CB  1 
ATOM   713  C CG  . PHE A 1 92  ? -2.536  2.431   -9.793  1.00 16.59 ? 92  PHE A CG  1 
ATOM   714  C CD1 . PHE A 1 92  ? -2.687  1.529   -8.749  1.00 18.97 ? 92  PHE A CD1 1 
ATOM   715  C CD2 . PHE A 1 92  ? -2.952  3.738   -9.601  1.00 18.14 ? 92  PHE A CD2 1 
ATOM   716  C CE1 . PHE A 1 92  ? -3.253  1.912   -7.565  1.00 18.19 ? 92  PHE A CE1 1 
ATOM   717  C CE2 . PHE A 1 92  ? -3.514  4.129   -8.407  1.00 18.30 ? 92  PHE A CE2 1 
ATOM   718  C CZ  . PHE A 1 92  ? -3.661  3.218   -7.381  1.00 16.99 ? 92  PHE A CZ  1 
ATOM   719  N N   . ASP A 1 93  ? -2.916  -0.919  -11.313 1.00 19.87 ? 93  ASP A N   1 
ATOM   720  C CA  . ASP A 1 93  ? -3.370  -2.137  -10.644 1.00 19.79 ? 93  ASP A CA  1 
ATOM   721  C C   . ASP A 1 93  ? -2.237  -2.487  -9.686  1.00 21.28 ? 93  ASP A C   1 
ATOM   722  O O   . ASP A 1 93  ? -1.176  -2.947  -10.121 1.00 20.14 ? 93  ASP A O   1 
ATOM   723  C CB  . ASP A 1 93  ? -3.560  -3.218  -11.696 1.00 23.57 ? 93  ASP A CB  1 
ATOM   724  C CG  . ASP A 1 93  ? -4.247  -4.453  -11.171 1.00 30.19 ? 93  ASP A CG  1 
ATOM   725  O OD1 . ASP A 1 93  ? -4.438  -4.577  -9.945  1.00 33.24 ? 93  ASP A OD1 1 
ATOM   726  O OD2 . ASP A 1 93  ? -4.591  -5.312  -12.015 1.00 40.04 ? 93  ASP A OD2 1 
ATOM   727  N N   . LEU A 1 94  ? -2.447  -2.230  -8.394  1.00 14.31 ? 94  LEU A N   1 
ATOM   728  C CA  . LEU A 1 94  ? -1.446  -2.483  -7.367  1.00 16.85 ? 94  LEU A CA  1 
ATOM   729  C C   . LEU A 1 94  ? -1.852  -3.744  -6.616  1.00 16.34 ? 94  LEU A C   1 
ATOM   730  O O   . LEU A 1 94  ? -2.950  -3.812  -6.052  1.00 17.87 ? 94  LEU A O   1 
ATOM   731  C CB  . LEU A 1 94  ? -1.377  -1.295  -6.404  1.00 15.61 ? 94  LEU A CB  1 
ATOM   732  C CG  . LEU A 1 94  ? -0.583  -1.473  -5.112  1.00 16.97 ? 94  LEU A CG  1 
ATOM   733  C CD1 . LEU A 1 94  ? 0.867   -1.827  -5.382  1.00 18.63 ? 94  LEU A CD1 1 
ATOM   734  C CD2 . LEU A 1 94  ? -0.672  -0.195  -4.308  1.00 18.92 ? 94  LEU A CD2 1 
ATOM   735  N N   . ARG A 1 95  ? -0.966  -4.733  -6.597  1.00 15.94 ? 95  ARG A N   1 
ATOM   736  C CA  . ARG A 1 95  ? -1.205  -5.978  -5.887  1.00 16.27 ? 95  ARG A CA  1 
ATOM   737  C C   . ARG A 1 95  ? -0.136  -6.133  -4.821  1.00 15.15 ? 95  ARG A C   1 
ATOM   738  O O   . ARG A 1 95  ? 1.059   -5.970  -5.098  1.00 17.90 ? 95  ARG A O   1 
ATOM   739  C CB  . ARG A 1 95  ? -1.166  -7.169  -6.838  1.00 17.49 ? 95  ARG A CB  1 
ATOM   740  C CG  . ARG A 1 95  ? -2.307  -7.196  -7.833  1.00 19.56 ? 95  ARG A CG  1 
ATOM   741  C CD  . ARG A 1 95  ? -2.476  -8.624  -8.306  1.00 26.22 ? 95  ARG A CD  1 
ATOM   742  N NE  . ARG A 1 95  ? -3.428  -8.745  -9.397  1.00 28.32 ? 95  ARG A NE  1 
ATOM   743  C CZ  . ARG A 1 95  ? -3.925  -9.909  -9.807  1.00 23.94 ? 95  ARG A CZ  1 
ATOM   744  N NH1 . ARG A 1 95  ? -3.556  -11.039 -9.208  1.00 29.12 ? 95  ARG A NH1 1 
ATOM   745  N NH2 . ARG A 1 95  ? -4.784  -9.938  -10.812 1.00 29.70 ? 95  ARG A NH2 1 
ATOM   746  N N   . ILE A 1 96  ? -0.561  -6.415  -3.602  1.00 15.16 ? 96  ILE A N   1 
ATOM   747  C CA  . ILE A 1 96  ? 0.367   -6.685  -2.515  1.00 15.38 ? 96  ILE A CA  1 
ATOM   748  C C   . ILE A 1 96  ? 0.063   -8.090  -2.023  1.00 19.40 ? 96  ILE A C   1 
ATOM   749  O O   . ILE A 1 96  ? -0.964  -8.323  -1.368  1.00 17.65 ? 96  ILE A O   1 
ATOM   750  C CB  . ILE A 1 96  ? 0.262   -5.644  -1.399  1.00 15.27 ? 96  ILE A CB  1 
ATOM   751  C CG1 . ILE A 1 96  ? 0.480   -4.235  -1.976  1.00 17.22 ? 96  ILE A CG1 1 
ATOM   752  C CG2 . ILE A 1 96  ? 1.243   -5.965  -0.256  1.00 16.71 ? 96  ILE A CG2 1 
ATOM   753  C CD1 . ILE A 1 96  ? -0.201  -3.131  -1.177  1.00 17.57 ? 96  ILE A CD1 1 
ATOM   754  N N   A TYR A 1 97  ? 0.927   -9.033  -2.370  0.45 17.27 ? 97  TYR A N   1 
ATOM   755  N N   B TYR A 1 97  ? 0.951   -9.026  -2.312  0.55 16.76 ? 97  TYR A N   1 
ATOM   756  C CA  A TYR A 1 97  ? 0.731   -10.434 -2.035  0.45 16.75 ? 97  TYR A CA  1 
ATOM   757  C CA  B TYR A 1 97  ? 0.711   -10.439 -2.049  0.55 16.58 ? 97  TYR A CA  1 
ATOM   758  C C   A TYR A 1 97  ? 1.434   -10.737 -0.724  0.45 18.47 ? 97  TYR A C   1 
ATOM   759  C C   B TYR A 1 97  ? 1.477   -10.866 -0.803  0.55 18.47 ? 97  TYR A C   1 
ATOM   760  O O   A TYR A 1 97  ? 2.553   -10.276 -0.489  0.45 18.56 ? 97  TYR A O   1 
ATOM   761  O O   B TYR A 1 97  ? 2.678   -10.605 -0.692  0.55 18.34 ? 97  TYR A O   1 
ATOM   762  C CB  A TYR A 1 97  ? 1.350   -11.313 -3.124  0.45 19.59 ? 97  TYR A CB  1 
ATOM   763  C CB  B TYR A 1 97  ? 1.163   -11.256 -3.261  0.55 19.58 ? 97  TYR A CB  1 
ATOM   764  C CG  A TYR A 1 97  ? 0.436   -11.648 -4.280  0.45 21.20 ? 97  TYR A CG  1 
ATOM   765  C CG  B TYR A 1 97  ? 0.958   -12.745 -3.120  0.55 19.08 ? 97  TYR A CG  1 
ATOM   766  C CD1 A TYR A 1 97  ? 0.271   -10.764 -5.334  0.45 21.85 ? 97  TYR A CD1 1 
ATOM   767  C CD1 B TYR A 1 97  ? -0.305  -13.306 -3.193  0.55 21.57 ? 97  TYR A CD1 1 
ATOM   768  C CD2 A TYR A 1 97  ? -0.252  -12.854 -4.325  0.45 21.89 ? 97  TYR A CD2 1 
ATOM   769  C CD2 B TYR A 1 97  ? 2.034   -13.584 -2.915  0.55 23.07 ? 97  TYR A CD2 1 
ATOM   770  C CE1 A TYR A 1 97  ? -0.539  -11.075 -6.414  0.45 22.34 ? 97  TYR A CE1 1 
ATOM   771  C CE1 B TYR A 1 97  ? -0.486  -14.676 -3.057  0.55 22.82 ? 97  TYR A CE1 1 
ATOM   772  C CE2 A TYR A 1 97  ? -1.075  -13.166 -5.395  0.45 25.32 ? 97  TYR A CE2 1 
ATOM   773  C CE2 B TYR A 1 97  ? 1.864   -14.952 -2.775  0.55 21.11 ? 97  TYR A CE2 1 
ATOM   774  C CZ  A TYR A 1 97  ? -1.213  -12.270 -6.432  0.45 19.41 ? 97  TYR A CZ  1 
ATOM   775  C CZ  B TYR A 1 97  ? 0.604   -15.488 -2.850  0.55 21.95 ? 97  TYR A CZ  1 
ATOM   776  O OH  A TYR A 1 97  ? -2.039  -12.567 -7.489  0.45 24.80 ? 97  TYR A OH  1 
ATOM   777  O OH  B TYR A 1 97  ? 0.444   -16.846 -2.715  0.55 20.94 ? 97  TYR A OH  1 
ATOM   778  N N   . VAL A 1 98  ? 0.785   -11.526 0.124   1.00 17.76 ? 98  VAL A N   1 
ATOM   779  C CA  . VAL A 1 98  ? 1.369   -11.922 1.400   1.00 19.32 ? 98  VAL A CA  1 
ATOM   780  C C   . VAL A 1 98  ? 2.046   -13.282 1.249   1.00 19.29 ? 98  VAL A C   1 
ATOM   781  O O   . VAL A 1 98  ? 1.377   -14.311 1.144   1.00 22.03 ? 98  VAL A O   1 
ATOM   782  C CB  . VAL A 1 98  ? 0.314   -11.958 2.510   1.00 20.97 ? 98  VAL A CB  1 
ATOM   783  C CG1 . VAL A 1 98  ? 0.967   -12.262 3.859   1.00 22.50 ? 98  VAL A CG1 1 
ATOM   784  C CG2 . VAL A 1 98  ? -0.428  -10.639 2.561   1.00 20.72 ? 98  VAL A CG2 1 
ATOM   785  N N   . CYS A 1 99  ? 3.372   -13.289 1.260   1.00 18.66 ? 99  CYS A N   1 
ATOM   786  C CA  . CYS A 1 99  ? 4.129   -14.530 1.301   1.00 20.53 ? 99  CYS A CA  1 
ATOM   787  C C   . CYS A 1 99  ? 4.606   -14.838 2.713   1.00 21.30 ? 99  CYS A C   1 
ATOM   788  O O   . CYS A 1 99  ? 4.396   -14.077 3.661   1.00 20.85 ? 99  CYS A O   1 
ATOM   789  C CB  . CYS A 1 99  ? 5.300   -14.510 0.325   1.00 22.30 ? 99  CYS A CB  1 
ATOM   790  S SG  . CYS A 1 99  ? 4.848   -14.111 -1.344  1.00 32.50 ? 99  CYS A SG  1 
ATOM   791  N N   . LEU A 1 100 ? 5.263   -15.991 2.846   1.00 22.19 ? 100 LEU A N   1 
ATOM   792  C CA  . LEU A 1 100 ? 5.753   -16.414 4.155   1.00 20.45 ? 100 LEU A CA  1 
ATOM   793  C C   . LEU A 1 100 ? 6.733   -15.402 4.733   1.00 18.02 ? 100 LEU A C   1 
ATOM   794  O O   . LEU A 1 100 ? 6.644   -15.041 5.914   1.00 23.30 ? 100 LEU A O   1 
ATOM   795  C CB  . LEU A 1 100 ? 6.408   -17.789 4.045   1.00 22.06 ? 100 LEU A CB  1 
ATOM   796  C CG  . LEU A 1 100 ? 5.455   -18.979 3.882   1.00 22.93 ? 100 LEU A CG  1 
ATOM   797  C CD1 . LEU A 1 100 ? 6.201   -20.180 3.301   1.00 24.12 ? 100 LEU A CD1 1 
ATOM   798  C CD2 . LEU A 1 100 ? 4.817   -19.334 5.223   1.00 23.26 ? 100 LEU A CD2 1 
ATOM   799  N N   . ASN A 1 101 ? 7.678   -14.934 3.920   1.00 23.25 ? 101 ASN A N   1 
ATOM   800  C CA  . ASN A 1 101 ? 8.757   -14.084 4.401   1.00 21.77 ? 101 ASN A CA  1 
ATOM   801  C C   . ASN A 1 101 ? 8.618   -12.625 3.993   1.00 21.14 ? 101 ASN A C   1 
ATOM   802  O O   . ASN A 1 101 ? 9.329   -11.782 4.548   1.00 18.43 ? 101 ASN A O   1 
ATOM   803  C CB  . ASN A 1 101 ? 10.117  -14.611 3.906   1.00 26.34 ? 101 ASN A CB  1 
ATOM   804  C CG  . ASN A 1 101 ? 11.298  -13.929 4.595   1.00 26.96 ? 101 ASN A CG  1 
ATOM   805  O OD1 . ASN A 1 101 ? 11.359  -13.860 5.827   1.00 35.03 ? 101 ASN A OD1 1 
ATOM   806  N ND2 . ASN A 1 101 ? 12.230  -13.407 3.799   1.00 32.35 ? 101 ASN A ND2 1 
ATOM   807  N N   . GLU A 1 102 ? 7.741   -12.299 3.044   1.00 18.43 ? 102 GLU A N   1 
ATOM   808  C CA  . GLU A 1 102 ? 7.717   -10.938 2.525   1.00 17.28 ? 102 GLU A CA  1 
ATOM   809  C C   . GLU A 1 102 ? 6.362   -10.650 1.909   1.00 15.78 ? 102 GLU A C   1 
ATOM   810  O O   . GLU A 1 102 ? 5.576   -11.558 1.631   1.00 18.27 ? 102 GLU A O   1 
ATOM   811  C CB  . GLU A 1 102 ? 8.814   -10.724 1.471   1.00 21.20 ? 102 GLU A CB  1 
ATOM   812  C CG  . GLU A 1 102 ? 8.679   -11.595 0.237   1.00 25.00 ? 102 GLU A CG  1 
ATOM   813  C CD  . GLU A 1 102 ? 9.253   -12.985 0.450   1.00 29.85 ? 102 GLU A CD  1 
ATOM   814  O OE1 . GLU A 1 102 ? 10.418  -13.103 0.905   1.00 31.62 ? 102 GLU A OE1 1 
ATOM   815  O OE2 . GLU A 1 102 ? 8.524   -13.959 0.180   1.00 31.57 ? 102 GLU A OE2 1 
ATOM   816  N N   . TYR A 1 103 ? 6.086   -9.362  1.721   1.00 16.14 ? 103 TYR A N   1 
ATOM   817  C CA  . TYR A 1 103 ? 5.053   -8.956  0.788   1.00 16.08 ? 103 TYR A CA  1 
ATOM   818  C C   . TYR A 1 103 ? 5.702   -8.848  -0.579  1.00 16.74 ? 103 TYR A C   1 
ATOM   819  O O   . TYR A 1 103 ? 6.794   -8.289  -0.709  1.00 19.22 ? 103 TYR A O   1 
ATOM   820  C CB  . TYR A 1 103 ? 4.511   -7.573  1.132   1.00 14.68 ? 103 TYR A CB  1 
ATOM   821  C CG  . TYR A 1 103 ? 3.805   -7.474  2.457   1.00 14.20 ? 103 TYR A CG  1 
ATOM   822  C CD1 . TYR A 1 103 ? 2.508   -7.949  2.619   1.00 16.67 ? 103 TYR A CD1 1 
ATOM   823  C CD2 . TYR A 1 103 ? 4.429   -6.879  3.545   1.00 13.80 ? 103 TYR A CD2 1 
ATOM   824  C CE1 . TYR A 1 103 ? 1.847   -7.838  3.853   1.00 16.51 ? 103 TYR A CE1 1 
ATOM   825  C CE2 . TYR A 1 103 ? 3.781   -6.765  4.782   1.00 15.28 ? 103 TYR A CE2 1 
ATOM   826  C CZ  . TYR A 1 103 ? 2.493   -7.251  4.929   1.00 14.98 ? 103 TYR A CZ  1 
ATOM   827  O OH  . TYR A 1 103 ? 1.844   -7.138  6.146   1.00 17.15 ? 103 TYR A OH  1 
ATOM   828  N N   . GLU A 1 104 ? 5.017   -9.343  -1.601  1.00 17.18 ? 104 GLU A N   1 
ATOM   829  C CA  . GLU A 1 104 ? 5.431   -9.116  -2.975  1.00 17.66 ? 104 GLU A CA  1 
ATOM   830  C C   . GLU A 1 104 ? 4.604   -7.962  -3.525  1.00 16.12 ? 104 GLU A C   1 
ATOM   831  O O   . GLU A 1 104 ? 3.377   -8.071  -3.623  1.00 18.22 ? 104 GLU A O   1 
ATOM   832  C CB  . GLU A 1 104 ? 5.182   -10.359 -3.824  1.00 19.00 ? 104 GLU A CB  1 
ATOM   833  C CG  . GLU A 1 104 ? 6.063   -11.538 -3.495  1.00 24.55 ? 104 GLU A CG  1 
ATOM   834  C CD  . GLU A 1 104 ? 5.754   -12.724 -4.381  1.00 28.97 ? 104 GLU A CD  1 
ATOM   835  O OE1 . GLU A 1 104 ? 4.621   -12.790 -4.914  1.00 31.58 ? 104 GLU A OE1 1 
ATOM   836  O OE2 . GLU A 1 104 ? 6.635   -13.588 -4.538  1.00 33.47 ? 104 GLU A OE2 1 
ATOM   837  N N   . VAL A 1 105 ? 5.276   -6.878  -3.900  1.00 16.18 ? 105 VAL A N   1 
ATOM   838  C CA  . VAL A 1 105 ? 4.619   -5.668  -4.384  1.00 16.92 ? 105 VAL A CA  1 
ATOM   839  C C   . VAL A 1 105 ? 4.634   -5.699  -5.907  1.00 17.22 ? 105 VAL A C   1 
ATOM   840  O O   . VAL A 1 105 ? 5.699   -5.810  -6.527  1.00 16.94 ? 105 VAL A O   1 
ATOM   841  C CB  . VAL A 1 105 ? 5.317   -4.410  -3.848  1.00 17.93 ? 105 VAL A CB  1 
ATOM   842  C CG1 . VAL A 1 105 ? 4.645   -3.156  -4.406  1.00 17.40 ? 105 VAL A CG1 1 
ATOM   843  C CG2 . VAL A 1 105 ? 5.339   -4.411  -2.313  1.00 19.18 ? 105 VAL A CG2 1 
ATOM   844  N N   . LYS A 1 106 ? 3.458   -5.597  -6.517  1.00 16.54 ? 106 LYS A N   1 
ATOM   845  C CA  . LYS A 1 106 ? 3.305   -5.775  -7.955  1.00 17.38 ? 106 LYS A CA  1 
ATOM   846  C C   . LYS A 1 106 ? 2.451   -4.640  -8.504  1.00 16.71 ? 106 LYS A C   1 
ATOM   847  O O   . LYS A 1 106 ? 1.404   -4.312  -7.940  1.00 17.95 ? 106 LYS A O   1 
ATOM   848  C CB  . LYS A 1 106 ? 2.638   -7.116  -8.244  1.00 17.12 ? 106 LYS A CB  1 
ATOM   849  C CG  . LYS A 1 106 ? 3.355   -8.292  -7.574  1.00 16.37 ? 106 LYS A CG  1 
ATOM   850  C CD  . LYS A 1 106 ? 2.482   -9.528  -7.535  1.00 20.08 ? 106 LYS A CD  1 
ATOM   851  C CE  . LYS A 1 106 ? 3.255   -10.671 -6.928  1.00 21.97 ? 106 LYS A CE  1 
ATOM   852  N NZ  . LYS A 1 106 ? 2.459   -11.936 -6.944  1.00 25.00 ? 106 LYS A NZ  1 
ATOM   853  N N   . VAL A 1 107 ? 2.898   -4.027  -9.594  1.00 16.94 ? 107 VAL A N   1 
ATOM   854  C CA  . VAL A 1 107 ? 2.178   -2.896  -10.163 1.00 17.29 ? 107 VAL A CA  1 
ATOM   855  C C   . VAL A 1 107 ? 2.056   -3.110  -11.661 1.00 17.75 ? 107 VAL A C   1 
ATOM   856  O O   . VAL A 1 107 ? 3.069   -3.299  -12.348 1.00 18.30 ? 107 VAL A O   1 
ATOM   857  C CB  . VAL A 1 107 ? 2.875   -1.559  -9.868  1.00 17.83 ? 107 VAL A CB  1 
ATOM   858  C CG1 . VAL A 1 107 ? 2.068   -0.414  -10.477 1.00 22.16 ? 107 VAL A CG1 1 
ATOM   859  C CG2 . VAL A 1 107 ? 3.038   -1.354  -8.379  1.00 17.92 ? 107 VAL A CG2 1 
ATOM   860  N N   . ASN A 1 108 ? 0.819   -3.097  -12.163 1.00 18.32 ? 108 ASN A N   1 
ATOM   861  C CA  . ASN A 1 108 ? 0.546   -3.225  -13.599 1.00 20.64 ? 108 ASN A CA  1 
ATOM   862  C C   . ASN A 1 108 ? 1.203   -4.467  -14.197 1.00 20.58 ? 108 ASN A C   1 
ATOM   863  O O   . ASN A 1 108 ? 1.706   -4.456  -15.325 1.00 26.15 ? 108 ASN A O   1 
ATOM   864  C CB  . ASN A 1 108 ? 0.916   -1.958  -14.374 1.00 24.22 ? 108 ASN A CB  1 
ATOM   865  C CG  . ASN A 1 108 ? 0.144   -0.743  -13.899 1.00 28.81 ? 108 ASN A CG  1 
ATOM   866  O OD1 . ASN A 1 108 ? -0.909  -0.875  -13.279 1.00 26.41 ? 108 ASN A OD1 1 
ATOM   867  N ND2 . ASN A 1 108 ? 0.665   0.450   -14.187 1.00 29.44 ? 108 ASN A ND2 1 
ATOM   868  N N   . GLY A 1 109 ? 1.192   -5.557  -13.435 1.00 21.09 ? 109 GLY A N   1 
ATOM   869  C CA  . GLY A 1 109 ? 1.728   -6.806  -13.937 1.00 20.92 ? 109 GLY A CA  1 
ATOM   870  C C   . GLY A 1 109 ? 3.233   -6.935  -13.890 1.00 20.82 ? 109 GLY A C   1 
ATOM   871  O O   . GLY A 1 109 ? 3.777   -7.855  -14.510 1.00 20.38 ? 109 GLY A O   1 
ATOM   872  N N   . GLU A 1 110 ? 3.927   -6.040  -13.197 1.00 19.74 ? 110 GLU A N   1 
ATOM   873  C CA  . GLU A 1 110 ? 5.366   -6.137  -12.995 1.00 22.34 ? 110 GLU A CA  1 
ATOM   874  C C   . GLU A 1 110 ? 5.661   -6.356  -11.520 1.00 21.13 ? 110 GLU A C   1 
ATOM   875  O O   . GLU A 1 110 ? 5.083   -5.683  -10.658 1.00 18.24 ? 110 GLU A O   1 
ATOM   876  C CB  . GLU A 1 110 ? 6.062   -4.864  -13.470 1.00 24.81 ? 110 GLU A CB  1 
ATOM   877  C CG  . GLU A 1 110 ? 6.301   -4.833  -14.958 1.00 28.33 ? 110 GLU A CG  1 
ATOM   878  C CD  . GLU A 1 110 ? 7.131   -3.646  -15.371 1.00 32.83 ? 110 GLU A CD  1 
ATOM   879  O OE1 . GLU A 1 110 ? 6.989   -2.585  -14.734 1.00 31.10 ? 110 GLU A OE1 1 
ATOM   880  O OE2 . GLU A 1 110 ? 7.931   -3.779  -16.324 1.00 37.34 ? 110 GLU A OE2 1 
ATOM   881  N N   . TYR A 1 111 ? 6.557   -7.302  -11.234 1.00 22.99 ? 111 TYR A N   1 
ATOM   882  C CA  . TYR A 1 111 ? 7.026   -7.540  -9.879  1.00 22.29 ? 111 TYR A CA  1 
ATOM   883  C C   . TYR A 1 111 ? 8.108   -6.512  -9.578  1.00 21.90 ? 111 TYR A C   1 
ATOM   884  O O   . TYR A 1 111 ? 9.158   -6.503  -10.230 1.00 28.98 ? 111 TYR A O   1 
ATOM   885  C CB  . TYR A 1 111 ? 7.583   -8.960  -9.790  1.00 24.96 ? 111 TYR A CB  1 
ATOM   886  C CG  . TYR A 1 111 ? 7.943   -9.438  -8.394  1.00 25.32 ? 111 TYR A CG  1 
ATOM   887  C CD1 . TYR A 1 111 ? 7.777   -8.622  -7.281  1.00 26.04 ? 111 TYR A CD1 1 
ATOM   888  C CD2 . TYR A 1 111 ? 8.459   -10.709 -8.192  1.00 30.74 ? 111 TYR A CD2 1 
ATOM   889  C CE1 . TYR A 1 111 ? 8.117   -9.052  -6.016  1.00 27.73 ? 111 TYR A CE1 1 
ATOM   890  C CE2 . TYR A 1 111 ? 8.800   -11.151 -6.928  1.00 29.45 ? 111 TYR A CE2 1 
ATOM   891  C CZ  . TYR A 1 111 ? 8.631   -10.322 -5.845  1.00 29.68 ? 111 TYR A CZ  1 
ATOM   892  O OH  . TYR A 1 111 ? 8.968   -10.752 -4.576  1.00 32.76 ? 111 TYR A OH  1 
ATOM   893  N N   . ILE A 1 112 ? 7.861   -5.637  -8.605  1.00 17.06 ? 112 ILE A N   1 
ATOM   894  C CA  . ILE A 1 112 ? 8.766   -4.532  -8.373  1.00 18.93 ? 112 ILE A CA  1 
ATOM   895  C C   . ILE A 1 112 ? 9.524   -4.615  -7.052  1.00 24.02 ? 112 ILE A C   1 
ATOM   896  O O   . ILE A 1 112 ? 10.626  -4.070  -6.963  1.00 23.54 ? 112 ILE A O   1 
ATOM   897  C CB  . ILE A 1 112 ? 8.163   -3.126  -8.596  1.00 20.61 ? 112 ILE A CB  1 
ATOM   898  C CG1 . ILE A 1 112 ? 7.159   -2.777  -7.505  1.00 22.68 ? 112 ILE A CG1 1 
ATOM   899  C CG2 . ILE A 1 112 ? 7.550   -3.008  -10.012 1.00 24.87 ? 112 ILE A CG2 1 
ATOM   900  C CD1 . ILE A 1 112 ? 6.700   -1.312  -7.557  1.00 24.98 ? 112 ILE A CD1 1 
ATOM   901  N N   . TYR A 1 113 ? 8.997   -5.313  -6.039  1.00 18.82 ? 113 TYR A N   1 
ATOM   902  C CA  . TYR A 1 113 ? 9.734   -5.313  -4.777  1.00 17.88 ? 113 TYR A CA  1 
ATOM   903  C C   . TYR A 1 113 ? 9.216   -6.400  -3.846  1.00 19.55 ? 113 TYR A C   1 
ATOM   904  O O   . TYR A 1 113 ? 8.019   -6.695  -3.824  1.00 19.51 ? 113 TYR A O   1 
ATOM   905  C CB  . TYR A 1 113 ? 9.637   -3.956  -4.067  1.00 20.01 ? 113 TYR A CB  1 
ATOM   906  C CG  . TYR A 1 113 ? 10.701  -3.785  -3.026  1.00 21.55 ? 113 TYR A CG  1 
ATOM   907  C CD1 . TYR A 1 113 ? 12.026  -3.612  -3.397  1.00 26.96 ? 113 TYR A CD1 1 
ATOM   908  C CD2 . TYR A 1 113 ? 10.393  -3.821  -1.687  1.00 21.42 ? 113 TYR A CD2 1 
ATOM   909  C CE1 . TYR A 1 113 ? 13.010  -3.472  -2.462  1.00 26.88 ? 113 TYR A CE1 1 
ATOM   910  C CE2 . TYR A 1 113 ? 11.367  -3.679  -0.743  1.00 24.03 ? 113 TYR A CE2 1 
ATOM   911  C CZ  . TYR A 1 113 ? 12.676  -3.503  -1.137  1.00 25.65 ? 113 TYR A CZ  1 
ATOM   912  O OH  . TYR A 1 113 ? 13.664  -3.361  -0.192  1.00 34.57 ? 113 TYR A OH  1 
ATOM   913  N N   . ALA A 1 114 ? 10.132  -6.970  -3.060  1.00 17.95 ? 114 ALA A N   1 
ATOM   914  C CA  . ALA A 1 114 ? 9.795   -7.895  -1.986  1.00 19.25 ? 114 ALA A CA  1 
ATOM   915  C C   . ALA A 1 114 ? 10.145  -7.213  -0.672  1.00 17.12 ? 114 ALA A C   1 
ATOM   916  O O   . ALA A 1 114 ? 11.324  -6.980  -0.385  1.00 20.00 ? 114 ALA A O   1 
ATOM   917  C CB  . ALA A 1 114 ? 10.583  -9.196  -2.126  1.00 18.66 ? 114 ALA A CB  1 
ATOM   918  N N   . PHE A 1 115 ? 9.125   -6.890  0.120   1.00 16.39 ? 115 PHE A N   1 
ATOM   919  C CA  . PHE A 1 115 ? 9.302   -6.217  1.402   1.00 18.85 ? 115 PHE A CA  1 
ATOM   920  C C   . PHE A 1 115 ? 9.257   -7.289  2.480   1.00 17.19 ? 115 PHE A C   1 
ATOM   921  O O   . PHE A 1 115 ? 8.189   -7.829  2.771   1.00 18.50 ? 115 PHE A O   1 
ATOM   922  C CB  . PHE A 1 115 ? 8.179   -5.202  1.612   1.00 16.09 ? 115 PHE A CB  1 
ATOM   923  C CG  . PHE A 1 115 ? 8.332   -4.370  2.865   1.00 17.95 ? 115 PHE A CG  1 
ATOM   924  C CD1 . PHE A 1 115 ? 7.793   -4.790  4.069   1.00 19.94 ? 115 PHE A CD1 1 
ATOM   925  C CD2 . PHE A 1 115 ? 9.010   -3.154  2.824   1.00 22.42 ? 115 PHE A CD2 1 
ATOM   926  C CE1 . PHE A 1 115 ? 7.927   -4.014  5.213   1.00 17.03 ? 115 PHE A CE1 1 
ATOM   927  C CE2 . PHE A 1 115 ? 9.154   -2.376  3.964   1.00 20.10 ? 115 PHE A CE2 1 
ATOM   928  C CZ  . PHE A 1 115 ? 8.615   -2.808  5.169   1.00 17.74 ? 115 PHE A CZ  1 
ATOM   929  N N   . VAL A 1 116 ? 10.413  -7.594  3.078   1.00 17.52 ? 116 VAL A N   1 
ATOM   930  C CA  . VAL A 1 116 ? 10.475  -8.652  4.078   1.00 16.40 ? 116 VAL A CA  1 
ATOM   931  C C   . VAL A 1 116 ? 9.628   -8.263  5.284   1.00 17.10 ? 116 VAL A C   1 
ATOM   932  O O   . VAL A 1 116 ? 9.659   -7.112  5.734   1.00 18.74 ? 116 VAL A O   1 
ATOM   933  C CB  . VAL A 1 116 ? 11.938  -8.878  4.488   1.00 19.57 ? 116 VAL A CB  1 
ATOM   934  C CG1 . VAL A 1 116 ? 12.036  -9.882  5.631   1.00 19.31 ? 116 VAL A CG1 1 
ATOM   935  C CG2 . VAL A 1 116 ? 12.751  -9.351  3.294   1.00 18.98 ? 116 VAL A CG2 1 
ATOM   936  N N   . HIS A 1 117 ? 8.869   -9.226  5.812   1.00 16.06 ? 117 HIS A N   1 
ATOM   937  C CA  . HIS A 1 117 ? 7.992   -8.943  6.946   1.00 14.80 ? 117 HIS A CA  1 
ATOM   938  C C   . HIS A 1 117 ? 8.796   -8.514  8.161   1.00 20.25 ? 117 HIS A C   1 
ATOM   939  O O   . HIS A 1 117 ? 9.778   -9.167  8.538   1.00 18.77 ? 117 HIS A O   1 
ATOM   940  C CB  . HIS A 1 117 ? 7.171   -10.174 7.315   1.00 17.58 ? 117 HIS A CB  1 
ATOM   941  C CG  . HIS A 1 117 ? 6.152   -10.555 6.291   1.00 17.97 ? 117 HIS A CG  1 
ATOM   942  N ND1 . HIS A 1 117 ? 5.217   -9.671  5.799   1.00 18.54 ? 117 HIS A ND1 1 
ATOM   943  C CD2 . HIS A 1 117 ? 5.915   -11.736 5.678   1.00 16.73 ? 117 HIS A CD2 1 
ATOM   944  C CE1 . HIS A 1 117 ? 4.455   -10.289 4.913   1.00 17.06 ? 117 HIS A CE1 1 
ATOM   945  N NE2 . HIS A 1 117 ? 4.853   -11.546 4.829   1.00 17.04 ? 117 HIS A NE2 1 
ATOM   946  N N   . ARG A 1 118 ? 8.348   -7.426  8.778   1.00 16.50 ? 118 ARG A N   1 
ATOM   947  C CA  . ARG A 1 118 ? 8.859   -6.928  10.045  1.00 17.95 ? 118 ARG A CA  1 
ATOM   948  C C   . ARG A 1 118 ? 7.903   -7.178  11.196  1.00 19.95 ? 118 ARG A C   1 
ATOM   949  O O   . ARG A 1 118 ? 8.344   -7.466  12.302  1.00 26.60 ? 118 ARG A O   1 
ATOM   950  C CB  . ARG A 1 118 ? 9.144   -5.425  9.939   1.00 17.69 ? 118 ARG A CB  1 
ATOM   951  C CG  . ARG A 1 118 ? 10.155  -5.107  8.840   1.00 18.13 ? 118 ARG A CG  1 
ATOM   952  C CD  . ARG A 1 118 ? 10.134  -3.656  8.459   1.00 16.15 ? 118 ARG A CD  1 
ATOM   953  N NE  . ARG A 1 118 ? 11.058  -3.375  7.361   1.00 17.25 ? 118 ARG A NE  1 
ATOM   954  C CZ  . ARG A 1 118 ? 11.446  -2.146  7.033   1.00 18.40 ? 118 ARG A CZ  1 
ATOM   955  N NH1 . ARG A 1 118 ? 11.002  -1.105  7.734   1.00 18.79 ? 118 ARG A NH1 1 
ATOM   956  N NH2 . ARG A 1 118 ? 12.282  -1.967  6.016   1.00 18.99 ? 118 ARG A NH2 1 
ATOM   957  N N   . ILE A 1 119 ? 6.603   -7.090  10.954  1.00 17.56 ? 119 ILE A N   1 
ATOM   958  C CA  . ILE A 1 119 ? 5.569   -7.481  11.903  1.00 19.38 ? 119 ILE A CA  1 
ATOM   959  C C   . ILE A 1 119 ? 4.881   -8.648  11.210  1.00 21.38 ? 119 ILE A C   1 
ATOM   960  O O   . ILE A 1 119 ? 4.697   -8.592  9.990   1.00 19.90 ? 119 ILE A O   1 
ATOM   961  C CB  . ILE A 1 119 ? 4.579   -6.328  12.117  1.00 19.48 ? 119 ILE A CB  1 
ATOM   962  C CG1 . ILE A 1 119 ? 5.279   -5.125  12.758  1.00 21.33 ? 119 ILE A CG1 1 
ATOM   963  C CG2 . ILE A 1 119 ? 3.366   -6.795  12.929  1.00 20.82 ? 119 ILE A CG2 1 
ATOM   964  C CD1 . ILE A 1 119 ? 4.376   -3.906  12.930  1.00 24.90 ? 119 ILE A CD1 1 
ATOM   965  N N   . PRO A 1 120 ? 4.515   -9.722  11.906  1.00 20.81 ? 120 PRO A N   1 
ATOM   966  C CA  . PRO A 1 120 ? 3.776   -10.801 11.243  1.00 18.40 ? 120 PRO A CA  1 
ATOM   967  C C   . PRO A 1 120 ? 2.530   -10.258 10.575  1.00 18.67 ? 120 PRO A C   1 
ATOM   968  O O   . PRO A 1 120 ? 1.761   -9.502  11.184  1.00 18.37 ? 120 PRO A O   1 
ATOM   969  C CB  . PRO A 1 120 ? 3.426   -11.747 12.404  1.00 22.86 ? 120 PRO A CB  1 
ATOM   970  C CG  . PRO A 1 120 ? 4.516   -11.495 13.419  1.00 21.87 ? 120 PRO A CG  1 
ATOM   971  C CD  . PRO A 1 120 ? 4.780   -10.017 13.326  1.00 21.13 ? 120 PRO A CD  1 
ATOM   972  N N   . PRO A 1 121 ? 2.293   -10.602 9.313   1.00 16.93 ? 121 PRO A N   1 
ATOM   973  C CA  . PRO A 1 121 ? 1.101   -10.077 8.626   1.00 16.10 ? 121 PRO A CA  1 
ATOM   974  C C   . PRO A 1 121 ? -0.207  -10.558 9.228   1.00 19.12 ? 121 PRO A C   1 
ATOM   975  O O   . PRO A 1 121 ? -1.253  -9.953  8.966   1.00 18.60 ? 121 PRO A O   1 
ATOM   976  C CB  . PRO A 1 121 ? 1.276   -10.554 7.175   1.00 16.67 ? 121 PRO A CB  1 
ATOM   977  C CG  . PRO A 1 121 ? 2.256   -11.711 7.276   1.00 18.67 ? 121 PRO A CG  1 
ATOM   978  C CD  . PRO A 1 121 ? 3.158   -11.400 8.423   1.00 15.04 ? 121 PRO A CD  1 
ATOM   979  N N   . SER A 1 122 ? -0.180  -11.622 10.033  1.00 17.60 ? 122 SER A N   1 
ATOM   980  C CA  . SER A 1 122 ? -1.370  -12.066 10.742  1.00 18.75 ? 122 SER A CA  1 
ATOM   981  C C   . SER A 1 122 ? -1.834  -11.060 11.784  1.00 19.67 ? 122 SER A C   1 
ATOM   982  O O   . SER A 1 122 ? -2.925  -11.227 12.341  1.00 21.86 ? 122 SER A O   1 
ATOM   983  C CB  . SER A 1 122 ? -1.089  -13.402 11.423  1.00 22.30 ? 122 SER A CB  1 
ATOM   984  O OG  . SER A 1 122 ? 0.110   -13.323 12.176  1.00 21.22 ? 122 SER A OG  1 
ATOM   985  N N   . TYR A 1 123 ? -1.041  -10.032 12.066  1.00 16.72 ? 123 TYR A N   1 
ATOM   986  C CA  . TYR A 1 123 ? -1.441  -9.017  13.031  1.00 18.22 ? 123 TYR A CA  1 
ATOM   987  C C   . TYR A 1 123 ? -2.108  -7.813  12.383  1.00 16.44 ? 123 TYR A C   1 
ATOM   988  O O   . TYR A 1 123 ? -2.601  -6.941  13.108  1.00 19.29 ? 123 TYR A O   1 
ATOM   989  C CB  . TYR A 1 123 ? -0.240  -8.567  13.874  1.00 18.75 ? 123 TYR A CB  1 
ATOM   990  C CG  . TYR A 1 123 ? 0.379   -9.669  14.721  1.00 24.40 ? 123 TYR A CG  1 
ATOM   991  C CD1 . TYR A 1 123 ? -0.318  -10.846 14.992  1.00 23.56 ? 123 TYR A CD1 1 
ATOM   992  C CD2 . TYR A 1 123 ? 1.649   -9.523  15.260  1.00 27.66 ? 123 TYR A CD2 1 
ATOM   993  C CE1 . TYR A 1 123 ? 0.245   -11.854 15.762  1.00 27.53 ? 123 TYR A CE1 1 
ATOM   994  C CE2 . TYR A 1 123 ? 2.220   -10.525 16.037  1.00 28.17 ? 123 TYR A CE2 1 
ATOM   995  C CZ  . TYR A 1 123 ? 1.511   -11.686 16.282  1.00 29.31 ? 123 TYR A CZ  1 
ATOM   996  O OH  . TYR A 1 123 ? 2.067   -12.684 17.059  1.00 34.21 ? 123 TYR A OH  1 
ATOM   997  N N   . VAL A 1 124 ? -2.151  -7.748  11.051  1.00 15.75 ? 124 VAL A N   1 
ATOM   998  C CA  . VAL A 1 124 ? -2.760  -6.606  10.375  1.00 15.29 ? 124 VAL A CA  1 
ATOM   999  C C   . VAL A 1 124 ? -4.273  -6.687  10.505  1.00 17.30 ? 124 VAL A C   1 
ATOM   1000 O O   . VAL A 1 124 ? -4.874  -7.743  10.273  1.00 19.24 ? 124 VAL A O   1 
ATOM   1001 C CB  . VAL A 1 124 ? -2.338  -6.585  8.900   1.00 14.43 ? 124 VAL A CB  1 
ATOM   1002 C CG1 . VAL A 1 124 ? -3.149  -5.542  8.132   1.00 14.65 ? 124 VAL A CG1 1 
ATOM   1003 C CG2 . VAL A 1 124 ? -0.838  -6.307  8.793   1.00 15.84 ? 124 VAL A CG2 1 
ATOM   1004 N N   . LYS A 1 125 ? -4.902  -5.563  10.872  1.00 16.84 ? 125 LYS A N   1 
ATOM   1005 C CA  . LYS A 1 125 ? -6.350  -5.508  11.022  1.00 15.51 ? 125 LYS A CA  1 
ATOM   1006 C C   . LYS A 1 125 ? -7.041  -4.460  10.169  1.00 17.09 ? 125 LYS A C   1 
ATOM   1007 O O   . LYS A 1 125 ? -8.259  -4.552  9.994   1.00 18.64 ? 125 LYS A O   1 
ATOM   1008 C CB  . LYS A 1 125 ? -6.733  -5.292  12.497  1.00 16.17 ? 125 LYS A CB  1 
ATOM   1009 C CG  . LYS A 1 125 ? -6.441  -6.500  13.369  1.00 19.21 ? 125 LYS A CG  1 
ATOM   1010 C CD  . LYS A 1 125 ? -6.846  -6.233  14.816  1.00 27.04 ? 125 LYS A CD  1 
ATOM   1011 C CE  . LYS A 1 125 ? -8.236  -6.765  15.109  1.00 35.28 ? 125 LYS A CE  1 
ATOM   1012 N NZ  . LYS A 1 125 ? -8.608  -6.556  16.540  1.00 40.06 ? 125 LYS A NZ  1 
ATOM   1013 N N   . MET A 1 126 ? -6.318  -3.485  9.618   1.00 15.23 ? 126 MET A N   1 
ATOM   1014 C CA  . MET A 1 126 ? -6.958  -2.422  8.855   1.00 16.60 ? 126 MET A CA  1 
ATOM   1015 C C   . MET A 1 126 ? -5.997  -1.935  7.782   1.00 15.73 ? 126 MET A C   1 
ATOM   1016 O O   . MET A 1 126 ? -4.801  -1.781  8.036   1.00 18.54 ? 126 MET A O   1 
ATOM   1017 C CB  . MET A 1 126 ? -7.317  -1.236  9.741   1.00 17.14 ? 126 MET A CB  1 
ATOM   1018 C CG  . MET A 1 126 ? -8.045  -0.113  9.013   1.00 17.10 ? 126 MET A CG  1 
ATOM   1019 S SD  . MET A 1 126 ? -8.579  1.175   10.161  1.00 21.66 ? 126 MET A SD  1 
ATOM   1020 C CE  . MET A 1 126 ? -7.019  1.958   10.568  1.00 21.77 ? 126 MET A CE  1 
ATOM   1021 N N   . ILE A 1 127 ? -6.527  -1.685  6.593   1.00 16.75 ? 127 ILE A N   1 
ATOM   1022 C CA  . ILE A 1 127 ? -5.777  -1.049  5.519   1.00 17.42 ? 127 ILE A CA  1 
ATOM   1023 C C   . ILE A 1 127 ? -6.360  0.334   5.286   1.00 16.58 ? 127 ILE A C   1 
ATOM   1024 O O   . ILE A 1 127 ? -7.585  0.506   5.253   1.00 17.69 ? 127 ILE A O   1 
ATOM   1025 C CB  . ILE A 1 127 ? -5.835  -1.895  4.235   1.00 15.83 ? 127 ILE A CB  1 
ATOM   1026 C CG1 . ILE A 1 127 ? -5.190  -3.256  4.487   1.00 18.91 ? 127 ILE A CG1 1 
ATOM   1027 C CG2 . ILE A 1 127 ? -5.153  -1.162  3.059   1.00 20.88 ? 127 ILE A CG2 1 
ATOM   1028 C CD1 . ILE A 1 127 ? -5.235  -4.166  3.279   1.00 24.39 ? 127 ILE A CD1 1 
ATOM   1029 N N   . GLN A 1 128 ? -5.490  1.330   5.140   1.00 14.78 ? 128 GLN A N   1 
ATOM   1030 C CA  . GLN A 1 128 ? -5.913  2.666   4.756   1.00 14.37 ? 128 GLN A CA  1 
ATOM   1031 C C   . GLN A 1 128 ? -5.248  3.039   3.436   1.00 17.66 ? 128 GLN A C   1 
ATOM   1032 O O   . GLN A 1 128 ? -4.035  2.884   3.283   1.00 15.27 ? 128 GLN A O   1 
ATOM   1033 C CB  . GLN A 1 128 ? -5.577  3.706   5.818   1.00 14.86 ? 128 GLN A CB  1 
ATOM   1034 C CG  . GLN A 1 128 ? -6.083  5.088   5.426   1.00 16.52 ? 128 GLN A CG  1 
ATOM   1035 C CD  . GLN A 1 128 ? -6.261  6.017   6.594   1.00 23.81 ? 128 GLN A CD  1 
ATOM   1036 O OE1 . GLN A 1 128 ? -7.246  6.747   6.667   1.00 29.66 ? 128 GLN A OE1 1 
ATOM   1037 N NE2 . GLN A 1 128 ? -5.309  6.006   7.514   1.00 28.23 ? 128 GLN A NE2 1 
ATOM   1038 N N   . VAL A 1 129 ? -6.041  3.530   2.492   1.00 14.55 ? 129 VAL A N   1 
ATOM   1039 C CA  . VAL A 1 129 ? -5.545  3.998   1.203   1.00 15.91 ? 129 VAL A CA  1 
ATOM   1040 C C   . VAL A 1 129 ? -5.956  5.456   1.090   1.00 17.13 ? 129 VAL A C   1 
ATOM   1041 O O   . VAL A 1 129 ? -7.150  5.771   1.185   1.00 16.91 ? 129 VAL A O   1 
ATOM   1042 C CB  . VAL A 1 129 ? -6.131  3.178   0.046   1.00 15.88 ? 129 VAL A CB  1 
ATOM   1043 C CG1 . VAL A 1 129 ? -5.566  3.648   -1.272  1.00 18.49 ? 129 VAL A CG1 1 
ATOM   1044 C CG2 . VAL A 1 129 ? -5.871  1.683   0.226   1.00 17.81 ? 129 VAL A CG2 1 
ATOM   1045 N N   . TRP A 1 130 ? -4.986  6.342   0.910   1.00 16.56 ? 130 TRP A N   1 
ATOM   1046 C CA  . TRP A 1 130 ? -5.306  7.761   0.934   1.00 16.88 ? 130 TRP A CA  1 
ATOM   1047 C C   . TRP A 1 130 ? -4.327  8.541   0.067   1.00 18.31 ? 130 TRP A C   1 
ATOM   1048 O O   . TRP A 1 130 ? -3.603  7.964   -0.757  1.00 17.34 ? 130 TRP A O   1 
ATOM   1049 C CB  . TRP A 1 130 ? -5.433  8.264   2.385   1.00 18.84 ? 130 TRP A CB  1 
ATOM   1050 C CG  . TRP A 1 130 ? -4.185  8.163   3.235   1.00 18.23 ? 130 TRP A CG  1 
ATOM   1051 C CD1 . TRP A 1 130 ? -3.522  7.023   3.602   1.00 20.09 ? 130 TRP A CD1 1 
ATOM   1052 C CD2 . TRP A 1 130 ? -3.487  9.248   3.848   1.00 21.27 ? 130 TRP A CD2 1 
ATOM   1053 N NE1 . TRP A 1 130 ? -2.449  7.339   4.404   1.00 19.78 ? 130 TRP A NE1 1 
ATOM   1054 C CE2 . TRP A 1 130 ? -2.403  8.699   4.565   1.00 21.34 ? 130 TRP A CE2 1 
ATOM   1055 C CE3 . TRP A 1 130 ? -3.674  10.638  3.865   1.00 24.41 ? 130 TRP A CE3 1 
ATOM   1056 C CZ2 . TRP A 1 130 ? -1.511  9.490   5.297   1.00 28.30 ? 130 TRP A CZ2 1 
ATOM   1057 C CZ3 . TRP A 1 130 ? -2.781  11.423  4.581   1.00 27.35 ? 130 TRP A CZ3 1 
ATOM   1058 C CH2 . TRP A 1 130 ? -1.715  10.843  5.291   1.00 28.52 ? 130 TRP A CH2 1 
ATOM   1059 N N   . ARG A 1 131 ? -4.306  9.862   0.280   1.00 18.85 ? 131 ARG A N   1 
ATOM   1060 C CA  . ARG A 1 131 ? -3.779  10.871  -0.639  1.00 19.08 ? 131 ARG A CA  1 
ATOM   1061 C C   . ARG A 1 131 ? -4.748  11.064  -1.801  1.00 20.89 ? 131 ARG A C   1 
ATOM   1062 O O   . ARG A 1 131 ? -5.826  10.456  -1.821  1.00 20.51 ? 131 ARG A O   1 
ATOM   1063 C CB  . ARG A 1 131 ? -2.340  10.586  -1.083  1.00 18.91 ? 131 ARG A CB  1 
ATOM   1064 C CG  . ARG A 1 131 ? -1.401  10.266  0.079   1.00 20.27 ? 131 ARG A CG  1 
ATOM   1065 C CD  . ARG A 1 131 ? -1.251  11.431  1.045   1.00 22.47 ? 131 ARG A CD  1 
ATOM   1066 N NE  . ARG A 1 131 ? -0.259  11.129  2.073   1.00 22.73 ? 131 ARG A NE  1 
ATOM   1067 C CZ  . ARG A 1 131 ? 0.245   12.024  2.912   1.00 28.67 ? 131 ARG A CZ  1 
ATOM   1068 N NH1 . ARG A 1 131 ? -0.151  13.290  2.837   1.00 29.82 ? 131 ARG A NH1 1 
ATOM   1069 N NH2 . ARG A 1 131 ? 1.138   11.653  3.824   1.00 26.44 ? 131 ARG A NH2 1 
ATOM   1070 N N   . ASP A 1 132 ? -4.389  11.907  -2.763  1.00 21.66 ? 132 ASP A N   1 
ATOM   1071 C CA  . ASP A 1 132 ? -5.362  12.344  -3.763  1.00 23.94 ? 132 ASP A CA  1 
ATOM   1072 C C   . ASP A 1 132 ? -5.547  11.327  -4.886  1.00 25.72 ? 132 ASP A C   1 
ATOM   1073 O O   . ASP A 1 132 ? -5.473  11.677  -6.066  1.00 22.39 ? 132 ASP A O   1 
ATOM   1074 C CB  . ASP A 1 132 ? -4.984  13.723  -4.323  1.00 25.65 ? 132 ASP A CB  1 
ATOM   1075 C CG  . ASP A 1 132 ? -6.141  14.406  -5.042  1.00 29.87 ? 132 ASP A CG  1 
ATOM   1076 O OD1 . ASP A 1 132 ? -7.293  13.928  -4.945  1.00 30.32 ? 132 ASP A OD1 1 
ATOM   1077 O OD2 . ASP A 1 132 ? -5.890  15.421  -5.723  1.00 28.82 ? 132 ASP A OD2 1 
ATOM   1078 N N   . VAL A 1 133 ? -5.804  10.079  -4.531  1.00 22.09 ? 133 VAL A N   1 
ATOM   1079 C CA  . VAL A 1 133 ? -6.025  9.007   -5.496  1.00 20.14 ? 133 VAL A CA  1 
ATOM   1080 C C   . VAL A 1 133 ? -7.507  8.922   -5.850  1.00 19.56 ? 133 VAL A C   1 
ATOM   1081 O O   . VAL A 1 133 ? -8.382  9.081   -4.986  1.00 20.53 ? 133 VAL A O   1 
ATOM   1082 C CB  . VAL A 1 133 ? -5.483  7.666   -4.945  1.00 17.50 ? 133 VAL A CB  1 
ATOM   1083 C CG1 . VAL A 1 133 ? -5.944  7.415   -3.501  1.00 17.85 ? 133 VAL A CG1 1 
ATOM   1084 C CG2 . VAL A 1 133 ? -5.872  6.493   -5.862  1.00 20.24 ? 133 VAL A CG2 1 
ATOM   1085 N N   . SER A 1 134 ? -7.797  8.690   -7.134  1.00 18.96 ? 134 SER A N   1 
ATOM   1086 C CA  . SER A 1 134 ? -9.149  8.370   -7.588  1.00 18.66 ? 134 SER A CA  1 
ATOM   1087 C C   . SER A 1 134 ? -9.273  6.856   -7.543  1.00 20.42 ? 134 SER A C   1 
ATOM   1088 O O   . SER A 1 134 ? -8.790  6.152   -8.432  1.00 19.74 ? 134 SER A O   1 
ATOM   1089 C CB  . SER A 1 134 ? -9.390  8.903   -8.993  1.00 22.09 ? 134 SER A CB  1 
ATOM   1090 O OG  . SER A 1 134 ? -9.316  10.320  -9.001  1.00 25.07 ? 134 SER A OG  1 
ATOM   1091 N N   . LEU A 1 135 ? -9.930  6.355   -6.507  1.00 18.76 ? 135 LEU A N   1 
ATOM   1092 C CA  . LEU A 1 135 ? -9.811  4.962   -6.112  1.00 18.21 ? 135 LEU A CA  1 
ATOM   1093 C C   . LEU A 1 135 ? -11.009 4.196   -6.645  1.00 21.28 ? 135 LEU A C   1 
ATOM   1094 O O   . LEU A 1 135 ? -12.152 4.539   -6.340  1.00 22.97 ? 135 LEU A O   1 
ATOM   1095 C CB  . LEU A 1 135 ? -9.779  4.893   -4.589  1.00 21.18 ? 135 LEU A CB  1 
ATOM   1096 C CG  . LEU A 1 135 ? -9.369  3.613   -3.887  1.00 20.80 ? 135 LEU A CG  1 
ATOM   1097 C CD1 . LEU A 1 135 ? -8.022  3.123   -4.375  1.00 22.21 ? 135 LEU A CD1 1 
ATOM   1098 C CD2 . LEU A 1 135 ? -9.329  3.891   -2.386  1.00 20.23 ? 135 LEU A CD2 1 
ATOM   1099 N N   . ASP A 1 136 ? -10.748 3.163   -7.436  1.00 19.63 ? 136 ASP A N   1 
ATOM   1100 C CA  . ASP A 1 136 ? -11.838 2.358   -7.965  1.00 20.78 ? 136 ASP A CA  1 
ATOM   1101 C C   . ASP A 1 136 ? -12.258 1.268   -6.991  1.00 22.67 ? 136 ASP A C   1 
ATOM   1102 O O   . ASP A 1 136 ? -13.452 1.077   -6.751  1.00 24.52 ? 136 ASP A O   1 
ATOM   1103 C CB  . ASP A 1 136 ? -11.423 1.728   -9.294  1.00 22.66 ? 136 ASP A CB  1 
ATOM   1104 C CG  . ASP A 1 136 ? -11.213 2.755   -10.372 1.00 29.02 ? 136 ASP A CG  1 
ATOM   1105 O OD1 . ASP A 1 136 ? -12.202 3.431   -10.725 1.00 32.72 ? 136 ASP A OD1 1 
ATOM   1106 O OD2 . ASP A 1 136 ? -10.064 2.898   -10.847 1.00 27.28 ? 136 ASP A OD2 1 
ATOM   1107 N N   . SER A 1 137 ? -11.293 0.540   -6.435  1.00 23.12 ? 137 SER A N   1 
ATOM   1108 C CA  . SER A 1 137 ? -11.615 -0.615  -5.609  1.00 21.33 ? 137 SER A CA  1 
ATOM   1109 C C   . SER A 1 137 ? -10.411 -0.980  -4.755  1.00 19.99 ? 137 SER A C   1 
ATOM   1110 O O   . SER A 1 137 ? -9.256  -0.758  -5.141  1.00 19.99 ? 137 SER A O   1 
ATOM   1111 C CB  . SER A 1 137 ? -12.030 -1.813  -6.468  1.00 23.42 ? 137 SER A CB  1 
ATOM   1112 O OG  . SER A 1 137 ? -11.008 -2.159  -7.379  1.00 25.19 ? 137 SER A OG  1 
ATOM   1113 N N   . VAL A 1 138 ? -10.702 -1.519  -3.578  1.00 17.12 ? 138 VAL A N   1 
ATOM   1114 C CA  . VAL A 1 138 ? -9.694  -2.086  -2.690  1.00 19.37 ? 138 VAL A CA  1 
ATOM   1115 C C   . VAL A 1 138 ? -10.280 -3.394  -2.194  1.00 23.10 ? 138 VAL A C   1 
ATOM   1116 O O   . VAL A 1 138 ? -11.360 -3.398  -1.597  1.00 23.24 ? 138 VAL A O   1 
ATOM   1117 C CB  . VAL A 1 138 ? -9.417  -1.171  -1.482  1.00 21.42 ? 138 VAL A CB  1 
ATOM   1118 C CG1 . VAL A 1 138 ? -8.427  -1.831  -0.527  1.00 22.43 ? 138 VAL A CG1 1 
ATOM   1119 C CG2 . VAL A 1 138 ? -8.929  0.204   -1.932  1.00 21.03 ? 138 VAL A CG2 1 
ATOM   1120 N N   . LEU A 1 139 ? -9.600  -4.503  -2.450  1.00 20.99 ? 139 LEU A N   1 
ATOM   1121 C CA  . LEU A 1 139 ? -10.143 -5.745  -1.928  1.00 23.47 ? 139 LEU A CA  1 
ATOM   1122 C C   . LEU A 1 139 ? -9.016  -6.675  -1.533  1.00 23.32 ? 139 LEU A C   1 
ATOM   1123 O O   . LEU A 1 139 ? -7.876  -6.527  -1.976  1.00 21.25 ? 139 LEU A O   1 
ATOM   1124 C CB  . LEU A 1 139 ? -11.119 -6.405  -2.902  1.00 27.12 ? 139 LEU A CB  1 
ATOM   1125 C CG  . LEU A 1 139 ? -10.667 -6.616  -4.342  1.00 28.53 ? 139 LEU A CG  1 
ATOM   1126 C CD1 . LEU A 1 139 ? -9.790  -7.836  -4.453  1.00 31.10 ? 139 LEU A CD1 1 
ATOM   1127 C CD2 . LEU A 1 139 ? -11.881 -6.732  -5.254  1.00 36.60 ? 139 LEU A CD2 1 
ATOM   1128 N N   . VAL A 1 140 ? -9.360  -7.633  -0.679  1.00 19.95 ? 140 VAL A N   1 
ATOM   1129 C CA  . VAL A 1 140 ? -8.453  -8.682  -0.242  1.00 20.00 ? 140 VAL A CA  1 
ATOM   1130 C C   . VAL A 1 140 ? -9.025  -10.005 -0.718  1.00 25.96 ? 140 VAL A C   1 
ATOM   1131 O O   . VAL A 1 140 ? -10.187 -10.320 -0.434  1.00 29.07 ? 140 VAL A O   1 
ATOM   1132 C CB  . VAL A 1 140 ? -8.304  -8.681  1.290   1.00 24.04 ? 140 VAL A CB  1 
ATOM   1133 C CG1 . VAL A 1 140 ? -7.419  -9.837  1.735   1.00 27.55 ? 140 VAL A CG1 1 
ATOM   1134 C CG2 . VAL A 1 140 ? -7.751  -7.349  1.768   1.00 24.81 ? 140 VAL A CG2 1 
ATOM   1135 N N   . ASN A 1 141 ? -8.220  -10.771 -1.444  1.00 22.53 ? 141 ASN A N   1 
ATOM   1136 C CA  . ASN A 1 141 ? -8.589  -12.120 -1.855  1.00 29.71 ? 141 ASN A CA  1 
ATOM   1137 C C   . ASN A 1 141 ? -7.813  -13.140 -1.040  1.00 34.25 ? 141 ASN A C   1 
ATOM   1138 O O   . ASN A 1 141 ? -6.629  -12.941 -0.750  1.00 28.88 ? 141 ASN A O   1 
ATOM   1139 C CB  . ASN A 1 141 ? -8.311  -12.341 -3.342  1.00 34.06 ? 141 ASN A CB  1 
ATOM   1140 C CG  . ASN A 1 141 ? -9.509  -12.024 -4.205  1.00 43.43 ? 141 ASN A CG  1 
ATOM   1141 O OD1 . ASN A 1 141 ? -9.838  -10.860 -4.423  1.00 44.06 ? 141 ASN A OD1 1 
ATOM   1142 N ND2 . ASN A 1 141 ? -10.176 -13.062 -4.702  1.00 45.55 ? 141 ASN A ND2 1 
ATOM   1143 N N   . ASN A 1 142 ? -8.487  -14.235 -0.677  1.00 39.60 ? 142 ASN A N   1 
ATOM   1144 C CA  . ASN A 1 142 ? -7.889  -15.301 0.125   1.00 40.61 ? 142 ASN A CA  1 
ATOM   1145 C C   . ASN A 1 142 ? -7.401  -16.463 -0.737  1.00 48.03 ? 142 ASN A C   1 
ATOM   1146 O O   . ASN A 1 142 ? -6.222  -16.831 -0.680  1.00 48.81 ? 142 ASN A O   1 
ATOM   1147 C CB  . ASN A 1 142 ? -8.884  -15.810 1.180   1.00 42.94 ? 142 ASN A CB  1 
ATOM   1148 C CG  . ASN A 1 142 ? -9.195  -14.769 2.235   1.00 41.58 ? 142 ASN A CG  1 
ATOM   1149 O OD1 . ASN A 1 142 ? -8.679  -13.651 2.191   1.00 43.75 ? 142 ASN A OD1 1 
ATOM   1150 N ND2 . ASN A 1 142 ? -10.034 -15.133 3.200   1.00 43.63 ? 142 ASN A ND2 1 
ATOM   1151 N N   . GLY A 1 143 ? -8.294  -17.057 -1.524  1.00 47.78 ? 143 GLY A N   1 
ATOM   1152 C CA  . GLY A 1 143 ? -7.921  -18.178 -2.367  1.00 45.34 ? 143 GLY A CA  1 
ATOM   1153 C C   . GLY A 1 143 ? -8.158  -19.519 -1.699  1.00 42.53 ? 143 GLY A C   1 
ATOM   1154 O O   . GLY A 1 143 ? -9.116  -20.221 -2.017  1.00 45.18 ? 143 GLY A O   1 
HETATM 1155 C C2  . BGC B 2 .   ? 12.847  10.905  3.698   1.00 34.75 ? 1   BGC B C2  1 
HETATM 1156 C C3  . BGC B 2 .   ? 11.330  10.819  3.797   1.00 29.56 ? 1   BGC B C3  1 
HETATM 1157 C C4  . BGC B 2 .   ? 10.880  10.779  5.262   1.00 28.34 ? 1   BGC B C4  1 
HETATM 1158 C C5  . BGC B 2 .   ? 11.595  11.869  6.076   1.00 35.83 ? 1   BGC B C5  1 
HETATM 1159 C C6  . BGC B 2 .   ? 11.395  11.634  7.572   1.00 37.59 ? 1   BGC B C6  1 
HETATM 1160 C C1  . BGC B 2 .   ? 13.294  12.114  4.503   1.00 37.69 ? 1   BGC B C1  1 
HETATM 1161 O O1  . BGC B 2 .   ? 14.678  12.268  4.362   1.00 43.07 ? 1   BGC B O1  1 
HETATM 1162 O O2  . BGC B 2 .   ? 13.228  11.066  2.361   1.00 33.84 ? 1   BGC B O2  1 
HETATM 1163 O O3  . BGC B 2 .   ? 10.908  9.668   3.120   1.00 29.03 ? 1   BGC B O3  1 
HETATM 1164 O O4  . BGC B 2 .   ? 9.490   11.005  5.298   1.00 27.43 ? 1   BGC B O4  1 
HETATM 1165 O O5  . BGC B 2 .   ? 12.983  11.877  5.845   1.00 39.42 ? 1   BGC B O5  1 
HETATM 1166 O O6  . BGC B 2 .   ? 11.262  12.863  8.231   1.00 48.04 ? 1   BGC B O6  1 
HETATM 1167 C C1  . GAL B 2 .   ? 8.777   10.035  6.026   1.00 30.32 ? 2   GAL B C1  1 
HETATM 1168 C C2  . GAL B 2 .   ? 7.309   10.465  6.073   1.00 28.49 ? 2   GAL B C2  1 
HETATM 1169 C C3  . GAL B 2 .   ? 6.473   9.374   6.734   1.00 28.23 ? 2   GAL B C3  1 
HETATM 1170 C C4  . GAL B 2 .   ? 6.731   8.070   5.980   1.00 26.20 ? 2   GAL B C4  1 
HETATM 1171 C C5  . GAL B 2 .   ? 8.224   7.779   6.101   1.00 25.88 ? 2   GAL B C5  1 
HETATM 1172 C C6  . GAL B 2 .   ? 8.544   6.418   5.484   1.00 24.79 ? 2   GAL B C6  1 
HETATM 1173 O O2  . GAL B 2 .   ? 7.190   11.668  6.783   1.00 31.43 ? 2   GAL B O2  1 
HETATM 1174 O O3  . GAL B 2 .   ? 5.118   9.716   6.682   1.00 30.55 ? 2   GAL B O3  1 
HETATM 1175 O O4  . GAL B 2 .   ? 6.407   8.189   4.615   1.00 26.00 ? 2   GAL B O4  1 
HETATM 1176 O O5  . GAL B 2 .   ? 8.927   8.779   5.411   1.00 25.46 ? 2   GAL B O5  1 
HETATM 1177 O O6  . GAL B 2 .   ? 9.912   6.156   5.639   1.00 23.99 ? 2   GAL B O6  1 
HETATM 1178 O O   . HOH C 3 .   ? 16.734  12.790  5.085   1.00 35.16 ? 301 HOH A O   1 
HETATM 1179 O O   . HOH C 3 .   ? -7.220  -12.621 3.561   1.00 34.42 ? 302 HOH A O   1 
HETATM 1180 O O   . HOH C 3 .   ? -2.647  5.858   7.486   1.00 37.70 ? 303 HOH A O   1 
HETATM 1181 O O   . HOH C 3 .   ? 8.379   -16.030 1.406   1.00 26.75 ? 304 HOH A O   1 
HETATM 1182 O O   . HOH C 3 .   ? -3.747  9.839   19.370  1.00 37.94 ? 305 HOH A O   1 
HETATM 1183 O O   . HOH C 3 .   ? -11.631 -11.576 1.075   1.00 41.82 ? 306 HOH A O   1 
HETATM 1184 O O   . HOH C 3 .   ? -5.662  -7.830  -11.670 1.00 33.77 ? 307 HOH A O   1 
HETATM 1185 O O   . HOH C 3 .   ? -1.974  6.489   -11.921 1.00 22.39 ? 308 HOH A O   1 
HETATM 1186 O O   . HOH C 3 .   ? 2.085   16.009  -7.376  1.00 30.49 ? 309 HOH A O   1 
HETATM 1187 O O   . HOH C 3 .   ? -1.620  -18.002 -3.397  1.00 45.49 ? 310 HOH A O   1 
HETATM 1188 O O   . HOH C 3 .   ? -9.406  5.215   -11.448 1.00 26.33 ? 311 HOH A O   1 
HETATM 1189 O O   . HOH C 3 .   ? 1.510   17.655  -14.079 1.00 34.10 ? 312 HOH A O   1 
HETATM 1190 O O   . HOH C 3 .   ? -5.776  -5.085  -14.212 1.00 46.83 ? 313 HOH A O   1 
HETATM 1191 O O   . HOH C 3 .   ? -12.089 4.254   -13.099 1.00 34.66 ? 314 HOH A O   1 
HETATM 1192 O O   . HOH C 3 .   ? 4.089   -7.769  7.657   1.00 19.57 ? 315 HOH A O   1 
HETATM 1193 O O   . HOH C 3 .   ? -7.837  12.043  -7.843  1.00 31.89 ? 316 HOH A O   1 
HETATM 1194 O O   . HOH C 3 .   ? -2.858  -14.991 -7.758  1.00 36.01 ? 317 HOH A O   1 
HETATM 1195 O O   . HOH C 3 .   ? -3.058  11.107  -6.791  1.00 22.06 ? 318 HOH A O   1 
HETATM 1196 O O   . HOH C 3 .   ? -9.351  -3.976  -6.567  1.00 22.57 ? 319 HOH A O   1 
HETATM 1197 O O   . HOH C 3 .   ? 1.693   -13.930 10.203  1.00 28.51 ? 320 HOH A O   1 
HETATM 1198 O O   . HOH C 3 .   ? 4.512   -1.880  -14.343 1.00 29.58 ? 321 HOH A O   1 
HETATM 1199 O O   . HOH C 3 .   ? 11.619  -5.415  5.417   1.00 20.27 ? 322 HOH A O   1 
HETATM 1200 O O   . HOH C 3 .   ? -2.321  -19.321 4.515   1.00 27.12 ? 323 HOH A O   1 
HETATM 1201 O O   . HOH C 3 .   ? -4.072  -10.111 9.487   1.00 19.31 ? 324 HOH A O   1 
HETATM 1202 O O   . HOH C 3 .   ? -6.769  -0.345  -12.627 1.00 26.14 ? 325 HOH A O   1 
HETATM 1203 O O   . HOH C 3 .   ? -14.603 0.047   4.304   1.00 37.69 ? 326 HOH A O   1 
HETATM 1204 O O   . HOH C 3 .   ? 6.013   8.105   -12.429 1.00 28.16 ? 327 HOH A O   1 
HETATM 1205 O O   . HOH C 3 .   ? -11.151 8.183   -4.747  1.00 21.41 ? 328 HOH A O   1 
HETATM 1206 O O   . HOH C 3 .   ? 3.267   -4.725  -17.455 1.00 35.30 ? 329 HOH A O   1 
HETATM 1207 O O   . HOH C 3 .   ? 12.181  -8.208  9.144   1.00 25.19 ? 330 HOH A O   1 
HETATM 1208 O O   . HOH C 3 .   ? 5.978   -6.002  8.226   1.00 17.67 ? 331 HOH A O   1 
HETATM 1209 O O   . HOH C 3 .   ? -15.404 2.811   -7.599  1.00 31.59 ? 332 HOH A O   1 
HETATM 1210 O O   . HOH C 3 .   ? 2.288   2.292   17.351  1.00 21.08 ? 333 HOH A O   1 
HETATM 1211 O O   . HOH C 3 .   ? -2.087  2.371   -17.192 1.00 33.32 ? 334 HOH A O   1 
HETATM 1212 O O   . HOH C 3 .   ? 12.545  7.100   12.332  1.00 25.59 ? 335 HOH A O   1 
HETATM 1213 O O   . HOH C 3 .   ? 2.464   9.144   6.903   1.00 32.30 ? 336 HOH A O   1 
HETATM 1214 O O   . HOH C 3 .   ? 11.274  -5.252  13.535  1.00 32.74 ? 337 HOH A O   1 
HETATM 1215 O O   . HOH C 3 .   ? -11.337 -7.298  4.154   1.00 35.44 ? 338 HOH A O   1 
HETATM 1216 O O   . HOH C 3 .   ? -14.288 6.022   2.718   1.00 25.54 ? 339 HOH A O   1 
HETATM 1217 O O   . HOH C 3 .   ? 13.121  7.920   -10.344 1.00 32.44 ? 340 HOH A O   1 
HETATM 1218 O O   . HOH C 3 .   ? 6.041   14.201  -4.682  1.00 33.24 ? 341 HOH A O   1 
HETATM 1219 O O   . HOH C 3 .   ? -3.928  17.874  -3.800  1.00 39.53 ? 342 HOH A O   1 
HETATM 1220 O O   . HOH C 3 .   ? -8.931  11.820  -4.324  1.00 32.76 ? 343 HOH A O   1 
HETATM 1221 O O   . HOH C 3 .   ? 7.806   -8.489  -13.373 1.00 28.55 ? 344 HOH A O   1 
HETATM 1222 O O   . HOH C 3 .   ? -7.538  6.556   -15.397 1.00 33.86 ? 345 HOH A O   1 
HETATM 1223 O O   . HOH C 3 .   ? 11.962  -3.398  11.308  1.00 27.50 ? 346 HOH A O   1 
HETATM 1224 O O   . HOH C 3 .   ? -8.620  -2.463  16.617  1.00 26.33 ? 347 HOH A O   1 
HETATM 1225 O O   . HOH C 3 .   ? 6.259   13.664  -7.330  1.00 31.86 ? 348 HOH A O   1 
HETATM 1226 O O   . HOH C 3 .   ? -0.788  7.334   11.621  1.00 30.62 ? 349 HOH A O   1 
HETATM 1227 O O   . HOH C 3 .   ? -0.319  -15.339 14.074  1.00 27.32 ? 350 HOH A O   1 
HETATM 1228 O O   . HOH C 3 .   ? -12.234 -2.126  -9.901  1.00 31.58 ? 351 HOH A O   1 
HETATM 1229 O O   . HOH C 3 .   ? 8.171   13.824  5.276   1.00 37.89 ? 352 HOH A O   1 
HETATM 1230 O O   . HOH C 3 .   ? 8.104   -5.606  -18.454 1.00 43.86 ? 353 HOH A O   1 
HETATM 1231 O O   . HOH C 3 .   ? 14.682  -12.392 4.731   1.00 33.57 ? 354 HOH A O   1 
HETATM 1232 O O   . HOH C 3 .   ? 5.694   -15.767 -6.048  1.00 29.40 ? 355 HOH A O   1 
HETATM 1233 O O   . HOH C 3 .   ? 4.738   8.188   15.899  1.00 30.71 ? 356 HOH A O   1 
HETATM 1234 O O   . HOH C 3 .   ? 8.200   9.129   2.557   1.00 27.83 ? 357 HOH A O   1 
HETATM 1235 O O   . HOH C 3 .   ? -15.107 -0.540  -5.138  1.00 35.70 ? 358 HOH A O   1 
HETATM 1236 O O   . HOH C 3 .   ? -16.038 10.789  -2.296  1.00 36.30 ? 359 HOH A O   1 
HETATM 1237 O O   . HOH C 3 .   ? 13.268  -4.858  -6.320  1.00 27.79 ? 360 HOH A O   1 
HETATM 1238 O O   . HOH C 3 .   ? -6.001  6.143   20.147  1.00 32.39 ? 361 HOH A O   1 
HETATM 1239 O O   . HOH C 3 .   ? 10.247  4.833   -13.276 1.00 26.73 ? 362 HOH A O   1 
HETATM 1240 O O   . HOH C 3 .   ? 13.477  6.074   8.905   1.00 33.19 ? 363 HOH A O   1 
HETATM 1241 O O   . HOH C 3 .   ? 3.250   0.818   -15.384 1.00 40.10 ? 364 HOH A O   1 
HETATM 1242 O O   . HOH C 3 .   ? 6.645   10.858  1.683   1.00 35.98 ? 365 HOH A O   1 
HETATM 1243 O O   . HOH C 3 .   ? -7.409  -9.336  11.345  1.00 29.98 ? 366 HOH A O   1 
HETATM 1244 O O   . HOH C 3 .   ? -3.098  -15.073 9.369   1.00 27.66 ? 367 HOH A O   1 
HETATM 1245 O O   . HOH C 3 .   ? -9.168  0.890   -12.686 1.00 30.71 ? 368 HOH A O   1 
HETATM 1246 O O   . HOH C 3 .   ? -1.794  13.798  -5.803  1.00 25.38 ? 369 HOH A O   1 
HETATM 1247 O O   . HOH C 3 .   ? 3.925   2.656   15.232  1.00 21.39 ? 370 HOH A O   1 
HETATM 1248 O O   . HOH C 3 .   ? 3.725   19.735  -12.231 1.00 44.50 ? 371 HOH A O   1 
HETATM 1249 O O   . HOH C 3 .   ? 3.526   8.812   11.738  1.00 32.30 ? 372 HOH A O   1 
HETATM 1250 O O   . HOH C 3 .   ? -5.498  -11.997 11.075  1.00 30.04 ? 373 HOH A O   1 
HETATM 1251 O O   . HOH C 3 .   ? 11.689  7.478   7.513   1.00 29.01 ? 374 HOH A O   1 
HETATM 1252 O O   . HOH C 3 .   ? 15.646  4.751   6.732   1.00 28.98 ? 375 HOH A O   1 
HETATM 1253 O O   . HOH C 3 .   ? -6.073  11.382  10.458  1.00 42.18 ? 376 HOH A O   1 
HETATM 1254 O O   . HOH C 3 .   ? -2.189  14.754  1.370   1.00 33.96 ? 377 HOH A O   1 
HETATM 1255 O O   . HOH C 3 .   ? 15.989  10.660  1.541   1.00 38.21 ? 378 HOH A O   1 
HETATM 1256 O O   . HOH C 3 .   ? -13.448 4.320   4.722   1.00 23.52 ? 379 HOH A O   1 
HETATM 1257 O O   . HOH C 3 .   ? -18.077 6.452   -2.940  1.00 34.02 ? 380 HOH A O   1 
HETATM 1258 O O   . HOH C 3 .   ? 4.024   9.771   3.520   1.00 30.35 ? 381 HOH A O   1 
HETATM 1259 O O   . HOH C 3 .   ? -1.930  13.478  -3.016  1.00 24.72 ? 382 HOH A O   1 
HETATM 1260 O O   . HOH C 3 .   ? -3.377  -7.187  15.911  1.00 33.23 ? 383 HOH A O   1 
HETATM 1261 O O   . HOH C 3 .   ? 10.385  12.216  -2.934  1.00 39.16 ? 384 HOH A O   1 
HETATM 1262 O O   . HOH C 3 .   ? 16.663  13.132  2.382   1.00 27.80 ? 385 HOH A O   1 
HETATM 1263 O O   . HOH C 3 .   ? -11.662 6.953   6.692   1.00 33.64 ? 386 HOH A O   1 
HETATM 1264 O O   . HOH C 3 .   ? -6.623  11.343  1.336   1.00 28.14 ? 387 HOH A O   1 
HETATM 1265 O O   . HOH C 3 .   ? 16.369  1.149   -0.551  1.00 30.24 ? 388 HOH A O   1 
HETATM 1266 O O   . HOH C 3 .   ? -9.998  -9.458  4.959   1.00 29.93 ? 389 HOH A O   1 
HETATM 1267 O O   . HOH C 3 .   ? 10.287  -12.032 7.954   1.00 32.25 ? 390 HOH A O   1 
HETATM 1268 O O   . HOH C 3 .   ? -0.071  -5.783  -10.753 1.00 23.02 ? 391 HOH A O   1 
HETATM 1269 O O   . HOH C 3 .   ? -14.170 -5.935  6.174   1.00 36.65 ? 392 HOH A O   1 
HETATM 1270 O O   . HOH C 3 .   ? 12.743  -5.802  2.539   1.00 28.00 ? 393 HOH A O   1 
HETATM 1271 O O   . HOH C 3 .   ? -5.162  -9.631  13.544  1.00 34.20 ? 394 HOH A O   1 
HETATM 1272 O O   . HOH C 3 .   ? 12.953  -6.664  -4.047  1.00 27.60 ? 395 HOH A O   1 
HETATM 1273 O O   . HOH C 3 .   ? 15.692  -0.795  -3.912  1.00 31.36 ? 396 HOH A O   1 
HETATM 1274 O O   . HOH C 3 .   ? -12.674 11.244  -1.833  1.00 31.49 ? 397 HOH A O   1 
HETATM 1275 O O   . HOH C 3 .   ? -13.049 12.020  3.486   1.00 35.06 ? 398 HOH A O   1 
HETATM 1276 O O   . HOH C 3 .   ? 17.197  3.914   -0.016  1.00 38.50 ? 399 HOH A O   1 
HETATM 1277 O O   . HOH C 3 .   ? -16.429 4.876   -0.373  1.00 33.21 ? 400 HOH A O   1 
HETATM 1278 O O   . HOH C 3 .   ? -2.524  -6.321  -14.011 1.00 47.74 ? 401 HOH A O   1 
HETATM 1279 O O   . HOH C 3 .   ? 15.144  -4.083  5.252   1.00 33.67 ? 402 HOH A O   1 
HETATM 1280 O O   . HOH C 3 .   ? 5.413   8.967   -16.458 1.00 43.15 ? 403 HOH A O   1 
HETATM 1281 O O   . HOH C 3 .   ? -0.059  -0.903  18.171  1.00 32.72 ? 404 HOH A O   1 
HETATM 1282 O O   . HOH C 3 .   ? 5.349   10.695  10.895  1.00 35.73 ? 405 HOH A O   1 
HETATM 1283 O O   . HOH C 3 .   ? 15.908  7.871   -2.626  1.00 39.07 ? 406 HOH A O   1 
HETATM 1284 O O   . HOH C 3 .   ? -12.212 -7.189  0.458   1.00 33.63 ? 407 HOH A O   1 
HETATM 1285 O O   . HOH C 3 .   ? 8.064   7.305   -13.677 1.00 32.26 ? 408 HOH A O   1 
HETATM 1286 O O   . HOH C 3 .   ? 3.703   10.986  -14.127 1.00 38.05 ? 409 HOH A O   1 
HETATM 1287 O O   . HOH C 3 .   ? -0.305  4.044   -13.774 1.00 29.32 ? 410 HOH A O   1 
HETATM 1288 O O   . HOH C 3 .   ? 6.349   17.040  -9.277  1.00 46.60 ? 411 HOH A O   1 
HETATM 1289 O O   . HOH C 3 .   ? -10.249 -6.658  11.277  1.00 32.20 ? 412 HOH A O   1 
HETATM 1290 O O   . HOH C 3 .   ? 13.676  -2.064  9.738   1.00 23.84 ? 413 HOH A O   1 
HETATM 1291 O O   . HOH C 3 .   ? -13.383 -9.035  -0.975  1.00 42.55 ? 414 HOH A O   1 
HETATM 1292 O O   . HOH C 3 .   ? -11.332 -8.790  17.166  1.00 37.06 ? 415 HOH A O   1 
HETATM 1293 O O   . HOH C 3 .   ? -3.433  -12.446 15.703  1.00 33.93 ? 416 HOH A O   1 
HETATM 1294 O O   . HOH C 3 .   ? -1.750  9.506   13.519  1.00 44.08 ? 417 HOH A O   1 
HETATM 1295 O O   . HOH C 3 .   ? -11.173 -0.525  -12.113 1.00 36.10 ? 418 HOH A O   1 
HETATM 1296 O O   . HOH C 3 .   ? 12.790  -6.629  -8.813  1.00 44.66 ? 419 HOH A O   1 
HETATM 1297 O O   . HOH C 3 .   ? -3.597  10.063  8.471   1.00 38.58 ? 420 HOH A O   1 
HETATM 1298 O O   . HOH C 3 .   ? -5.550  10.175  7.264   1.00 38.96 ? 421 HOH A O   1 
HETATM 1299 O O   . HOH C 3 .   ? 10.722  7.530   -12.765 1.00 43.45 ? 422 HOH A O   1 
HETATM 1300 O O   . HOH C 3 .   ? -5.542  10.713  17.979  1.00 35.57 ? 423 HOH A O   1 
HETATM 1301 O O   . HOH C 3 .   ? 13.383  -6.530  7.277   1.00 22.81 ? 424 HOH A O   1 
HETATM 1302 O O   . HOH C 3 .   ? 14.465  12.278  -1.419  1.00 43.03 ? 425 HOH A O   1 
HETATM 1303 O O   . HOH C 3 .   ? 7.710   12.190  -14.337 1.00 45.28 ? 426 HOH A O   1 
HETATM 1304 O O   . HOH C 3 .   ? 1.353   -15.134 8.328   1.00 31.12 ? 427 HOH A O   1 
HETATM 1305 O O   . HOH C 3 .   ? -6.550  13.043  3.148   1.00 36.77 ? 428 HOH A O   1 
HETATM 1306 O O   . HOH C 3 .   ? -9.626  1.918   -15.512 1.00 40.39 ? 429 HOH A O   1 
HETATM 1307 O O   . HOH C 3 .   ? -16.512 4.393   2.112   1.00 42.48 ? 430 HOH A O   1 
HETATM 1308 O O   . HOH C 3 .   ? -2.772  3.094   -19.620 1.00 44.19 ? 431 HOH A O   1 
HETATM 1309 O O   . HOH C 3 .   ? -5.086  1.349   -19.456 1.00 49.02 ? 432 HOH A O   1 
HETATM 1310 O O   . HOH C 3 .   ? -8.484  0.722   -17.377 1.00 41.90 ? 433 HOH A O   1 
# 
loop_
_pdbx_poly_seq_scheme.asym_id 
_pdbx_poly_seq_scheme.entity_id 
_pdbx_poly_seq_scheme.seq_id 
_pdbx_poly_seq_scheme.mon_id 
_pdbx_poly_seq_scheme.ndb_seq_num 
_pdbx_poly_seq_scheme.pdb_seq_num 
_pdbx_poly_seq_scheme.auth_seq_num 
_pdbx_poly_seq_scheme.pdb_mon_id 
_pdbx_poly_seq_scheme.auth_mon_id 
_pdbx_poly_seq_scheme.pdb_strand_id 
_pdbx_poly_seq_scheme.pdb_ins_code 
_pdbx_poly_seq_scheme.hetero 
A 1 1   GLY 1   1   ?   ?   ?   A . n 
A 1 2   SER 2   2   ?   ?   ?   A . n 
A 1 3   HIS 3   3   ?   ?   ?   A . n 
A 1 4   MET 4   4   4   MET MET A . n 
A 1 5   SER 5   5   5   SER SER A . n 
A 1 6   PHE 6   6   6   PHE PHE A . n 
A 1 7   LEU 7   7   7   LEU LEU A . n 
A 1 8   THR 8   8   8   THR THR A . n 
A 1 9   VAL 9   9   9   VAL VAL A . n 
A 1 10  PRO 10  10  10  PRO PRO A . n 
A 1 11  TYR 11  11  11  TYR TYR A . n 
A 1 12  LYS 12  12  12  LYS LYS A . n 
A 1 13  LEU 13  13  13  LEU LEU A . n 
A 1 14  PRO 14  14  14  PRO PRO A . n 
A 1 15  VAL 15  15  15  VAL VAL A . n 
A 1 16  SER 16  16  16  SER SER A . n 
A 1 17  LEU 17  17  17  LEU LEU A . n 
A 1 18  SER 18  18  18  SER SER A . n 
A 1 19  VAL 19  19  19  VAL VAL A . n 
A 1 20  GLY 20  20  20  GLY GLY A . n 
A 1 21  SER 21  21  21  SER SER A . n 
A 1 22  CYS 22  22  22  CYS CYS A . n 
A 1 23  VAL 23  23  23  VAL VAL A . n 
A 1 24  ILE 24  24  24  ILE ILE A . n 
A 1 25  ILE 25  25  25  ILE ILE A . n 
A 1 26  LYS 26  26  26  LYS LYS A . n 
A 1 27  GLY 27  27  27  GLY GLY A . n 
A 1 28  THR 28  28  28  THR THR A . n 
A 1 29  LEU 29  29  29  LEU LEU A . n 
A 1 30  ILE 30  30  30  ILE ILE A . n 
A 1 31  ASP 31  31  31  ASP ASP A . n 
A 1 32  SER 32  32  32  SER SER A . n 
A 1 33  SER 33  33  33  SER SER A . n 
A 1 34  ILE 34  34  34  ILE ILE A . n 
A 1 35  ASN 35  35  35  ASN ASN A . n 
A 1 36  GLU 36  36  36  GLU GLU A . n 
A 1 37  PRO 37  37  37  PRO PRO A . n 
A 1 38  GLN 38  38  38  GLN GLN A . n 
A 1 39  LEU 39  39  39  LEU LEU A . n 
A 1 40  GLN 40  40  40  GLN GLN A . n 
A 1 41  VAL 41  41  41  VAL VAL A . n 
A 1 42  ASP 42  42  42  ASP ASP A . n 
A 1 43  PHE 43  43  43  PHE PHE A . n 
A 1 44  TYR 44  44  44  TYR TYR A . n 
A 1 45  THR 45  45  45  THR THR A . n 
A 1 46  GLU 46  46  46  GLU GLU A . n 
A 1 47  MET 47  47  47  MET MET A . n 
A 1 48  ASN 48  48  48  ASN ASN A . n 
A 1 49  GLU 49  49  49  GLU GLU A . n 
A 1 50  ASP 50  50  50  ASP ASP A . n 
A 1 51  SER 51  51  51  SER SER A . n 
A 1 52  GLU 52  52  52  GLU GLU A . n 
A 1 53  ILE 53  53  53  ILE ILE A . n 
A 1 54  ALA 54  54  54  ALA ALA A . n 
A 1 55  PHE 55  55  55  PHE PHE A . n 
A 1 56  HIS 56  56  56  HIS HIS A . n 
A 1 57  LEU 57  57  57  LEU LEU A . n 
A 1 58  ASN 58  58  58  ASN ASN A . n 
A 1 59  VAL 59  59  59  VAL VAL A . n 
A 1 60  HIS 60  60  60  HIS HIS A . n 
A 1 61  LEU 61  61  61  LEU LEU A . n 
A 1 62  GLY 62  62  62  GLY GLY A . n 
A 1 63  ARG 63  63  63  ARG ARG A . n 
A 1 64  ARG 64  64  64  ARG ARG A . n 
A 1 65  VAL 65  65  65  VAL VAL A . n 
A 1 66  VAL 66  66  66  VAL VAL A . n 
A 1 67  MET 67  67  67  MET MET A . n 
A 1 68  ASN 68  68  68  ASN ASN A . n 
A 1 69  SER 69  69  69  SER SER A . n 
A 1 70  ARG 70  70  70  ARG ARG A . n 
A 1 71  GLU 71  71  71  GLU GLU A . n 
A 1 72  PHE 72  72  72  PHE PHE A . n 
A 1 73  GLY 73  73  73  GLY GLY A . n 
A 1 74  ILE 74  74  74  ILE ILE A . n 
A 1 75  TRP 75  75  75  TRP TRP A . n 
A 1 76  MET 76  76  76  MET MET A . n 
A 1 77  LEU 77  77  77  LEU LEU A . n 
A 1 78  GLU 78  78  78  GLU GLU A . n 
A 1 79  GLU 79  79  79  GLU GLU A . n 
A 1 80  ASN 80  80  80  ASN ASN A . n 
A 1 81  LEU 81  81  81  LEU LEU A . n 
A 1 82  HIS 82  82  82  HIS HIS A . n 
A 1 83  TYR 83  83  83  TYR TYR A . n 
A 1 84  VAL 84  84  84  VAL VAL A . n 
A 1 85  PRO 85  85  85  PRO PRO A . n 
A 1 86  PHE 86  86  86  PHE PHE A . n 
A 1 87  GLU 87  87  87  GLU GLU A . n 
A 1 88  ASP 88  88  88  ASP ASP A . n 
A 1 89  GLY 89  89  89  GLY GLY A . n 
A 1 90  LYS 90  90  90  LYS LYS A . n 
A 1 91  PRO 91  91  91  PRO PRO A . n 
A 1 92  PHE 92  92  92  PHE PHE A . n 
A 1 93  ASP 93  93  93  ASP ASP A . n 
A 1 94  LEU 94  94  94  LEU LEU A . n 
A 1 95  ARG 95  95  95  ARG ARG A . n 
A 1 96  ILE 96  96  96  ILE ILE A . n 
A 1 97  TYR 97  97  97  TYR TYR A . n 
A 1 98  VAL 98  98  98  VAL VAL A . n 
A 1 99  CYS 99  99  99  CYS CYS A . n 
A 1 100 LEU 100 100 100 LEU LEU A . n 
A 1 101 ASN 101 101 101 ASN ASN A . n 
A 1 102 GLU 102 102 102 GLU GLU A . n 
A 1 103 TYR 103 103 103 TYR TYR A . n 
A 1 104 GLU 104 104 104 GLU GLU A . n 
A 1 105 VAL 105 105 105 VAL VAL A . n 
A 1 106 LYS 106 106 106 LYS LYS A . n 
A 1 107 VAL 107 107 107 VAL VAL A . n 
A 1 108 ASN 108 108 108 ASN ASN A . n 
A 1 109 GLY 109 109 109 GLY GLY A . n 
A 1 110 GLU 110 110 110 GLU GLU A . n 
A 1 111 TYR 111 111 111 TYR TYR A . n 
A 1 112 ILE 112 112 112 ILE ILE A . n 
A 1 113 TYR 113 113 113 TYR TYR A . n 
A 1 114 ALA 114 114 114 ALA ALA A . n 
A 1 115 PHE 115 115 115 PHE PHE A . n 
A 1 116 VAL 116 116 116 VAL VAL A . n 
A 1 117 HIS 117 117 117 HIS HIS A . n 
A 1 118 ARG 118 118 118 ARG ARG A . n 
A 1 119 ILE 119 119 119 ILE ILE A . n 
A 1 120 PRO 120 120 120 PRO PRO A . n 
A 1 121 PRO 121 121 121 PRO PRO A . n 
A 1 122 SER 122 122 122 SER SER A . n 
A 1 123 TYR 123 123 123 TYR TYR A . n 
A 1 124 VAL 124 124 124 VAL VAL A . n 
A 1 125 LYS 125 125 125 LYS LYS A . n 
A 1 126 MET 126 126 126 MET MET A . n 
A 1 127 ILE 127 127 127 ILE ILE A . n 
A 1 128 GLN 128 128 128 GLN GLN A . n 
A 1 129 VAL 129 129 129 VAL VAL A . n 
A 1 130 TRP 130 130 130 TRP TRP A . n 
A 1 131 ARG 131 131 131 ARG ARG A . n 
A 1 132 ASP 132 132 132 ASP ASP A . n 
A 1 133 VAL 133 133 133 VAL VAL A . n 
A 1 134 SER 134 134 134 SER SER A . n 
A 1 135 LEU 135 135 135 LEU LEU A . n 
A 1 136 ASP 136 136 136 ASP ASP A . n 
A 1 137 SER 137 137 137 SER SER A . n 
A 1 138 VAL 138 138 138 VAL VAL A . n 
A 1 139 LEU 139 139 139 LEU LEU A . n 
A 1 140 VAL 140 140 140 VAL VAL A . n 
A 1 141 ASN 141 141 141 ASN ASN A . n 
A 1 142 ASN 142 142 142 ASN ASN A . n 
A 1 143 GLY 143 143 143 GLY GLY A . n 
A 1 144 ARG 144 144 ?   ?   ?   A . n 
A 1 145 ARG 145 145 ?   ?   ?   A . n 
# 
loop_
_pdbx_nonpoly_scheme.asym_id 
_pdbx_nonpoly_scheme.entity_id 
_pdbx_nonpoly_scheme.mon_id 
_pdbx_nonpoly_scheme.ndb_seq_num 
_pdbx_nonpoly_scheme.pdb_seq_num 
_pdbx_nonpoly_scheme.auth_seq_num 
_pdbx_nonpoly_scheme.pdb_mon_id 
_pdbx_nonpoly_scheme.auth_mon_id 
_pdbx_nonpoly_scheme.pdb_strand_id 
_pdbx_nonpoly_scheme.pdb_ins_code 
C 3 HOH 1   301 88  HOH HOH A . 
C 3 HOH 2   302 114 HOH HOH A . 
C 3 HOH 3   303 80  HOH HOH A . 
C 3 HOH 4   304 10  HOH HOH A . 
C 3 HOH 5   305 87  HOH HOH A . 
C 3 HOH 6   306 127 HOH HOH A . 
C 3 HOH 7   307 90  HOH HOH A . 
C 3 HOH 8   308 6   HOH HOH A . 
C 3 HOH 9   309 39  HOH HOH A . 
C 3 HOH 10  310 119 HOH HOH A . 
C 3 HOH 11  311 36  HOH HOH A . 
C 3 HOH 12  312 100 HOH HOH A . 
C 3 HOH 13  313 111 HOH HOH A . 
C 3 HOH 14  314 70  HOH HOH A . 
C 3 HOH 15  315 3   HOH HOH A . 
C 3 HOH 16  316 94  HOH HOH A . 
C 3 HOH 17  317 107 HOH HOH A . 
C 3 HOH 18  318 14  HOH HOH A . 
C 3 HOH 19  319 9   HOH HOH A . 
C 3 HOH 20  320 32  HOH HOH A . 
C 3 HOH 21  321 63  HOH HOH A . 
C 3 HOH 22  322 4   HOH HOH A . 
C 3 HOH 23  323 29  HOH HOH A . 
C 3 HOH 24  324 2   HOH HOH A . 
C 3 HOH 25  325 19  HOH HOH A . 
C 3 HOH 26  326 102 HOH HOH A . 
C 3 HOH 27  327 23  HOH HOH A . 
C 3 HOH 28  328 5   HOH HOH A . 
C 3 HOH 29  329 99  HOH HOH A . 
C 3 HOH 30  330 13  HOH HOH A . 
C 3 HOH 31  331 1   HOH HOH A . 
C 3 HOH 32  332 85  HOH HOH A . 
C 3 HOH 33  333 7   HOH HOH A . 
C 3 HOH 34  334 66  HOH HOH A . 
C 3 HOH 35  335 17  HOH HOH A . 
C 3 HOH 36  336 60  HOH HOH A . 
C 3 HOH 37  337 71  HOH HOH A . 
C 3 HOH 38  338 65  HOH HOH A . 
C 3 HOH 39  339 28  HOH HOH A . 
C 3 HOH 40  340 61  HOH HOH A . 
C 3 HOH 41  341 118 HOH HOH A . 
C 3 HOH 42  342 120 HOH HOH A . 
C 3 HOH 43  343 59  HOH HOH A . 
C 3 HOH 44  344 54  HOH HOH A . 
C 3 HOH 45  345 98  HOH HOH A . 
C 3 HOH 46  346 49  HOH HOH A . 
C 3 HOH 47  347 24  HOH HOH A . 
C 3 HOH 48  348 42  HOH HOH A . 
C 3 HOH 49  349 45  HOH HOH A . 
C 3 HOH 50  350 41  HOH HOH A . 
C 3 HOH 51  351 46  HOH HOH A . 
C 3 HOH 52  352 79  HOH HOH A . 
C 3 HOH 53  353 109 HOH HOH A . 
C 3 HOH 54  354 84  HOH HOH A . 
C 3 HOH 55  355 30  HOH HOH A . 
C 3 HOH 56  356 35  HOH HOH A . 
C 3 HOH 57  357 18  HOH HOH A . 
C 3 HOH 58  358 55  HOH HOH A . 
C 3 HOH 59  359 83  HOH HOH A . 
C 3 HOH 60  360 27  HOH HOH A . 
C 3 HOH 61  361 51  HOH HOH A . 
C 3 HOH 62  362 22  HOH HOH A . 
C 3 HOH 63  363 52  HOH HOH A . 
C 3 HOH 64  364 62  HOH HOH A . 
C 3 HOH 65  365 81  HOH HOH A . 
C 3 HOH 66  366 47  HOH HOH A . 
C 3 HOH 67  367 31  HOH HOH A . 
C 3 HOH 68  368 58  HOH HOH A . 
C 3 HOH 69  369 34  HOH HOH A . 
C 3 HOH 70  370 8   HOH HOH A . 
C 3 HOH 71  371 137 HOH HOH A . 
C 3 HOH 72  372 74  HOH HOH A . 
C 3 HOH 73  373 56  HOH HOH A . 
C 3 HOH 74  374 33  HOH HOH A . 
C 3 HOH 75  375 20  HOH HOH A . 
C 3 HOH 76  376 101 HOH HOH A . 
C 3 HOH 77  377 67  HOH HOH A . 
C 3 HOH 78  378 108 HOH HOH A . 
C 3 HOH 79  379 11  HOH HOH A . 
C 3 HOH 80  380 116 HOH HOH A . 
C 3 HOH 81  381 43  HOH HOH A . 
C 3 HOH 82  382 12  HOH HOH A . 
C 3 HOH 83  383 64  HOH HOH A . 
C 3 HOH 84  384 129 HOH HOH A . 
C 3 HOH 85  385 26  HOH HOH A . 
C 3 HOH 86  386 110 HOH HOH A . 
C 3 HOH 87  387 40  HOH HOH A . 
C 3 HOH 88  388 48  HOH HOH A . 
C 3 HOH 89  389 37  HOH HOH A . 
C 3 HOH 90  390 103 HOH HOH A . 
C 3 HOH 91  391 16  HOH HOH A . 
C 3 HOH 92  392 106 HOH HOH A . 
C 3 HOH 93  393 38  HOH HOH A . 
C 3 HOH 94  394 53  HOH HOH A . 
C 3 HOH 95  395 21  HOH HOH A . 
C 3 HOH 96  396 105 HOH HOH A . 
C 3 HOH 97  397 44  HOH HOH A . 
C 3 HOH 98  398 57  HOH HOH A . 
C 3 HOH 99  399 82  HOH HOH A . 
C 3 HOH 100 400 95  HOH HOH A . 
C 3 HOH 101 401 131 HOH HOH A . 
C 3 HOH 102 402 93  HOH HOH A . 
C 3 HOH 103 403 68  HOH HOH A . 
C 3 HOH 104 404 69  HOH HOH A . 
C 3 HOH 105 405 89  HOH HOH A . 
C 3 HOH 106 406 126 HOH HOH A . 
C 3 HOH 107 407 50  HOH HOH A . 
C 3 HOH 108 408 104 HOH HOH A . 
C 3 HOH 109 409 96  HOH HOH A . 
C 3 HOH 110 410 113 HOH HOH A . 
C 3 HOH 111 411 115 HOH HOH A . 
C 3 HOH 112 412 112 HOH HOH A . 
C 3 HOH 113 413 25  HOH HOH A . 
C 3 HOH 114 414 125 HOH HOH A . 
C 3 HOH 115 415 128 HOH HOH A . 
C 3 HOH 116 416 130 HOH HOH A . 
C 3 HOH 117 417 123 HOH HOH A . 
C 3 HOH 118 418 76  HOH HOH A . 
C 3 HOH 119 419 135 HOH HOH A . 
C 3 HOH 120 420 86  HOH HOH A . 
C 3 HOH 121 421 92  HOH HOH A . 
C 3 HOH 122 422 136 HOH HOH A . 
C 3 HOH 123 423 97  HOH HOH A . 
C 3 HOH 124 424 15  HOH HOH A . 
C 3 HOH 125 425 122 HOH HOH A . 
C 3 HOH 126 426 121 HOH HOH A . 
C 3 HOH 127 427 78  HOH HOH A . 
C 3 HOH 128 428 77  HOH HOH A . 
C 3 HOH 129 429 75  HOH HOH A . 
C 3 HOH 130 430 138 HOH HOH A . 
C 3 HOH 131 431 73  HOH HOH A . 
C 3 HOH 132 432 124 HOH HOH A . 
C 3 HOH 133 433 72  HOH HOH A . 
# 
_pdbx_molecule_features.prd_id    PRD_900004 
_pdbx_molecule_features.name      beta-lactose 
_pdbx_molecule_features.type      Oligosaccharide 
_pdbx_molecule_features.class     Nutrient 
_pdbx_molecule_features.details   oligosaccharide 
# 
_pdbx_molecule.instance_id   1 
_pdbx_molecule.prd_id        PRD_900004 
_pdbx_molecule.asym_id       B 
# 
_pdbx_struct_assembly.id                   1 
_pdbx_struct_assembly.details              author_and_software_defined_assembly 
_pdbx_struct_assembly.method_details       PISA 
_pdbx_struct_assembly.oligomeric_details   monomeric 
_pdbx_struct_assembly.oligomeric_count     1 
# 
_pdbx_struct_assembly_gen.assembly_id       1 
_pdbx_struct_assembly_gen.oper_expression   1 
_pdbx_struct_assembly_gen.asym_id_list      A,B,C 
# 
loop_
_pdbx_struct_assembly_prop.biol_id 
_pdbx_struct_assembly_prop.type 
_pdbx_struct_assembly_prop.value 
_pdbx_struct_assembly_prop.details 
1 'ABSA (A^2)' 530  ? 
1 MORE         5    ? 
1 'SSA (A^2)'  7450 ? 
# 
_pdbx_struct_oper_list.id                   1 
_pdbx_struct_oper_list.type                 'identity operation' 
_pdbx_struct_oper_list.name                 1_555 
_pdbx_struct_oper_list.symmetry_operation   x,y,z 
_pdbx_struct_oper_list.matrix[1][1]         1.0000000000 
_pdbx_struct_oper_list.matrix[1][2]         0.0000000000 
_pdbx_struct_oper_list.matrix[1][3]         0.0000000000 
_pdbx_struct_oper_list.vector[1]            0.0000000000 
_pdbx_struct_oper_list.matrix[2][1]         0.0000000000 
_pdbx_struct_oper_list.matrix[2][2]         1.0000000000 
_pdbx_struct_oper_list.matrix[2][3]         0.0000000000 
_pdbx_struct_oper_list.vector[2]            0.0000000000 
_pdbx_struct_oper_list.matrix[3][1]         0.0000000000 
_pdbx_struct_oper_list.matrix[3][2]         0.0000000000 
_pdbx_struct_oper_list.matrix[3][3]         1.0000000000 
_pdbx_struct_oper_list.vector[3]            0.0000000000 
# 
loop_
_pdbx_audit_revision_history.ordinal 
_pdbx_audit_revision_history.data_content_type 
_pdbx_audit_revision_history.major_revision 
_pdbx_audit_revision_history.minor_revision 
_pdbx_audit_revision_history.revision_date 
1 'Structure model' 1 0 2020-10-14 
2 'Structure model' 1 1 2020-10-28 
3 'Structure model' 1 2 2023-11-22 
# 
_pdbx_audit_revision_details.ordinal             1 
_pdbx_audit_revision_details.revision_ordinal    1 
_pdbx_audit_revision_details.data_content_type   'Structure model' 
_pdbx_audit_revision_details.provider            repository 
_pdbx_audit_revision_details.type                'Initial release' 
_pdbx_audit_revision_details.description         ? 
_pdbx_audit_revision_details.details             ? 
# 
loop_
_pdbx_audit_revision_group.ordinal 
_pdbx_audit_revision_group.revision_ordinal 
_pdbx_audit_revision_group.data_content_type 
_pdbx_audit_revision_group.group 
1 2 'Structure model' 'Database references'    
2 3 'Structure model' 'Data collection'        
3 3 'Structure model' 'Database references'    
4 3 'Structure model' 'Refinement description' 
# 
loop_
_pdbx_audit_revision_category.ordinal 
_pdbx_audit_revision_category.revision_ordinal 
_pdbx_audit_revision_category.data_content_type 
_pdbx_audit_revision_category.category 
1 2 'Structure model' citation                      
2 2 'Structure model' citation_author               
3 3 'Structure model' chem_comp_atom                
4 3 'Structure model' chem_comp_bond                
5 3 'Structure model' database_2                    
6 3 'Structure model' pdbx_initial_refinement_model 
# 
loop_
_pdbx_audit_revision_item.ordinal 
_pdbx_audit_revision_item.revision_ordinal 
_pdbx_audit_revision_item.data_content_type 
_pdbx_audit_revision_item.item 
1 2 'Structure model' '_citation.journal_volume'            
2 2 'Structure model' '_citation_author.name'               
3 3 'Structure model' '_database_2.pdbx_DOI'                
4 3 'Structure model' '_database_2.pdbx_database_accession' 
# 
loop_
_software.citation_id 
_software.classification 
_software.compiler_name 
_software.compiler_version 
_software.contact_author 
_software.contact_author_email 
_software.date 
_software.description 
_software.dependencies 
_software.hardware 
_software.language 
_software.location 
_software.mods 
_software.name 
_software.os 
_software.os_version 
_software.type 
_software.version 
_software.pdbx_ordinal 
? refinement        ? ? ? ? ? ? ? ? ? ? ? PHENIX      ? ? ? 1.17_3644 1 
? 'data extraction' ? ? ? ? ? ? ? ? ? ? ? PDB_EXTRACT ? ? ? 3.25      2 
# 
_pdbx_entry_details.entry_id                 6LJQ 
_pdbx_entry_details.has_ligand_of_interest   Y 
_pdbx_entry_details.compound_details         ? 
_pdbx_entry_details.source_details           ? 
_pdbx_entry_details.nonpolymer_details       ? 
_pdbx_entry_details.sequence_details         ? 
# 
loop_
_pdbx_validate_torsion.id 
_pdbx_validate_torsion.PDB_model_num 
_pdbx_validate_torsion.auth_comp_id 
_pdbx_validate_torsion.auth_asym_id 
_pdbx_validate_torsion.auth_seq_id 
_pdbx_validate_torsion.PDB_ins_code 
_pdbx_validate_torsion.label_alt_id 
_pdbx_validate_torsion.phi 
_pdbx_validate_torsion.psi 
1 1 ILE A 34  ? ? -91.00  -84.31  
2 1 ARG A 63  ? ? -130.76 -65.37  
3 1 MET A 76  ? ? -93.71  -144.60 
4 1 ARG A 131 ? ? 74.51   -177.02 
# 
_pdbx_distant_solvent_atoms.id                                1 
_pdbx_distant_solvent_atoms.PDB_model_num                     1 
_pdbx_distant_solvent_atoms.auth_atom_id                      O 
_pdbx_distant_solvent_atoms.label_alt_id                      ? 
_pdbx_distant_solvent_atoms.auth_asym_id                      A 
_pdbx_distant_solvent_atoms.auth_comp_id                      HOH 
_pdbx_distant_solvent_atoms.auth_seq_id                       433 
_pdbx_distant_solvent_atoms.PDB_ins_code                      ? 
_pdbx_distant_solvent_atoms.neighbor_macromolecule_distance   5.88 
_pdbx_distant_solvent_atoms.neighbor_ligand_distance          . 
# 
loop_
_pdbx_unobs_or_zero_occ_residues.id 
_pdbx_unobs_or_zero_occ_residues.PDB_model_num 
_pdbx_unobs_or_zero_occ_residues.polymer_flag 
_pdbx_unobs_or_zero_occ_residues.occupancy_flag 
_pdbx_unobs_or_zero_occ_residues.auth_asym_id 
_pdbx_unobs_or_zero_occ_residues.auth_comp_id 
_pdbx_unobs_or_zero_occ_residues.auth_seq_id 
_pdbx_unobs_or_zero_occ_residues.PDB_ins_code 
_pdbx_unobs_or_zero_occ_residues.label_asym_id 
_pdbx_unobs_or_zero_occ_residues.label_comp_id 
_pdbx_unobs_or_zero_occ_residues.label_seq_id 
1 1 Y 1 A GLY 1   ? A GLY 1   
2 1 Y 1 A SER 2   ? A SER 2   
3 1 Y 1 A HIS 3   ? A HIS 3   
4 1 Y 1 A ARG 144 ? A ARG 144 
5 1 Y 1 A ARG 145 ? A ARG 145 
# 
loop_
_chem_comp_atom.comp_id 
_chem_comp_atom.atom_id 
_chem_comp_atom.type_symbol 
_chem_comp_atom.pdbx_aromatic_flag 
_chem_comp_atom.pdbx_stereo_config 
_chem_comp_atom.pdbx_ordinal 
ALA N    N N N 1   
ALA CA   C N S 2   
ALA C    C N N 3   
ALA O    O N N 4   
ALA CB   C N N 5   
ALA OXT  O N N 6   
ALA H    H N N 7   
ALA H2   H N N 8   
ALA HA   H N N 9   
ALA HB1  H N N 10  
ALA HB2  H N N 11  
ALA HB3  H N N 12  
ALA HXT  H N N 13  
ARG N    N N N 14  
ARG CA   C N S 15  
ARG C    C N N 16  
ARG O    O N N 17  
ARG CB   C N N 18  
ARG CG   C N N 19  
ARG CD   C N N 20  
ARG NE   N N N 21  
ARG CZ   C N N 22  
ARG NH1  N N N 23  
ARG NH2  N N N 24  
ARG OXT  O N N 25  
ARG H    H N N 26  
ARG H2   H N N 27  
ARG HA   H N N 28  
ARG HB2  H N N 29  
ARG HB3  H N N 30  
ARG HG2  H N N 31  
ARG HG3  H N N 32  
ARG HD2  H N N 33  
ARG HD3  H N N 34  
ARG HE   H N N 35  
ARG HH11 H N N 36  
ARG HH12 H N N 37  
ARG HH21 H N N 38  
ARG HH22 H N N 39  
ARG HXT  H N N 40  
ASN N    N N N 41  
ASN CA   C N S 42  
ASN C    C N N 43  
ASN O    O N N 44  
ASN CB   C N N 45  
ASN CG   C N N 46  
ASN OD1  O N N 47  
ASN ND2  N N N 48  
ASN OXT  O N N 49  
ASN H    H N N 50  
ASN H2   H N N 51  
ASN HA   H N N 52  
ASN HB2  H N N 53  
ASN HB3  H N N 54  
ASN HD21 H N N 55  
ASN HD22 H N N 56  
ASN HXT  H N N 57  
ASP N    N N N 58  
ASP CA   C N S 59  
ASP C    C N N 60  
ASP O    O N N 61  
ASP CB   C N N 62  
ASP CG   C N N 63  
ASP OD1  O N N 64  
ASP OD2  O N N 65  
ASP OXT  O N N 66  
ASP H    H N N 67  
ASP H2   H N N 68  
ASP HA   H N N 69  
ASP HB2  H N N 70  
ASP HB3  H N N 71  
ASP HD2  H N N 72  
ASP HXT  H N N 73  
BGC C2   C N R 74  
BGC C3   C N S 75  
BGC C4   C N S 76  
BGC C5   C N R 77  
BGC C6   C N N 78  
BGC C1   C N R 79  
BGC O1   O N N 80  
BGC O2   O N N 81  
BGC O3   O N N 82  
BGC O4   O N N 83  
BGC O5   O N N 84  
BGC O6   O N N 85  
BGC H2   H N N 86  
BGC H3   H N N 87  
BGC H4   H N N 88  
BGC H5   H N N 89  
BGC H61  H N N 90  
BGC H62  H N N 91  
BGC H1   H N N 92  
BGC HO1  H N N 93  
BGC HO2  H N N 94  
BGC HO3  H N N 95  
BGC HO4  H N N 96  
BGC HO6  H N N 97  
CYS N    N N N 98  
CYS CA   C N R 99  
CYS C    C N N 100 
CYS O    O N N 101 
CYS CB   C N N 102 
CYS SG   S N N 103 
CYS OXT  O N N 104 
CYS H    H N N 105 
CYS H2   H N N 106 
CYS HA   H N N 107 
CYS HB2  H N N 108 
CYS HB3  H N N 109 
CYS HG   H N N 110 
CYS HXT  H N N 111 
GAL C1   C N R 112 
GAL C2   C N R 113 
GAL C3   C N S 114 
GAL C4   C N R 115 
GAL C5   C N R 116 
GAL C6   C N N 117 
GAL O1   O N N 118 
GAL O2   O N N 119 
GAL O3   O N N 120 
GAL O4   O N N 121 
GAL O5   O N N 122 
GAL O6   O N N 123 
GAL H1   H N N 124 
GAL H2   H N N 125 
GAL H3   H N N 126 
GAL H4   H N N 127 
GAL H5   H N N 128 
GAL H61  H N N 129 
GAL H62  H N N 130 
GAL HO1  H N N 131 
GAL HO2  H N N 132 
GAL HO3  H N N 133 
GAL HO4  H N N 134 
GAL HO6  H N N 135 
GLN N    N N N 136 
GLN CA   C N S 137 
GLN C    C N N 138 
GLN O    O N N 139 
GLN CB   C N N 140 
GLN CG   C N N 141 
GLN CD   C N N 142 
GLN OE1  O N N 143 
GLN NE2  N N N 144 
GLN OXT  O N N 145 
GLN H    H N N 146 
GLN H2   H N N 147 
GLN HA   H N N 148 
GLN HB2  H N N 149 
GLN HB3  H N N 150 
GLN HG2  H N N 151 
GLN HG3  H N N 152 
GLN HE21 H N N 153 
GLN HE22 H N N 154 
GLN HXT  H N N 155 
GLU N    N N N 156 
GLU CA   C N S 157 
GLU C    C N N 158 
GLU O    O N N 159 
GLU CB   C N N 160 
GLU CG   C N N 161 
GLU CD   C N N 162 
GLU OE1  O N N 163 
GLU OE2  O N N 164 
GLU OXT  O N N 165 
GLU H    H N N 166 
GLU H2   H N N 167 
GLU HA   H N N 168 
GLU HB2  H N N 169 
GLU HB3  H N N 170 
GLU HG2  H N N 171 
GLU HG3  H N N 172 
GLU HE2  H N N 173 
GLU HXT  H N N 174 
GLY N    N N N 175 
GLY CA   C N N 176 
GLY C    C N N 177 
GLY O    O N N 178 
GLY OXT  O N N 179 
GLY H    H N N 180 
GLY H2   H N N 181 
GLY HA2  H N N 182 
GLY HA3  H N N 183 
GLY HXT  H N N 184 
HIS N    N N N 185 
HIS CA   C N S 186 
HIS C    C N N 187 
HIS O    O N N 188 
HIS CB   C N N 189 
HIS CG   C Y N 190 
HIS ND1  N Y N 191 
HIS CD2  C Y N 192 
HIS CE1  C Y N 193 
HIS NE2  N Y N 194 
HIS OXT  O N N 195 
HIS H    H N N 196 
HIS H2   H N N 197 
HIS HA   H N N 198 
HIS HB2  H N N 199 
HIS HB3  H N N 200 
HIS HD1  H N N 201 
HIS HD2  H N N 202 
HIS HE1  H N N 203 
HIS HE2  H N N 204 
HIS HXT  H N N 205 
HOH O    O N N 206 
HOH H1   H N N 207 
HOH H2   H N N 208 
ILE N    N N N 209 
ILE CA   C N S 210 
ILE C    C N N 211 
ILE O    O N N 212 
ILE CB   C N S 213 
ILE CG1  C N N 214 
ILE CG2  C N N 215 
ILE CD1  C N N 216 
ILE OXT  O N N 217 
ILE H    H N N 218 
ILE H2   H N N 219 
ILE HA   H N N 220 
ILE HB   H N N 221 
ILE HG12 H N N 222 
ILE HG13 H N N 223 
ILE HG21 H N N 224 
ILE HG22 H N N 225 
ILE HG23 H N N 226 
ILE HD11 H N N 227 
ILE HD12 H N N 228 
ILE HD13 H N N 229 
ILE HXT  H N N 230 
LEU N    N N N 231 
LEU CA   C N S 232 
LEU C    C N N 233 
LEU O    O N N 234 
LEU CB   C N N 235 
LEU CG   C N N 236 
LEU CD1  C N N 237 
LEU CD2  C N N 238 
LEU OXT  O N N 239 
LEU H    H N N 240 
LEU H2   H N N 241 
LEU HA   H N N 242 
LEU HB2  H N N 243 
LEU HB3  H N N 244 
LEU HG   H N N 245 
LEU HD11 H N N 246 
LEU HD12 H N N 247 
LEU HD13 H N N 248 
LEU HD21 H N N 249 
LEU HD22 H N N 250 
LEU HD23 H N N 251 
LEU HXT  H N N 252 
LYS N    N N N 253 
LYS CA   C N S 254 
LYS C    C N N 255 
LYS O    O N N 256 
LYS CB   C N N 257 
LYS CG   C N N 258 
LYS CD   C N N 259 
LYS CE   C N N 260 
LYS NZ   N N N 261 
LYS OXT  O N N 262 
LYS H    H N N 263 
LYS H2   H N N 264 
LYS HA   H N N 265 
LYS HB2  H N N 266 
LYS HB3  H N N 267 
LYS HG2  H N N 268 
LYS HG3  H N N 269 
LYS HD2  H N N 270 
LYS HD3  H N N 271 
LYS HE2  H N N 272 
LYS HE3  H N N 273 
LYS HZ1  H N N 274 
LYS HZ2  H N N 275 
LYS HZ3  H N N 276 
LYS HXT  H N N 277 
MET N    N N N 278 
MET CA   C N S 279 
MET C    C N N 280 
MET O    O N N 281 
MET CB   C N N 282 
MET CG   C N N 283 
MET SD   S N N 284 
MET CE   C N N 285 
MET OXT  O N N 286 
MET H    H N N 287 
MET H2   H N N 288 
MET HA   H N N 289 
MET HB2  H N N 290 
MET HB3  H N N 291 
MET HG2  H N N 292 
MET HG3  H N N 293 
MET HE1  H N N 294 
MET HE2  H N N 295 
MET HE3  H N N 296 
MET HXT  H N N 297 
PHE N    N N N 298 
PHE CA   C N S 299 
PHE C    C N N 300 
PHE O    O N N 301 
PHE CB   C N N 302 
PHE CG   C Y N 303 
PHE CD1  C Y N 304 
PHE CD2  C Y N 305 
PHE CE1  C Y N 306 
PHE CE2  C Y N 307 
PHE CZ   C Y N 308 
PHE OXT  O N N 309 
PHE H    H N N 310 
PHE H2   H N N 311 
PHE HA   H N N 312 
PHE HB2  H N N 313 
PHE HB3  H N N 314 
PHE HD1  H N N 315 
PHE HD2  H N N 316 
PHE HE1  H N N 317 
PHE HE2  H N N 318 
PHE HZ   H N N 319 
PHE HXT  H N N 320 
PRO N    N N N 321 
PRO CA   C N S 322 
PRO C    C N N 323 
PRO O    O N N 324 
PRO CB   C N N 325 
PRO CG   C N N 326 
PRO CD   C N N 327 
PRO OXT  O N N 328 
PRO H    H N N 329 
PRO HA   H N N 330 
PRO HB2  H N N 331 
PRO HB3  H N N 332 
PRO HG2  H N N 333 
PRO HG3  H N N 334 
PRO HD2  H N N 335 
PRO HD3  H N N 336 
PRO HXT  H N N 337 
SER N    N N N 338 
SER CA   C N S 339 
SER C    C N N 340 
SER O    O N N 341 
SER CB   C N N 342 
SER OG   O N N 343 
SER OXT  O N N 344 
SER H    H N N 345 
SER H2   H N N 346 
SER HA   H N N 347 
SER HB2  H N N 348 
SER HB3  H N N 349 
SER HG   H N N 350 
SER HXT  H N N 351 
THR N    N N N 352 
THR CA   C N S 353 
THR C    C N N 354 
THR O    O N N 355 
THR CB   C N R 356 
THR OG1  O N N 357 
THR CG2  C N N 358 
THR OXT  O N N 359 
THR H    H N N 360 
THR H2   H N N 361 
THR HA   H N N 362 
THR HB   H N N 363 
THR HG1  H N N 364 
THR HG21 H N N 365 
THR HG22 H N N 366 
THR HG23 H N N 367 
THR HXT  H N N 368 
TRP N    N N N 369 
TRP CA   C N S 370 
TRP C    C N N 371 
TRP O    O N N 372 
TRP CB   C N N 373 
TRP CG   C Y N 374 
TRP CD1  C Y N 375 
TRP CD2  C Y N 376 
TRP NE1  N Y N 377 
TRP CE2  C Y N 378 
TRP CE3  C Y N 379 
TRP CZ2  C Y N 380 
TRP CZ3  C Y N 381 
TRP CH2  C Y N 382 
TRP OXT  O N N 383 
TRP H    H N N 384 
TRP H2   H N N 385 
TRP HA   H N N 386 
TRP HB2  H N N 387 
TRP HB3  H N N 388 
TRP HD1  H N N 389 
TRP HE1  H N N 390 
TRP HE3  H N N 391 
TRP HZ2  H N N 392 
TRP HZ3  H N N 393 
TRP HH2  H N N 394 
TRP HXT  H N N 395 
TYR N    N N N 396 
TYR CA   C N S 397 
TYR C    C N N 398 
TYR O    O N N 399 
TYR CB   C N N 400 
TYR CG   C Y N 401 
TYR CD1  C Y N 402 
TYR CD2  C Y N 403 
TYR CE1  C Y N 404 
TYR CE2  C Y N 405 
TYR CZ   C Y N 406 
TYR OH   O N N 407 
TYR OXT  O N N 408 
TYR H    H N N 409 
TYR H2   H N N 410 
TYR HA   H N N 411 
TYR HB2  H N N 412 
TYR HB3  H N N 413 
TYR HD1  H N N 414 
TYR HD2  H N N 415 
TYR HE1  H N N 416 
TYR HE2  H N N 417 
TYR HH   H N N 418 
TYR HXT  H N N 419 
VAL N    N N N 420 
VAL CA   C N S 421 
VAL C    C N N 422 
VAL O    O N N 423 
VAL CB   C N N 424 
VAL CG1  C N N 425 
VAL CG2  C N N 426 
VAL OXT  O N N 427 
VAL H    H N N 428 
VAL H2   H N N 429 
VAL HA   H N N 430 
VAL HB   H N N 431 
VAL HG11 H N N 432 
VAL HG12 H N N 433 
VAL HG13 H N N 434 
VAL HG21 H N N 435 
VAL HG22 H N N 436 
VAL HG23 H N N 437 
VAL HXT  H N N 438 
# 
loop_
_chem_comp_bond.comp_id 
_chem_comp_bond.atom_id_1 
_chem_comp_bond.atom_id_2 
_chem_comp_bond.value_order 
_chem_comp_bond.pdbx_aromatic_flag 
_chem_comp_bond.pdbx_stereo_config 
_chem_comp_bond.pdbx_ordinal 
ALA N   CA   sing N N 1   
ALA N   H    sing N N 2   
ALA N   H2   sing N N 3   
ALA CA  C    sing N N 4   
ALA CA  CB   sing N N 5   
ALA CA  HA   sing N N 6   
ALA C   O    doub N N 7   
ALA C   OXT  sing N N 8   
ALA CB  HB1  sing N N 9   
ALA CB  HB2  sing N N 10  
ALA CB  HB3  sing N N 11  
ALA OXT HXT  sing N N 12  
ARG N   CA   sing N N 13  
ARG N   H    sing N N 14  
ARG N   H2   sing N N 15  
ARG CA  C    sing N N 16  
ARG CA  CB   sing N N 17  
ARG CA  HA   sing N N 18  
ARG C   O    doub N N 19  
ARG C   OXT  sing N N 20  
ARG CB  CG   sing N N 21  
ARG CB  HB2  sing N N 22  
ARG CB  HB3  sing N N 23  
ARG CG  CD   sing N N 24  
ARG CG  HG2  sing N N 25  
ARG CG  HG3  sing N N 26  
ARG CD  NE   sing N N 27  
ARG CD  HD2  sing N N 28  
ARG CD  HD3  sing N N 29  
ARG NE  CZ   sing N N 30  
ARG NE  HE   sing N N 31  
ARG CZ  NH1  sing N N 32  
ARG CZ  NH2  doub N N 33  
ARG NH1 HH11 sing N N 34  
ARG NH1 HH12 sing N N 35  
ARG NH2 HH21 sing N N 36  
ARG NH2 HH22 sing N N 37  
ARG OXT HXT  sing N N 38  
ASN N   CA   sing N N 39  
ASN N   H    sing N N 40  
ASN N   H2   sing N N 41  
ASN CA  C    sing N N 42  
ASN CA  CB   sing N N 43  
ASN CA  HA   sing N N 44  
ASN C   O    doub N N 45  
ASN C   OXT  sing N N 46  
ASN CB  CG   sing N N 47  
ASN CB  HB2  sing N N 48  
ASN CB  HB3  sing N N 49  
ASN CG  OD1  doub N N 50  
ASN CG  ND2  sing N N 51  
ASN ND2 HD21 sing N N 52  
ASN ND2 HD22 sing N N 53  
ASN OXT HXT  sing N N 54  
ASP N   CA   sing N N 55  
ASP N   H    sing N N 56  
ASP N   H2   sing N N 57  
ASP CA  C    sing N N 58  
ASP CA  CB   sing N N 59  
ASP CA  HA   sing N N 60  
ASP C   O    doub N N 61  
ASP C   OXT  sing N N 62  
ASP CB  CG   sing N N 63  
ASP CB  HB2  sing N N 64  
ASP CB  HB3  sing N N 65  
ASP CG  OD1  doub N N 66  
ASP CG  OD2  sing N N 67  
ASP OD2 HD2  sing N N 68  
ASP OXT HXT  sing N N 69  
BGC C2  C3   sing N N 70  
BGC C2  C1   sing N N 71  
BGC C2  O2   sing N N 72  
BGC C2  H2   sing N N 73  
BGC C3  C4   sing N N 74  
BGC C3  O3   sing N N 75  
BGC C3  H3   sing N N 76  
BGC C4  C5   sing N N 77  
BGC C4  O4   sing N N 78  
BGC C4  H4   sing N N 79  
BGC C5  C6   sing N N 80  
BGC C5  O5   sing N N 81  
BGC C5  H5   sing N N 82  
BGC C6  O6   sing N N 83  
BGC C6  H61  sing N N 84  
BGC C6  H62  sing N N 85  
BGC C1  O1   sing N N 86  
BGC C1  O5   sing N N 87  
BGC C1  H1   sing N N 88  
BGC O1  HO1  sing N N 89  
BGC O2  HO2  sing N N 90  
BGC O3  HO3  sing N N 91  
BGC O4  HO4  sing N N 92  
BGC O6  HO6  sing N N 93  
CYS N   CA   sing N N 94  
CYS N   H    sing N N 95  
CYS N   H2   sing N N 96  
CYS CA  C    sing N N 97  
CYS CA  CB   sing N N 98  
CYS CA  HA   sing N N 99  
CYS C   O    doub N N 100 
CYS C   OXT  sing N N 101 
CYS CB  SG   sing N N 102 
CYS CB  HB2  sing N N 103 
CYS CB  HB3  sing N N 104 
CYS SG  HG   sing N N 105 
CYS OXT HXT  sing N N 106 
GAL C1  C2   sing N N 107 
GAL C1  O1   sing N N 108 
GAL C1  O5   sing N N 109 
GAL C1  H1   sing N N 110 
GAL C2  C3   sing N N 111 
GAL C2  O2   sing N N 112 
GAL C2  H2   sing N N 113 
GAL C3  C4   sing N N 114 
GAL C3  O3   sing N N 115 
GAL C3  H3   sing N N 116 
GAL C4  C5   sing N N 117 
GAL C4  O4   sing N N 118 
GAL C4  H4   sing N N 119 
GAL C5  C6   sing N N 120 
GAL C5  O5   sing N N 121 
GAL C5  H5   sing N N 122 
GAL C6  O6   sing N N 123 
GAL C6  H61  sing N N 124 
GAL C6  H62  sing N N 125 
GAL O1  HO1  sing N N 126 
GAL O2  HO2  sing N N 127 
GAL O3  HO3  sing N N 128 
GAL O4  HO4  sing N N 129 
GAL O6  HO6  sing N N 130 
GLN N   CA   sing N N 131 
GLN N   H    sing N N 132 
GLN N   H2   sing N N 133 
GLN CA  C    sing N N 134 
GLN CA  CB   sing N N 135 
GLN CA  HA   sing N N 136 
GLN C   O    doub N N 137 
GLN C   OXT  sing N N 138 
GLN CB  CG   sing N N 139 
GLN CB  HB2  sing N N 140 
GLN CB  HB3  sing N N 141 
GLN CG  CD   sing N N 142 
GLN CG  HG2  sing N N 143 
GLN CG  HG3  sing N N 144 
GLN CD  OE1  doub N N 145 
GLN CD  NE2  sing N N 146 
GLN NE2 HE21 sing N N 147 
GLN NE2 HE22 sing N N 148 
GLN OXT HXT  sing N N 149 
GLU N   CA   sing N N 150 
GLU N   H    sing N N 151 
GLU N   H2   sing N N 152 
GLU CA  C    sing N N 153 
GLU CA  CB   sing N N 154 
GLU CA  HA   sing N N 155 
GLU C   O    doub N N 156 
GLU C   OXT  sing N N 157 
GLU CB  CG   sing N N 158 
GLU CB  HB2  sing N N 159 
GLU CB  HB3  sing N N 160 
GLU CG  CD   sing N N 161 
GLU CG  HG2  sing N N 162 
GLU CG  HG3  sing N N 163 
GLU CD  OE1  doub N N 164 
GLU CD  OE2  sing N N 165 
GLU OE2 HE2  sing N N 166 
GLU OXT HXT  sing N N 167 
GLY N   CA   sing N N 168 
GLY N   H    sing N N 169 
GLY N   H2   sing N N 170 
GLY CA  C    sing N N 171 
GLY CA  HA2  sing N N 172 
GLY CA  HA3  sing N N 173 
GLY C   O    doub N N 174 
GLY C   OXT  sing N N 175 
GLY OXT HXT  sing N N 176 
HIS N   CA   sing N N 177 
HIS N   H    sing N N 178 
HIS N   H2   sing N N 179 
HIS CA  C    sing N N 180 
HIS CA  CB   sing N N 181 
HIS CA  HA   sing N N 182 
HIS C   O    doub N N 183 
HIS C   OXT  sing N N 184 
HIS CB  CG   sing N N 185 
HIS CB  HB2  sing N N 186 
HIS CB  HB3  sing N N 187 
HIS CG  ND1  sing Y N 188 
HIS CG  CD2  doub Y N 189 
HIS ND1 CE1  doub Y N 190 
HIS ND1 HD1  sing N N 191 
HIS CD2 NE2  sing Y N 192 
HIS CD2 HD2  sing N N 193 
HIS CE1 NE2  sing Y N 194 
HIS CE1 HE1  sing N N 195 
HIS NE2 HE2  sing N N 196 
HIS OXT HXT  sing N N 197 
HOH O   H1   sing N N 198 
HOH O   H2   sing N N 199 
ILE N   CA   sing N N 200 
ILE N   H    sing N N 201 
ILE N   H2   sing N N 202 
ILE CA  C    sing N N 203 
ILE CA  CB   sing N N 204 
ILE CA  HA   sing N N 205 
ILE C   O    doub N N 206 
ILE C   OXT  sing N N 207 
ILE CB  CG1  sing N N 208 
ILE CB  CG2  sing N N 209 
ILE CB  HB   sing N N 210 
ILE CG1 CD1  sing N N 211 
ILE CG1 HG12 sing N N 212 
ILE CG1 HG13 sing N N 213 
ILE CG2 HG21 sing N N 214 
ILE CG2 HG22 sing N N 215 
ILE CG2 HG23 sing N N 216 
ILE CD1 HD11 sing N N 217 
ILE CD1 HD12 sing N N 218 
ILE CD1 HD13 sing N N 219 
ILE OXT HXT  sing N N 220 
LEU N   CA   sing N N 221 
LEU N   H    sing N N 222 
LEU N   H2   sing N N 223 
LEU CA  C    sing N N 224 
LEU CA  CB   sing N N 225 
LEU CA  HA   sing N N 226 
LEU C   O    doub N N 227 
LEU C   OXT  sing N N 228 
LEU CB  CG   sing N N 229 
LEU CB  HB2  sing N N 230 
LEU CB  HB3  sing N N 231 
LEU CG  CD1  sing N N 232 
LEU CG  CD2  sing N N 233 
LEU CG  HG   sing N N 234 
LEU CD1 HD11 sing N N 235 
LEU CD1 HD12 sing N N 236 
LEU CD1 HD13 sing N N 237 
LEU CD2 HD21 sing N N 238 
LEU CD2 HD22 sing N N 239 
LEU CD2 HD23 sing N N 240 
LEU OXT HXT  sing N N 241 
LYS N   CA   sing N N 242 
LYS N   H    sing N N 243 
LYS N   H2   sing N N 244 
LYS CA  C    sing N N 245 
LYS CA  CB   sing N N 246 
LYS CA  HA   sing N N 247 
LYS C   O    doub N N 248 
LYS C   OXT  sing N N 249 
LYS CB  CG   sing N N 250 
LYS CB  HB2  sing N N 251 
LYS CB  HB3  sing N N 252 
LYS CG  CD   sing N N 253 
LYS CG  HG2  sing N N 254 
LYS CG  HG3  sing N N 255 
LYS CD  CE   sing N N 256 
LYS CD  HD2  sing N N 257 
LYS CD  HD3  sing N N 258 
LYS CE  NZ   sing N N 259 
LYS CE  HE2  sing N N 260 
LYS CE  HE3  sing N N 261 
LYS NZ  HZ1  sing N N 262 
LYS NZ  HZ2  sing N N 263 
LYS NZ  HZ3  sing N N 264 
LYS OXT HXT  sing N N 265 
MET N   CA   sing N N 266 
MET N   H    sing N N 267 
MET N   H2   sing N N 268 
MET CA  C    sing N N 269 
MET CA  CB   sing N N 270 
MET CA  HA   sing N N 271 
MET C   O    doub N N 272 
MET C   OXT  sing N N 273 
MET CB  CG   sing N N 274 
MET CB  HB2  sing N N 275 
MET CB  HB3  sing N N 276 
MET CG  SD   sing N N 277 
MET CG  HG2  sing N N 278 
MET CG  HG3  sing N N 279 
MET SD  CE   sing N N 280 
MET CE  HE1  sing N N 281 
MET CE  HE2  sing N N 282 
MET CE  HE3  sing N N 283 
MET OXT HXT  sing N N 284 
PHE N   CA   sing N N 285 
PHE N   H    sing N N 286 
PHE N   H2   sing N N 287 
PHE CA  C    sing N N 288 
PHE CA  CB   sing N N 289 
PHE CA  HA   sing N N 290 
PHE C   O    doub N N 291 
PHE C   OXT  sing N N 292 
PHE CB  CG   sing N N 293 
PHE CB  HB2  sing N N 294 
PHE CB  HB3  sing N N 295 
PHE CG  CD1  doub Y N 296 
PHE CG  CD2  sing Y N 297 
PHE CD1 CE1  sing Y N 298 
PHE CD1 HD1  sing N N 299 
PHE CD2 CE2  doub Y N 300 
PHE CD2 HD2  sing N N 301 
PHE CE1 CZ   doub Y N 302 
PHE CE1 HE1  sing N N 303 
PHE CE2 CZ   sing Y N 304 
PHE CE2 HE2  sing N N 305 
PHE CZ  HZ   sing N N 306 
PHE OXT HXT  sing N N 307 
PRO N   CA   sing N N 308 
PRO N   CD   sing N N 309 
PRO N   H    sing N N 310 
PRO CA  C    sing N N 311 
PRO CA  CB   sing N N 312 
PRO CA  HA   sing N N 313 
PRO C   O    doub N N 314 
PRO C   OXT  sing N N 315 
PRO CB  CG   sing N N 316 
PRO CB  HB2  sing N N 317 
PRO CB  HB3  sing N N 318 
PRO CG  CD   sing N N 319 
PRO CG  HG2  sing N N 320 
PRO CG  HG3  sing N N 321 
PRO CD  HD2  sing N N 322 
PRO CD  HD3  sing N N 323 
PRO OXT HXT  sing N N 324 
SER N   CA   sing N N 325 
SER N   H    sing N N 326 
SER N   H2   sing N N 327 
SER CA  C    sing N N 328 
SER CA  CB   sing N N 329 
SER CA  HA   sing N N 330 
SER C   O    doub N N 331 
SER C   OXT  sing N N 332 
SER CB  OG   sing N N 333 
SER CB  HB2  sing N N 334 
SER CB  HB3  sing N N 335 
SER OG  HG   sing N N 336 
SER OXT HXT  sing N N 337 
THR N   CA   sing N N 338 
THR N   H    sing N N 339 
THR N   H2   sing N N 340 
THR CA  C    sing N N 341 
THR CA  CB   sing N N 342 
THR CA  HA   sing N N 343 
THR C   O    doub N N 344 
THR C   OXT  sing N N 345 
THR CB  OG1  sing N N 346 
THR CB  CG2  sing N N 347 
THR CB  HB   sing N N 348 
THR OG1 HG1  sing N N 349 
THR CG2 HG21 sing N N 350 
THR CG2 HG22 sing N N 351 
THR CG2 HG23 sing N N 352 
THR OXT HXT  sing N N 353 
TRP N   CA   sing N N 354 
TRP N   H    sing N N 355 
TRP N   H2   sing N N 356 
TRP CA  C    sing N N 357 
TRP CA  CB   sing N N 358 
TRP CA  HA   sing N N 359 
TRP C   O    doub N N 360 
TRP C   OXT  sing N N 361 
TRP CB  CG   sing N N 362 
TRP CB  HB2  sing N N 363 
TRP CB  HB3  sing N N 364 
TRP CG  CD1  doub Y N 365 
TRP CG  CD2  sing Y N 366 
TRP CD1 NE1  sing Y N 367 
TRP CD1 HD1  sing N N 368 
TRP CD2 CE2  doub Y N 369 
TRP CD2 CE3  sing Y N 370 
TRP NE1 CE2  sing Y N 371 
TRP NE1 HE1  sing N N 372 
TRP CE2 CZ2  sing Y N 373 
TRP CE3 CZ3  doub Y N 374 
TRP CE3 HE3  sing N N 375 
TRP CZ2 CH2  doub Y N 376 
TRP CZ2 HZ2  sing N N 377 
TRP CZ3 CH2  sing Y N 378 
TRP CZ3 HZ3  sing N N 379 
TRP CH2 HH2  sing N N 380 
TRP OXT HXT  sing N N 381 
TYR N   CA   sing N N 382 
TYR N   H    sing N N 383 
TYR N   H2   sing N N 384 
TYR CA  C    sing N N 385 
TYR CA  CB   sing N N 386 
TYR CA  HA   sing N N 387 
TYR C   O    doub N N 388 
TYR C   OXT  sing N N 389 
TYR CB  CG   sing N N 390 
TYR CB  HB2  sing N N 391 
TYR CB  HB3  sing N N 392 
TYR CG  CD1  doub Y N 393 
TYR CG  CD2  sing Y N 394 
TYR CD1 CE1  sing Y N 395 
TYR CD1 HD1  sing N N 396 
TYR CD2 CE2  doub Y N 397 
TYR CD2 HD2  sing N N 398 
TYR CE1 CZ   doub Y N 399 
TYR CE1 HE1  sing N N 400 
TYR CE2 CZ   sing Y N 401 
TYR CE2 HE2  sing N N 402 
TYR CZ  OH   sing N N 403 
TYR OH  HH   sing N N 404 
TYR OXT HXT  sing N N 405 
VAL N   CA   sing N N 406 
VAL N   H    sing N N 407 
VAL N   H2   sing N N 408 
VAL CA  C    sing N N 409 
VAL CA  CB   sing N N 410 
VAL CA  HA   sing N N 411 
VAL C   O    doub N N 412 
VAL C   OXT  sing N N 413 
VAL CB  CG1  sing N N 414 
VAL CB  CG2  sing N N 415 
VAL CB  HB   sing N N 416 
VAL CG1 HG11 sing N N 417 
VAL CG1 HG12 sing N N 418 
VAL CG1 HG13 sing N N 419 
VAL CG2 HG21 sing N N 420 
VAL CG2 HG22 sing N N 421 
VAL CG2 HG23 sing N N 422 
VAL OXT HXT  sing N N 423 
# 
loop_
_pdbx_branch_scheme.asym_id 
_pdbx_branch_scheme.entity_id 
_pdbx_branch_scheme.mon_id 
_pdbx_branch_scheme.num 
_pdbx_branch_scheme.pdb_asym_id 
_pdbx_branch_scheme.pdb_mon_id 
_pdbx_branch_scheme.pdb_seq_num 
_pdbx_branch_scheme.auth_asym_id 
_pdbx_branch_scheme.auth_mon_id 
_pdbx_branch_scheme.auth_seq_num 
_pdbx_branch_scheme.hetero 
B 2 BGC 1 B BGC 1 A LIG 201 n 
B 2 GAL 2 B GAL 2 A LIG 201 n 
# 
loop_
_pdbx_chem_comp_identifier.comp_id 
_pdbx_chem_comp_identifier.type 
_pdbx_chem_comp_identifier.program 
_pdbx_chem_comp_identifier.program_version 
_pdbx_chem_comp_identifier.identifier 
BGC 'CONDENSED IUPAC CARBOHYDRATE SYMBOL' GMML     1.0 DGlcpb              
BGC 'COMMON NAME'                         GMML     1.0 b-D-glucopyranose   
BGC 'IUPAC CARBOHYDRATE SYMBOL'           PDB-CARE 1.0 b-D-Glcp            
BGC 'SNFG CARBOHYDRATE SYMBOL'            GMML     1.0 Glc                 
GAL 'CONDENSED IUPAC CARBOHYDRATE SYMBOL' GMML     1.0 DGalpb              
GAL 'COMMON NAME'                         GMML     1.0 b-D-galactopyranose 
GAL 'IUPAC CARBOHYDRATE SYMBOL'           PDB-CARE 1.0 b-D-Galp            
GAL 'SNFG CARBOHYDRATE SYMBOL'            GMML     1.0 Gal                 
# 
_pdbx_entity_branch.entity_id   2 
_pdbx_entity_branch.type        oligosaccharide 
# 
loop_
_pdbx_entity_branch_descriptor.ordinal 
_pdbx_entity_branch_descriptor.entity_id 
_pdbx_entity_branch_descriptor.descriptor 
_pdbx_entity_branch_descriptor.type 
_pdbx_entity_branch_descriptor.program 
_pdbx_entity_branch_descriptor.program_version 
1 2 DGalpb1-4DGlcpb1-ROH                                       'Glycam Condensed Sequence' GMML       1.0   
2 2 'WURCS=2.0/2,2,1/[a2122h-1b_1-5][a2112h-1b_1-5]/1-2/a4-b1' WURCS                       PDB2Glycan 1.1.0 
3 2 '[][b-D-Glcp]{[(4+1)][b-D-Galp]{}}'                        LINUCS                      PDB-CARE   ?     
# 
_pdbx_entity_branch_link.link_id                    1 
_pdbx_entity_branch_link.entity_id                  2 
_pdbx_entity_branch_link.entity_branch_list_num_1   2 
_pdbx_entity_branch_link.comp_id_1                  GAL 
_pdbx_entity_branch_link.atom_id_1                  C1 
_pdbx_entity_branch_link.leaving_atom_id_1          O1 
_pdbx_entity_branch_link.entity_branch_list_num_2   1 
_pdbx_entity_branch_link.comp_id_2                  BGC 
_pdbx_entity_branch_link.atom_id_2                  O4 
_pdbx_entity_branch_link.leaving_atom_id_2          HO4 
_pdbx_entity_branch_link.value_order                sing 
_pdbx_entity_branch_link.details                    ? 
# 
loop_
_pdbx_entity_branch_list.entity_id 
_pdbx_entity_branch_list.comp_id 
_pdbx_entity_branch_list.num 
_pdbx_entity_branch_list.hetero 
2 BGC 1 n 
2 GAL 2 n 
# 
_pdbx_entity_nonpoly.entity_id   3 
_pdbx_entity_nonpoly.name        water 
_pdbx_entity_nonpoly.comp_id     HOH 
# 
_pdbx_initial_refinement_model.id               1 
_pdbx_initial_refinement_model.entity_id_list   ? 
_pdbx_initial_refinement_model.type             'experimental model' 
_pdbx_initial_refinement_model.source_name      PDB 
_pdbx_initial_refinement_model.accession_code   6LJP 
_pdbx_initial_refinement_model.details          ? 
# 
_pdbx_struct_assembly_auth_evidence.id                     1 
_pdbx_struct_assembly_auth_evidence.assembly_id            1 
_pdbx_struct_assembly_auth_evidence.experimental_support   none 
_pdbx_struct_assembly_auth_evidence.details                ? 
# 
